data_4BNI
#
_entry.id   4BNI
#
_cell.length_a   90.470
_cell.length_b   94.640
_cell.length_c   94.850
_cell.angle_alpha   97.89
_cell.angle_beta   112.98
_cell.angle_gamma   96.92
#
_symmetry.space_group_name_H-M   'P 1'
#
loop_
_entity.id
_entity.type
_entity.pdbx_description
1 polymer 'ENOYL-[ACYL-CARRIER-PROTEIN] REDUCTASE [NADPH]'
2 non-polymer 'GLUTAMIC ACID'
3 non-polymer 2-(2-azanylphenoxy)-5-hexyl-phenol
4 non-polymer 'NADP NICOTINAMIDE-ADENINE-DINUCLEOTIDE PHOSPHATE'
5 water water
#
_entity_poly.entity_id   1
_entity_poly.type   'polypeptide(L)'
_entity_poly.pdbx_seq_one_letter_code
;MKHHHHHHPMSDYDIPTTENLYFQGAMVNLENKTYVIMGIANKRSIAFGVAKVLDQLGAKLVFTYRKERSRKELEKLLEQ
LNQPEAHLYQIDVQSDEEVINGFEQIGKDVGNIDGVYHSIAFANMEDLRGRFSETSREGFLLAQDISSYSLTIVAHEAKK
LMPEGGSIVATTYLGGEFAVQNYNVMGVAKASLEANVKYLALDLGPDNIRVNAISAGPIRTLSAKGVGGFNTILKEIEER
APLKRNVDQVEVGKTAAYLLSDLSSGVTGENIHVDSGFHAIK
;
_entity_poly.pdbx_strand_id   A,B,C,D,E,F,G,H
#
loop_
_chem_comp.id
_chem_comp.type
_chem_comp.name
_chem_comp.formula
NAP non-polymer 'NADP NICOTINAMIDE-ADENINE-DINUCLEOTIDE PHOSPHATE' 'C21 H28 N7 O17 P3'
P1F non-polymer 2-(2-azanylphenoxy)-5-hexyl-phenol 'C18 H23 N O2'
#
# COMPACT_ATOMS: atom_id res chain seq x y z
N ASN A 29 13.55 -14.25 33.02
CA ASN A 29 12.24 -14.86 33.43
C ASN A 29 11.15 -13.91 33.96
N LEU A 30 10.01 -13.88 33.28
CA LEU A 30 8.97 -12.90 33.59
C LEU A 30 7.66 -13.43 34.21
N GLU A 31 7.70 -14.60 34.84
CA GLU A 31 6.58 -15.08 35.63
C GLU A 31 6.20 -14.09 36.72
N ASN A 32 4.90 -14.00 36.99
CA ASN A 32 4.38 -12.96 37.87
C ASN A 32 4.58 -11.52 37.40
N LYS A 33 4.97 -11.33 36.14
CA LYS A 33 4.92 -10.01 35.54
C LYS A 33 3.71 -9.89 34.62
N THR A 34 3.23 -8.66 34.46
CA THR A 34 2.06 -8.38 33.64
C THR A 34 2.34 -7.16 32.75
N TYR A 35 2.21 -7.31 31.44
CA TYR A 35 2.51 -6.24 30.50
C TYR A 35 1.31 -5.99 29.60
N VAL A 36 1.10 -4.72 29.26
CA VAL A 36 0.06 -4.40 28.29
C VAL A 36 0.74 -4.26 26.93
N ILE A 37 0.16 -4.88 25.90
CA ILE A 37 0.75 -4.74 24.56
C ILE A 37 -0.26 -4.06 23.65
N MET A 38 0.11 -2.89 23.16
CA MET A 38 -0.74 -2.10 22.27
C MET A 38 -0.32 -2.18 20.80
N GLY A 39 -1.24 -2.57 19.93
CA GLY A 39 -1.08 -2.38 18.50
C GLY A 39 -0.82 -3.64 17.71
N ILE A 40 -1.28 -4.81 18.17
CA ILE A 40 -1.31 -6.01 17.32
C ILE A 40 -2.50 -5.95 16.34
N ALA A 41 -2.23 -6.09 15.04
CA ALA A 41 -3.28 -6.15 14.01
C ALA A 41 -3.40 -7.56 13.45
N ASN A 42 -2.26 -8.26 13.31
CA ASN A 42 -2.24 -9.60 12.76
C ASN A 42 -0.92 -10.25 13.12
N LYS A 43 -0.71 -11.44 12.57
CA LYS A 43 0.42 -12.28 12.99
C LYS A 43 1.75 -11.64 12.62
N ARG A 44 1.73 -10.65 11.73
CA ARG A 44 2.96 -10.04 11.27
C ARG A 44 3.29 -8.76 12.02
N SER A 45 2.40 -8.29 12.89
CA SER A 45 2.68 -7.08 13.64
C SER A 45 3.91 -7.31 14.50
N ILE A 46 4.70 -6.24 14.58
CA ILE A 46 5.85 -6.21 15.48
C ILE A 46 5.42 -6.56 16.89
N ALA A 47 4.33 -5.95 17.34
CA ALA A 47 3.82 -6.22 18.69
C ALA A 47 3.50 -7.71 18.93
N PHE A 48 3.22 -8.51 17.89
CA PHE A 48 3.03 -9.93 18.08
C PHE A 48 4.35 -10.68 18.32
N GLY A 49 5.41 -10.28 17.60
CA GLY A 49 6.80 -10.60 17.95
C GLY A 49 7.07 -10.41 19.44
N VAL A 50 6.76 -9.21 19.95
CA VAL A 50 6.87 -8.91 21.38
C VAL A 50 6.03 -9.88 22.22
N ALA A 51 4.78 -10.08 21.82
CA ALA A 51 3.92 -10.98 22.57
C ALA A 51 4.49 -12.40 22.71
N LYS A 52 4.92 -13.03 21.63
CA LYS A 52 5.44 -14.39 21.66
C LYS A 52 6.58 -14.47 22.63
N VAL A 53 7.47 -13.48 22.59
CA VAL A 53 8.67 -13.56 23.40
C VAL A 53 8.28 -13.45 24.88
N LEU A 54 7.43 -12.46 25.19
CA LEU A 54 7.03 -12.30 26.61
C LEU A 54 6.23 -13.50 27.10
N ASP A 55 5.34 -14.00 26.24
CA ASP A 55 4.56 -15.16 26.56
C ASP A 55 5.47 -16.34 26.90
N GLN A 56 6.44 -16.61 26.02
CA GLN A 56 7.47 -17.61 26.24
C GLN A 56 8.23 -17.43 27.53
N LEU A 57 8.43 -16.19 27.96
CA LEU A 57 9.12 -15.96 29.24
C LEU A 57 8.22 -15.99 30.51
N GLY A 58 6.95 -16.36 30.33
CA GLY A 58 6.02 -16.49 31.45
C GLY A 58 5.24 -15.24 31.86
N ALA A 59 5.25 -14.18 31.05
CA ALA A 59 4.54 -12.94 31.39
C ALA A 59 3.04 -13.16 31.25
N LYS A 60 2.26 -12.53 32.13
CA LYS A 60 0.84 -12.35 31.86
C LYS A 60 0.70 -11.16 30.92
N LEU A 61 -0.19 -11.29 29.94
CA LEU A 61 -0.25 -10.36 28.80
C LEU A 61 -1.67 -9.82 28.63
N VAL A 62 -1.79 -8.49 28.52
CA VAL A 62 -3.06 -7.80 28.22
C VAL A 62 -2.89 -7.17 26.84
N PHE A 63 -3.90 -7.15 25.98
CA PHE A 63 -3.75 -6.59 24.63
C PHE A 63 -4.73 -5.46 24.32
N THR A 64 -4.26 -4.44 23.63
CA THR A 64 -5.22 -3.44 23.24
C THR A 64 -5.30 -3.39 21.73
N TYR A 65 -6.47 -3.05 21.18
CA TYR A 65 -6.67 -2.98 19.72
C TYR A 65 -7.55 -1.79 19.34
N ARG A 66 -7.53 -1.40 18.06
CA ARG A 66 -8.47 -0.41 17.58
C ARG A 66 -9.60 -1.03 16.73
N LYS A 67 -9.25 -1.64 15.59
CA LYS A 67 -10.22 -2.23 14.68
C LYS A 67 -10.77 -3.60 15.10
N GLU A 68 -12.06 -3.80 14.85
CA GLU A 68 -12.79 -5.06 14.95
CA GLU A 68 -12.69 -5.08 15.13
C GLU A 68 -11.96 -6.23 14.42
N ARG A 69 -11.50 -6.04 13.18
CA ARG A 69 -10.65 -7.02 12.51
C ARG A 69 -9.43 -7.42 13.37
N SER A 70 -8.83 -6.44 14.04
CA SER A 70 -7.66 -6.72 14.88
C SER A 70 -7.99 -7.56 16.11
N ARG A 71 -9.17 -7.35 16.72
CA ARG A 71 -9.60 -8.21 17.83
C ARG A 71 -9.76 -9.64 17.36
N LYS A 72 -10.41 -9.82 16.20
CA LYS A 72 -10.63 -11.14 15.61
C LYS A 72 -9.28 -11.85 15.43
N GLU A 73 -8.36 -11.17 14.75
CA GLU A 73 -6.98 -11.62 14.61
C GLU A 73 -6.34 -11.96 15.97
N LEU A 74 -6.53 -11.11 16.97
CA LEU A 74 -6.04 -11.39 18.34
C LEU A 74 -6.64 -12.64 18.96
N GLU A 75 -7.94 -12.86 18.82
CA GLU A 75 -8.55 -14.06 19.39
C GLU A 75 -7.95 -15.35 18.83
N LYS A 76 -7.72 -15.36 17.52
CA LYS A 76 -7.07 -16.46 16.81
C LYS A 76 -5.61 -16.59 17.28
N LEU A 77 -4.85 -15.49 17.30
CA LEU A 77 -3.43 -15.53 17.70
C LEU A 77 -3.19 -15.98 19.14
N LEU A 78 -4.14 -15.75 20.04
CA LEU A 78 -3.97 -16.25 21.38
C LEU A 78 -3.94 -17.77 21.47
N GLU A 79 -4.50 -18.46 20.49
CA GLU A 79 -4.46 -19.92 20.49
C GLU A 79 -3.04 -20.45 20.37
N GLN A 80 -2.15 -19.63 19.79
CA GLN A 80 -0.71 -19.87 19.77
C GLN A 80 0.06 -19.56 21.07
N LEU A 81 -0.52 -18.84 22.02
CA LEU A 81 0.20 -18.44 23.23
C LEU A 81 -0.18 -19.26 24.45
N ASN A 82 0.61 -19.16 25.51
CA ASN A 82 0.26 -19.85 26.73
C ASN A 82 -0.65 -18.98 27.58
N GLN A 83 -1.19 -17.89 27.03
CA GLN A 83 -2.01 -17.06 27.90
C GLN A 83 -3.21 -17.90 28.30
N PRO A 84 -3.43 -18.10 29.63
CA PRO A 84 -4.62 -18.89 29.99
C PRO A 84 -5.92 -18.09 29.84
N GLU A 85 -5.86 -16.76 29.73
CA GLU A 85 -7.07 -16.02 29.35
C GLU A 85 -6.86 -14.85 28.43
N ALA A 86 -7.93 -14.45 27.77
CA ALA A 86 -7.86 -13.42 26.75
C ALA A 86 -8.20 -12.08 27.41
N HIS A 87 -7.22 -11.20 27.58
CA HIS A 87 -7.49 -9.87 28.10
C HIS A 87 -7.43 -8.88 26.95
N LEU A 88 -8.55 -8.59 26.31
CA LEU A 88 -8.56 -7.69 25.14
C LEU A 88 -9.37 -6.43 25.41
N TYR A 89 -8.80 -5.28 25.09
CA TYR A 89 -9.43 -4.00 25.34
C TYR A 89 -9.34 -3.18 24.07
N GLN A 90 -10.48 -2.60 23.70
CA GLN A 90 -10.51 -1.72 22.54
C GLN A 90 -10.03 -0.37 22.99
N ILE A 91 -8.88 0.06 22.50
CA ILE A 91 -8.45 1.42 22.72
C ILE A 91 -7.98 2.10 21.44
N ASP A 92 -8.80 3.01 20.97
CA ASP A 92 -8.36 4.00 19.99
C ASP A 92 -7.66 5.16 20.69
N VAL A 93 -6.37 5.34 20.44
CA VAL A 93 -5.58 6.31 21.20
C VAL A 93 -5.82 7.75 20.74
N GLN A 94 -6.68 7.93 19.73
CA GLN A 94 -7.18 9.27 19.42
C GLN A 94 -8.17 9.75 20.47
N SER A 95 -8.67 8.84 21.30
CA SER A 95 -9.64 9.27 22.29
C SER A 95 -9.05 9.26 23.69
N ASP A 96 -9.01 10.42 24.35
CA ASP A 96 -8.64 10.40 25.78
C ASP A 96 -9.50 9.48 26.63
N GLU A 97 -10.80 9.54 26.43
CA GLU A 97 -11.77 8.75 27.18
CA GLU A 97 -11.78 8.74 27.18
C GLU A 97 -11.48 7.24 27.10
N GLU A 98 -11.14 6.76 25.92
CA GLU A 98 -10.84 5.36 25.69
C GLU A 98 -9.53 4.91 26.35
N VAL A 99 -8.53 5.79 26.37
CA VAL A 99 -7.26 5.45 27.00
C VAL A 99 -7.44 5.41 28.53
N ILE A 100 -8.10 6.43 29.07
CA ILE A 100 -8.40 6.52 30.50
C ILE A 100 -9.24 5.34 30.97
N ASN A 101 -10.40 5.11 30.35
CA ASN A 101 -11.28 4.00 30.70
C ASN A 101 -10.67 2.63 30.43
N GLY A 102 -10.00 2.49 29.30
CA GLY A 102 -9.25 1.27 28.98
C GLY A 102 -8.28 0.85 30.09
N PHE A 103 -7.41 1.79 30.48
CA PHE A 103 -6.43 1.47 31.50
C PHE A 103 -7.06 1.30 32.88
N GLU A 104 -8.03 2.14 33.22
CA GLU A 104 -8.73 1.93 34.47
C GLU A 104 -9.41 0.55 34.54
N GLN A 105 -10.07 0.13 33.45
CA GLN A 105 -10.63 -1.22 33.38
C GLN A 105 -9.55 -2.31 33.47
N ILE A 106 -8.41 -2.12 32.82
CA ILE A 106 -7.34 -3.10 32.91
C ILE A 106 -6.85 -3.26 34.35
N GLY A 107 -6.69 -2.15 35.06
CA GLY A 107 -6.44 -2.18 36.50
C GLY A 107 -7.47 -2.93 37.33
N LYS A 108 -8.75 -2.72 37.08
CA LYS A 108 -9.74 -3.52 37.83
C LYS A 108 -9.63 -4.99 37.48
N ASP A 109 -9.33 -5.32 36.22
CA ASP A 109 -9.34 -6.73 35.81
C ASP A 109 -8.09 -7.51 36.20
N VAL A 110 -6.89 -6.91 36.07
CA VAL A 110 -5.63 -7.62 36.37
C VAL A 110 -4.77 -7.04 37.51
N GLY A 111 -5.09 -5.86 38.03
CA GLY A 111 -4.25 -5.29 39.08
C GLY A 111 -3.13 -4.45 38.48
N ASN A 112 -2.10 -4.24 39.27
CA ASN A 112 -0.93 -3.51 38.86
C ASN A 112 -0.19 -4.26 37.76
N ILE A 113 0.38 -3.46 36.86
CA ILE A 113 1.09 -3.96 35.71
C ILE A 113 2.57 -3.61 35.85
N ASP A 114 3.41 -4.31 35.09
CA ASP A 114 4.86 -4.06 35.13
C ASP A 114 5.39 -3.25 33.98
N GLY A 115 4.59 -3.10 32.91
CA GLY A 115 4.98 -2.17 31.83
C GLY A 115 4.10 -2.21 30.58
N VAL A 116 4.46 -1.43 29.56
CA VAL A 116 3.59 -1.25 28.41
C VAL A 116 4.47 -1.32 27.18
N TYR A 117 4.09 -2.17 26.24
CA TYR A 117 4.74 -2.08 24.92
C TYR A 117 3.87 -1.29 23.93
N HIS A 118 4.34 -0.15 23.45
CA HIS A 118 3.54 0.67 22.53
C HIS A 118 4.02 0.41 21.10
N SER A 119 3.10 -0.12 20.29
CA SER A 119 3.40 -0.43 18.90
C SER A 119 2.32 0.18 17.99
N ILE A 120 2.13 1.49 18.10
CA ILE A 120 1.06 2.18 17.39
C ILE A 120 1.60 3.35 16.56
N ALA A 121 1.29 3.39 15.26
CA ALA A 121 1.53 4.60 14.50
C ALA A 121 0.52 4.69 13.38
N PHE A 122 0.38 5.85 12.76
CA PHE A 122 -0.54 5.97 11.63
C PHE A 122 -0.21 7.22 10.84
N ALA A 123 -0.33 7.16 9.51
CA ALA A 123 -0.38 8.39 8.69
C ALA A 123 -1.16 8.09 7.41
N ASN A 124 -1.73 9.07 6.73
CA ASN A 124 -2.37 8.81 5.43
C ASN A 124 -1.35 8.45 4.35
N MET A 125 -1.72 7.53 3.45
N MET A 125 -1.73 7.49 3.51
CA MET A 125 -0.76 6.95 2.52
CA MET A 125 -1.12 7.25 2.20
C MET A 125 -0.11 7.99 1.60
C MET A 125 -0.97 8.58 1.46
N GLU A 126 -0.81 9.08 1.30
N GLU A 126 -2.01 9.40 1.55
CA GLU A 126 -0.23 10.09 0.42
CA GLU A 126 -2.10 10.56 0.68
C GLU A 126 0.86 10.87 1.13
C GLU A 126 -1.09 11.59 1.18
N ASP A 127 1.06 10.59 2.42
N ASP A 127 -0.74 11.45 2.46
CA ASP A 127 2.12 11.25 3.18
CA ASP A 127 0.36 12.20 3.05
C ASP A 127 3.29 10.30 3.40
C ASP A 127 1.71 11.55 2.76
N LEU A 128 3.35 9.21 2.64
N LEU A 128 1.88 10.31 3.21
CA LEU A 128 4.43 8.21 2.71
CA LEU A 128 3.12 9.55 2.95
C LEU A 128 5.14 8.01 1.37
C LEU A 128 3.61 9.57 1.51
N ARG A 129 5.05 9.04 0.54
N ARG A 129 2.69 9.61 0.55
CA ARG A 129 5.65 9.12 -0.77
CA ARG A 129 3.04 9.65 -0.88
C ARG A 129 5.60 10.57 -1.29
C ARG A 129 2.56 10.94 -1.55
N GLY A 130 6.06 10.82 -2.50
N GLY A 130 3.49 11.88 -1.66
CA GLY A 130 6.14 12.18 -2.99
CA GLY A 130 3.20 13.29 -1.57
C GLY A 130 6.91 13.16 -2.11
C GLY A 130 4.49 13.84 -1.00
N ARG A 131 6.57 14.44 -2.26
N ARG A 131 5.24 14.57 -1.82
CA ARG A 131 7.26 15.60 -1.68
CA ARG A 131 6.54 15.11 -1.43
C ARG A 131 6.71 15.97 -0.28
C ARG A 131 6.43 15.69 -0.03
N PHE A 132 7.51 15.71 0.75
CA PHE A 132 7.27 16.15 2.12
C PHE A 132 6.73 17.57 2.24
N SER A 133 7.29 18.49 1.46
CA SER A 133 6.85 19.88 1.51
C SER A 133 5.36 20.09 1.13
N GLU A 134 4.69 19.03 0.66
CA GLU A 134 3.29 19.15 0.27
C GLU A 134 2.32 18.55 1.31
N THR A 135 2.88 17.98 2.39
CA THR A 135 2.08 17.52 3.54
C THR A 135 1.03 18.54 4.01
N SER A 136 -0.21 18.10 4.17
CA SER A 136 -1.28 18.91 4.70
C SER A 136 -1.07 19.03 6.21
N ARG A 137 -1.69 20.08 6.73
CA ARG A 137 -1.86 20.30 8.15
C ARG A 137 -2.55 19.15 8.90
N GLU A 138 -3.68 18.66 8.41
CA GLU A 138 -4.43 17.61 9.13
C GLU A 138 -3.64 16.29 9.08
N GLY A 139 -3.04 16.01 7.93
CA GLY A 139 -2.15 14.86 7.79
C GLY A 139 -0.97 14.88 8.76
N PHE A 140 -0.37 16.05 8.96
CA PHE A 140 0.76 16.19 9.84
C PHE A 140 0.35 15.99 11.31
N LEU A 141 -0.76 16.62 11.65
CA LEU A 141 -1.26 16.55 13.02
C LEU A 141 -1.83 15.19 13.37
N LEU A 142 -2.51 14.53 12.43
CA LEU A 142 -2.97 13.15 12.57
C LEU A 142 -1.80 12.20 12.94
N ALA A 143 -0.71 12.31 12.19
CA ALA A 143 0.42 11.44 12.45
C ALA A 143 1.05 11.68 13.83
N GLN A 144 1.21 12.95 14.24
CA GLN A 144 1.68 13.35 15.59
C GLN A 144 0.78 12.80 16.69
N ASP A 145 -0.52 13.03 16.51
CA ASP A 145 -1.51 12.64 17.49
C ASP A 145 -1.35 11.13 17.77
N ILE A 146 -1.45 10.32 16.72
CA ILE A 146 -1.57 8.90 16.91
C ILE A 146 -0.19 8.34 17.25
N SER A 147 0.83 8.85 16.55
CA SER A 147 2.14 8.20 16.60
C SER A 147 3.06 8.71 17.72
N SER A 148 2.71 9.82 18.35
CA SER A 148 3.58 10.40 19.34
C SER A 148 2.78 10.83 20.54
N TYR A 149 1.80 11.72 20.31
CA TYR A 149 1.05 12.15 21.47
C TYR A 149 0.56 10.93 22.25
N SER A 150 0.06 9.90 21.56
CA SER A 150 -0.53 8.75 22.22
C SER A 150 0.33 8.12 23.31
N LEU A 151 1.66 8.16 23.15
CA LEU A 151 2.55 7.71 24.21
C LEU A 151 2.44 8.52 25.52
N THR A 152 2.25 9.84 25.41
CA THR A 152 2.21 10.69 26.60
C THR A 152 1.01 10.30 27.46
N ILE A 153 -0.13 10.22 26.79
CA ILE A 153 -1.35 9.83 27.51
C ILE A 153 -1.37 8.39 28.02
N VAL A 154 -0.88 7.44 27.23
CA VAL A 154 -0.74 6.06 27.75
C VAL A 154 0.13 6.02 29.02
N ALA A 155 1.25 6.73 28.99
CA ALA A 155 2.19 6.76 30.10
C ALA A 155 1.52 7.35 31.34
N HIS A 156 0.77 8.44 31.19
CA HIS A 156 0.01 9.02 32.30
C HIS A 156 -0.96 8.02 32.93
N GLU A 157 -1.71 7.32 32.09
CA GLU A 157 -2.74 6.42 32.64
C GLU A 157 -2.12 5.17 33.25
N ALA A 158 -1.17 4.59 32.54
CA ALA A 158 -0.44 3.39 32.94
C ALA A 158 0.39 3.61 34.20
N LYS A 159 0.94 4.82 34.38
CA LYS A 159 1.60 5.19 35.64
C LYS A 159 0.73 4.81 36.84
N LYS A 160 -0.58 5.02 36.75
CA LYS A 160 -1.52 4.71 37.83
C LYS A 160 -1.47 3.23 38.22
N LEU A 161 -1.08 2.38 37.29
CA LEU A 161 -1.11 0.94 37.49
C LEU A 161 0.29 0.42 37.83
N MET A 162 1.22 1.37 38.02
CA MET A 162 2.56 0.97 38.43
C MET A 162 3.06 1.74 39.66
N PRO A 163 2.37 1.62 40.80
CA PRO A 163 2.85 2.41 41.94
C PRO A 163 4.29 2.10 42.37
N GLU A 164 4.81 0.97 41.90
CA GLU A 164 6.07 0.43 42.36
C GLU A 164 7.18 0.55 41.32
N GLY A 165 6.92 1.25 40.22
CA GLY A 165 7.84 1.20 39.10
C GLY A 165 7.37 0.35 37.92
N GLY A 166 7.92 0.66 36.76
CA GLY A 166 7.81 -0.25 35.65
C GLY A 166 8.61 0.24 34.47
N SER A 167 8.20 -0.26 33.31
CA SER A 167 8.96 -0.02 32.09
C SER A 167 8.02 0.26 30.95
N ILE A 168 8.32 1.25 30.13
CA ILE A 168 7.47 1.53 28.97
C ILE A 168 8.34 1.59 27.74
N VAL A 169 8.02 0.80 26.71
CA VAL A 169 8.76 0.83 25.45
C VAL A 169 7.87 1.22 24.27
N ALA A 170 8.32 2.18 23.48
CA ALA A 170 7.75 2.55 22.19
C ALA A 170 8.63 2.09 20.99
N THR A 171 8.00 1.93 19.83
CA THR A 171 8.65 1.45 18.63
C THR A 171 8.88 2.58 17.67
N THR A 172 10.15 2.75 17.27
CA THR A 172 10.48 3.87 16.38
C THR A 172 11.23 3.38 15.14
N TYR A 173 11.58 4.30 14.25
CA TYR A 173 12.29 3.94 13.04
C TYR A 173 13.32 5.03 12.77
N LEU A 174 14.47 4.60 12.25
CA LEU A 174 15.62 5.42 12.05
C LEU A 174 15.28 6.70 11.29
N GLY A 175 14.18 6.73 10.54
CA GLY A 175 13.71 7.90 9.77
C GLY A 175 13.25 9.01 10.71
N GLY A 176 13.26 8.75 12.02
CA GLY A 176 13.04 9.82 13.01
C GLY A 176 14.31 10.57 13.39
N GLU A 177 15.48 9.99 13.05
CA GLU A 177 16.80 10.53 13.34
C GLU A 177 17.41 11.11 12.09
N PHE A 178 17.06 10.59 10.91
CA PHE A 178 17.55 11.13 9.61
C PHE A 178 16.43 11.26 8.59
N ALA A 179 16.56 12.17 7.61
CA ALA A 179 15.59 12.21 6.50
C ALA A 179 15.74 10.98 5.59
N VAL A 180 14.71 10.15 5.50
CA VAL A 180 14.73 8.96 4.66
C VAL A 180 13.68 9.11 3.57
N GLN A 181 14.08 9.11 2.30
CA GLN A 181 13.10 9.22 1.21
C GLN A 181 11.79 8.51 1.50
N ASN A 182 10.69 9.21 1.26
CA ASN A 182 9.34 8.63 1.37
C ASN A 182 8.79 8.54 2.76
N TYR A 183 9.62 8.42 3.78
CA TYR A 183 9.10 8.25 5.13
C TYR A 183 8.40 9.52 5.65
N ASN A 184 8.88 10.67 5.19
CA ASN A 184 8.13 11.92 5.18
C ASN A 184 7.42 12.25 6.51
N VAL A 185 6.09 12.40 6.47
CA VAL A 185 5.35 12.80 7.67
C VAL A 185 5.63 11.87 8.85
N MET A 186 5.95 10.61 8.61
CA MET A 186 6.11 9.71 9.74
C MET A 186 7.46 9.91 10.43
N GLY A 187 8.44 10.40 9.68
CA GLY A 187 9.77 10.62 10.24
C GLY A 187 9.76 11.74 11.30
N VAL A 188 9.05 12.82 10.97
CA VAL A 188 8.79 13.96 11.85
C VAL A 188 7.94 13.51 13.05
N ALA A 189 7.02 12.58 12.84
CA ALA A 189 6.31 12.02 13.95
C ALA A 189 7.23 11.16 14.83
N LYS A 190 8.18 10.46 14.22
CA LYS A 190 9.12 9.62 15.02
C LYS A 190 10.15 10.46 15.75
N ALA A 191 10.58 11.58 15.13
CA ALA A 191 11.45 12.52 15.82
C ALA A 191 10.74 12.97 17.10
N SER A 192 9.47 13.34 16.94
CA SER A 192 8.67 13.77 18.08
C SER A 192 8.45 12.60 19.08
N LEU A 193 8.27 11.40 18.58
CA LEU A 193 8.07 10.26 19.50
C LEU A 193 9.35 9.99 20.32
N GLU A 194 10.50 10.05 19.67
CA GLU A 194 11.72 9.73 20.38
C GLU A 194 12.02 10.83 21.43
N ALA A 195 11.78 12.11 21.15
CA ALA A 195 11.81 13.15 22.20
C ALA A 195 10.82 12.91 23.33
N ASN A 196 9.61 12.42 22.99
CA ASN A 196 8.56 12.09 23.96
C ASN A 196 9.11 11.06 24.95
N VAL A 197 9.81 10.09 24.41
CA VAL A 197 10.47 9.10 25.27
C VAL A 197 11.42 9.73 26.30
N LYS A 198 12.23 10.68 25.85
CA LYS A 198 13.21 11.35 26.69
C LYS A 198 12.55 12.20 27.78
N TYR A 199 11.51 12.96 27.42
CA TYR A 199 10.84 13.76 28.41
C TYR A 199 10.06 12.88 29.39
N LEU A 200 9.44 11.81 28.89
CA LEU A 200 8.75 10.90 29.82
C LEU A 200 9.77 10.27 30.75
N ALA A 201 10.91 9.85 30.21
CA ALA A 201 11.97 9.23 31.01
C ALA A 201 12.34 10.14 32.18
N LEU A 202 12.52 11.42 31.86
CA LEU A 202 12.94 12.46 32.79
C LEU A 202 11.85 12.70 33.84
N ASP A 203 10.62 12.81 33.34
CA ASP A 203 9.46 13.03 34.22
C ASP A 203 9.16 11.81 35.11
N LEU A 204 9.17 10.61 34.56
CA LEU A 204 8.67 9.46 35.34
C LEU A 204 9.77 8.72 36.11
N GLY A 205 11.01 9.13 35.88
CA GLY A 205 12.20 8.51 36.47
C GLY A 205 12.13 8.46 37.98
N PRO A 206 11.79 9.60 38.62
CA PRO A 206 11.75 9.59 40.09
C PRO A 206 10.73 8.62 40.59
N ASP A 207 9.84 8.17 39.71
CA ASP A 207 8.77 7.24 40.08
C ASP A 207 9.20 5.80 39.84
N ASN A 208 10.46 5.64 39.46
CA ASN A 208 10.97 4.35 39.02
C ASN A 208 10.24 3.81 37.80
N ILE A 209 9.84 4.69 36.86
CA ILE A 209 9.27 4.19 35.62
C ILE A 209 10.25 4.51 34.52
N ARG A 210 10.77 3.45 33.89
CA ARG A 210 11.70 3.66 32.79
C ARG A 210 10.96 3.79 31.45
N VAL A 211 11.49 4.62 30.56
CA VAL A 211 10.82 4.84 29.28
C VAL A 211 11.88 4.77 28.20
N ASN A 212 11.73 3.89 27.20
CA ASN A 212 12.77 3.67 26.20
C ASN A 212 12.14 3.45 24.83
N ALA A 213 12.97 3.26 23.81
CA ALA A 213 12.47 3.04 22.45
C ALA A 213 13.25 1.93 21.81
N ILE A 214 12.61 1.15 20.94
CA ILE A 214 13.34 0.25 20.03
C ILE A 214 13.20 0.85 18.64
N SER A 215 14.33 1.06 17.97
CA SER A 215 14.35 1.52 16.57
C SER A 215 14.54 0.31 15.67
N ALA A 216 13.44 -0.19 15.15
CA ALA A 216 13.44 -1.50 14.51
C ALA A 216 13.79 -1.24 13.04
N GLY A 217 14.56 -2.15 12.42
CA GLY A 217 14.81 -2.17 10.96
C GLY A 217 13.56 -2.47 10.15
N PRO A 218 13.63 -2.37 8.81
CA PRO A 218 12.32 -2.60 8.15
C PRO A 218 11.83 -4.06 8.26
N ILE A 219 10.53 -4.27 8.48
CA ILE A 219 9.94 -5.61 8.61
C ILE A 219 8.60 -5.68 7.87
N ARG A 220 8.37 -6.70 7.05
CA ARG A 220 7.11 -6.72 6.30
C ARG A 220 5.93 -6.82 7.27
N THR A 221 5.22 -5.70 7.43
CA THR A 221 3.96 -5.65 8.17
C THR A 221 2.85 -5.08 7.31
N LEU A 222 1.62 -5.13 7.84
CA LEU A 222 0.49 -4.51 7.16
C LEU A 222 0.74 -3.00 6.92
N SER A 223 1.11 -2.27 7.95
CA SER A 223 1.46 -0.85 7.80
C SER A 223 2.62 -0.58 6.85
N ALA A 224 3.64 -1.44 6.86
CA ALA A 224 4.76 -1.24 5.98
C ALA A 224 4.34 -1.27 4.51
N LYS A 225 3.21 -1.89 4.17
CA LYS A 225 2.75 -1.91 2.80
C LYS A 225 2.32 -0.55 2.28
N GLY A 226 2.05 0.38 3.16
CA GLY A 226 1.66 1.70 2.66
C GLY A 226 2.79 2.71 2.56
N VAL A 227 4.02 2.31 2.77
CA VAL A 227 5.14 3.22 2.75
C VAL A 227 5.82 3.15 1.39
N GLY A 228 5.87 4.23 0.63
CA GLY A 228 6.65 4.22 -0.60
C GLY A 228 8.04 3.65 -0.39
N GLY A 229 8.48 2.78 -1.29
CA GLY A 229 9.88 2.44 -1.45
C GLY A 229 10.36 1.45 -0.40
N PHE A 230 9.41 0.80 0.27
CA PHE A 230 9.70 -0.17 1.32
C PHE A 230 10.58 -1.35 0.83
N ASN A 231 10.21 -2.01 -0.27
CA ASN A 231 11.03 -3.12 -0.73
C ASN A 231 12.48 -2.68 -1.00
N THR A 232 12.65 -1.54 -1.68
CA THR A 232 14.00 -1.04 -1.92
C THR A 232 14.87 -0.94 -0.66
N ILE A 233 14.28 -0.42 0.42
CA ILE A 233 14.99 -0.26 1.67
C ILE A 233 15.33 -1.65 2.24
N LEU A 234 14.38 -2.58 2.15
CA LEU A 234 14.55 -3.92 2.72
C LEU A 234 15.76 -4.62 2.12
N LYS A 235 15.89 -4.44 0.81
CA LYS A 235 16.99 -5.00 0.02
C LYS A 235 18.30 -4.29 0.30
N GLU A 236 18.29 -2.96 0.41
CA GLU A 236 19.52 -2.27 0.77
C GLU A 236 20.08 -2.68 2.14
N ILE A 237 19.19 -3.06 3.07
CA ILE A 237 19.65 -3.55 4.37
C ILE A 237 20.51 -4.79 4.13
N GLU A 238 20.05 -5.77 3.34
CA GLU A 238 20.81 -7.01 3.15
C GLU A 238 22.17 -6.74 2.56
N GLU A 239 22.21 -5.80 1.62
CA GLU A 239 23.47 -5.45 0.96
C GLU A 239 24.43 -4.60 1.79
N ARG A 240 23.89 -3.66 2.59
CA ARG A 240 24.71 -2.62 3.20
C ARG A 240 24.90 -2.71 4.72
N ALA A 241 23.93 -3.28 5.46
CA ALA A 241 23.98 -3.24 6.92
C ALA A 241 25.05 -4.22 7.37
N PRO A 242 25.71 -3.96 8.52
CA PRO A 242 26.76 -4.82 9.04
C PRO A 242 26.38 -6.32 9.05
N LEU A 243 25.22 -6.69 9.56
CA LEU A 243 24.89 -8.12 9.55
C LEU A 243 24.45 -8.61 8.16
N LYS A 244 24.39 -7.71 7.16
CA LYS A 244 23.93 -8.17 5.84
C LYS A 244 22.71 -9.13 5.87
N ARG A 245 21.70 -8.83 6.69
CA ARG A 245 20.42 -9.50 6.64
C ARG A 245 19.41 -8.55 7.27
N ASN A 246 18.11 -8.76 7.08
CA ASN A 246 17.09 -7.98 7.77
C ASN A 246 16.76 -8.62 9.10
N VAL A 247 16.09 -7.88 9.98
CA VAL A 247 15.69 -8.46 11.30
C VAL A 247 14.24 -8.91 11.20
N ASP A 248 13.75 -9.56 12.25
CA ASP A 248 12.32 -9.88 12.27
C ASP A 248 11.68 -9.51 13.62
N GLN A 249 10.37 -9.73 13.73
CA GLN A 249 9.57 -9.27 14.85
C GLN A 249 10.08 -9.91 16.14
N VAL A 250 10.58 -11.14 16.05
CA VAL A 250 10.98 -11.85 17.27
C VAL A 250 12.26 -11.18 17.82
N GLU A 251 13.08 -10.60 16.96
CA GLU A 251 14.30 -9.98 17.46
C GLU A 251 13.96 -8.67 18.16
N VAL A 252 13.04 -7.89 17.58
CA VAL A 252 12.42 -6.81 18.35
C VAL A 252 11.88 -7.34 19.68
N GLY A 253 11.09 -8.41 19.62
CA GLY A 253 10.53 -9.03 20.82
C GLY A 253 11.60 -9.24 21.90
N LYS A 254 12.76 -9.75 21.48
CA LYS A 254 13.83 -10.08 22.39
C LYS A 254 14.46 -8.90 23.08
N THR A 255 14.73 -7.82 22.35
CA THR A 255 15.17 -6.59 22.96
C THR A 255 14.07 -5.95 23.84
N ALA A 256 12.82 -6.01 23.40
CA ALA A 256 11.69 -5.65 24.26
C ALA A 256 11.72 -6.37 25.60
N ALA A 257 11.92 -7.69 25.60
CA ALA A 257 12.00 -8.40 26.89
C ALA A 257 13.10 -7.85 27.80
N TYR A 258 14.23 -7.51 27.20
CA TYR A 258 15.31 -6.90 27.98
C TYR A 258 14.83 -5.56 28.58
N LEU A 259 14.25 -4.68 27.76
CA LEU A 259 13.91 -3.35 28.20
C LEU A 259 12.76 -3.35 29.21
N LEU A 260 12.04 -4.46 29.33
CA LEU A 260 10.79 -4.51 30.09
C LEU A 260 11.02 -5.28 31.38
N SER A 261 12.19 -5.91 31.48
CA SER A 261 12.60 -6.66 32.67
C SER A 261 13.62 -5.89 33.50
N ASP A 262 14.05 -6.47 34.62
CA ASP A 262 15.04 -5.83 35.47
C ASP A 262 16.46 -5.94 34.88
N LEU A 263 16.59 -6.67 33.78
CA LEU A 263 17.87 -6.81 33.13
C LEU A 263 18.36 -5.42 32.71
N SER A 264 17.42 -4.56 32.34
CA SER A 264 17.74 -3.22 31.91
C SER A 264 17.56 -2.17 33.03
N SER A 265 17.67 -2.56 34.29
N SER A 265 17.75 -2.54 34.29
CA SER A 265 17.63 -1.52 35.34
CA SER A 265 17.30 -1.66 35.40
C SER A 265 18.78 -0.56 35.06
C SER A 265 17.85 -0.23 35.39
N GLY A 266 18.59 0.72 35.35
N GLY A 266 19.02 -0.03 34.78
CA GLY A 266 19.58 1.71 34.99
CA GLY A 266 19.73 1.25 34.85
C GLY A 266 19.54 2.25 33.57
C GLY A 266 19.63 2.06 33.57
N VAL A 267 18.73 1.66 32.69
CA VAL A 267 18.64 2.14 31.31
C VAL A 267 17.29 2.83 31.12
N THR A 268 17.33 4.10 30.72
CA THR A 268 16.12 4.89 30.53
C THR A 268 16.44 6.10 29.62
N GLY A 269 15.46 6.50 28.83
CA GLY A 269 15.60 7.54 27.84
C GLY A 269 16.44 7.07 26.67
N GLU A 270 16.59 5.76 26.51
CA GLU A 270 17.48 5.18 25.52
C GLU A 270 16.70 4.78 24.24
N ASN A 271 17.41 4.74 23.12
CA ASN A 271 16.88 4.25 21.84
C ASN A 271 17.76 3.06 21.36
N ILE A 272 17.27 1.82 21.45
CA ILE A 272 18.09 0.71 21.00
C ILE A 272 17.73 0.27 19.56
N HIS A 273 18.73 0.25 18.70
CA HIS A 273 18.45 -0.03 17.29
C HIS A 273 18.56 -1.52 17.10
N VAL A 274 17.45 -2.14 16.69
CA VAL A 274 17.43 -3.54 16.30
C VAL A 274 17.26 -3.60 14.79
N ASP A 275 18.40 -3.42 14.12
CA ASP A 275 18.31 -3.12 12.72
C ASP A 275 19.53 -3.67 12.00
N SER A 276 20.19 -4.66 12.60
CA SER A 276 21.33 -5.27 11.94
C SER A 276 22.56 -4.34 11.81
N GLY A 277 22.57 -3.26 12.58
CA GLY A 277 23.71 -2.33 12.60
C GLY A 277 23.57 -1.22 11.57
N PHE A 278 22.42 -1.11 10.88
CA PHE A 278 22.32 -0.14 9.75
C PHE A 278 22.54 1.28 10.24
N HIS A 279 22.12 1.55 11.48
CA HIS A 279 22.15 2.90 12.04
C HIS A 279 23.59 3.41 12.19
N ALA A 280 24.54 2.49 12.28
CA ALA A 280 25.92 2.87 12.60
C ALA A 280 26.75 3.18 11.35
N ILE A 281 26.20 2.98 10.17
CA ILE A 281 27.02 3.10 9.00
C ILE A 281 26.51 4.20 8.09
N LYS A 282 27.34 4.52 7.13
CA LYS A 282 26.95 5.46 6.13
C LYS A 282 27.79 5.14 4.87
N VAL B 28 30.12 38.28 3.82
CA VAL B 28 28.75 38.58 3.27
C VAL B 28 28.61 39.96 2.58
N ASN B 29 27.49 40.11 1.87
CA ASN B 29 27.00 41.37 1.31
C ASN B 29 25.71 41.06 0.57
N LEU B 30 24.61 41.66 1.01
CA LEU B 30 23.30 41.11 0.70
C LEU B 30 22.45 42.08 -0.11
N GLU B 31 23.10 43.01 -0.81
CA GLU B 31 22.36 43.97 -1.62
C GLU B 31 21.67 43.22 -2.74
N ASN B 32 20.46 43.66 -3.09
CA ASN B 32 19.71 42.96 -4.13
C ASN B 32 19.21 41.58 -3.68
N LYS B 33 19.48 41.20 -2.44
CA LYS B 33 18.76 40.10 -1.84
C LYS B 33 17.51 40.58 -1.09
N THR B 34 16.46 39.76 -1.12
CA THR B 34 15.27 40.05 -0.35
C THR B 34 14.98 38.86 0.58
N TYR B 35 14.86 39.13 1.90
CA TYR B 35 14.42 38.13 2.89
C TYR B 35 13.12 38.48 3.63
N VAL B 36 12.32 37.44 3.87
CA VAL B 36 11.16 37.48 4.74
C VAL B 36 11.55 37.10 6.18
N ILE B 37 11.19 37.92 7.16
CA ILE B 37 11.47 37.55 8.56
C ILE B 37 10.16 37.34 9.30
N MET B 38 9.92 36.12 9.81
CA MET B 38 8.68 35.82 10.51
C MET B 38 8.91 35.73 11.99
N GLY B 39 8.18 36.50 12.78
CA GLY B 39 8.15 36.29 14.24
C GLY B 39 8.87 37.37 15.04
N ILE B 40 8.87 38.60 14.53
CA ILE B 40 9.14 39.72 15.42
C ILE B 40 7.94 40.16 16.30
N ALA B 41 8.13 40.17 17.63
CA ALA B 41 7.12 40.75 18.54
C ALA B 41 7.54 42.10 19.11
N ASN B 42 8.82 42.27 19.44
CA ASN B 42 9.33 43.54 19.97
C ASN B 42 10.83 43.67 19.80
N LYS B 43 11.41 44.68 20.43
CA LYS B 43 12.85 44.92 20.29
C LYS B 43 13.71 43.73 20.73
N ARG B 44 13.18 42.81 21.53
CA ARG B 44 14.02 41.77 22.11
CA ARG B 44 14.02 41.77 22.10
C ARG B 44 13.88 40.43 21.37
N SER B 45 12.95 40.35 20.42
CA SER B 45 12.77 39.12 19.65
C SER B 45 14.08 38.66 18.99
N ILE B 46 14.42 37.38 19.12
CA ILE B 46 15.52 36.85 18.30
C ILE B 46 15.44 37.37 16.85
N ALA B 47 14.25 37.41 16.27
CA ALA B 47 14.10 37.74 14.86
C ALA B 47 14.53 39.19 14.57
N PHE B 48 14.47 40.06 15.57
CA PHE B 48 14.98 41.42 15.40
C PHE B 48 16.50 41.47 15.38
N GLY B 49 17.19 40.67 16.19
CA GLY B 49 18.60 40.38 15.98
C GLY B 49 18.90 40.03 14.52
N VAL B 50 18.24 38.98 14.02
CA VAL B 50 18.32 38.65 12.61
C VAL B 50 18.07 39.90 11.75
N ALA B 51 17.04 40.70 12.02
CA ALA B 51 16.75 41.80 11.09
C ALA B 51 17.83 42.89 11.07
N LYS B 52 18.31 43.35 12.22
CA LYS B 52 19.40 44.32 12.29
C LYS B 52 20.63 43.85 11.50
N VAL B 53 20.97 42.56 11.59
CA VAL B 53 22.19 42.09 10.90
C VAL B 53 21.99 42.10 9.40
N LEU B 54 20.86 41.55 8.93
CA LEU B 54 20.61 41.54 7.50
C LEU B 54 20.50 42.96 6.95
N ASP B 55 19.85 43.85 7.69
CA ASP B 55 19.57 45.21 7.23
C ASP B 55 20.91 45.94 7.10
N GLN B 56 21.76 45.82 8.10
CA GLN B 56 23.11 46.30 8.03
C GLN B 56 23.85 45.81 6.80
N LEU B 57 23.50 44.61 6.31
CA LEU B 57 24.27 44.00 5.23
C LEU B 57 23.67 44.30 3.86
N GLY B 58 22.62 45.12 3.84
CA GLY B 58 22.12 45.63 2.57
C GLY B 58 20.88 44.94 2.03
N ALA B 59 20.35 43.95 2.75
CA ALA B 59 19.14 43.24 2.32
C ALA B 59 17.86 44.10 2.31
N LYS B 60 16.92 43.79 1.42
CA LYS B 60 15.54 44.23 1.52
C LYS B 60 14.82 43.29 2.45
N LEU B 61 14.06 43.82 3.41
CA LEU B 61 13.39 42.97 4.41
C LEU B 61 11.88 43.10 4.36
N VAL B 62 11.22 41.95 4.49
CA VAL B 62 9.77 41.86 4.49
C VAL B 62 9.48 41.24 5.83
N PHE B 63 8.47 41.75 6.52
CA PHE B 63 8.25 41.33 7.89
C PHE B 63 6.86 40.73 8.04
N THR B 64 6.76 39.60 8.76
CA THR B 64 5.44 39.05 9.08
C THR B 64 5.21 38.91 10.59
N TYR B 65 3.95 39.11 10.96
CA TYR B 65 3.55 39.25 12.37
C TYR B 65 2.18 38.60 12.56
N ARG B 66 1.87 38.25 13.79
CA ARG B 66 0.49 37.86 14.13
C ARG B 66 -0.35 38.94 14.84
N LYS B 67 0.09 39.43 16.01
CA LYS B 67 -0.71 40.36 16.82
C LYS B 67 -0.62 41.78 16.28
N GLU B 68 -1.70 42.54 16.42
CA GLU B 68 -1.61 43.94 16.03
CA GLU B 68 -1.72 43.98 16.17
C GLU B 68 -0.53 44.68 16.83
N ARG B 69 -0.29 44.30 18.08
CA ARG B 69 0.83 44.85 18.87
C ARG B 69 2.22 44.66 18.20
N SER B 70 2.45 43.49 17.62
CA SER B 70 3.74 43.22 16.97
C SER B 70 3.91 44.16 15.76
N ARG B 71 2.83 44.39 15.03
CA ARG B 71 2.91 45.31 13.89
CA ARG B 71 2.83 45.33 13.90
C ARG B 71 3.27 46.70 14.39
N LYS B 72 2.65 47.13 15.50
CA LYS B 72 3.00 48.40 16.13
C LYS B 72 4.47 48.52 16.51
N GLU B 73 4.99 47.50 17.18
CA GLU B 73 6.40 47.43 17.52
C GLU B 73 7.27 47.48 16.26
N LEU B 74 6.87 46.69 15.27
CA LEU B 74 7.57 46.58 14.00
C LEU B 74 7.71 47.95 13.35
N GLU B 75 6.61 48.70 13.34
CA GLU B 75 6.60 50.05 12.78
C GLU B 75 7.56 51.01 13.50
N LYS B 76 7.69 50.85 14.80
CA LYS B 76 8.62 51.68 15.56
C LYS B 76 10.08 51.17 15.40
N LEU B 77 10.26 49.86 15.28
CA LEU B 77 11.59 49.31 15.16
C LEU B 77 12.15 49.57 13.77
N LEU B 78 11.28 49.70 12.77
CA LEU B 78 11.74 50.10 11.43
C LEU B 78 12.49 51.43 11.29
N GLU B 79 12.43 52.30 12.30
CA GLU B 79 13.13 53.59 12.20
C GLU B 79 14.62 53.43 12.50
N GLN B 80 14.97 52.38 13.24
CA GLN B 80 16.36 51.99 13.50
C GLN B 80 17.01 51.36 12.28
N LEU B 81 16.23 51.02 11.27
CA LEU B 81 16.74 50.15 10.21
C LEU B 81 16.98 50.98 8.95
N ASN B 82 17.85 50.49 8.08
CA ASN B 82 18.07 51.19 6.83
C ASN B 82 16.98 50.96 5.79
N GLN B 83 16.03 50.06 6.03
CA GLN B 83 14.94 49.81 5.09
C GLN B 83 14.28 51.12 4.64
N PRO B 84 14.21 51.37 3.32
CA PRO B 84 13.52 52.59 2.92
C PRO B 84 12.00 52.43 2.92
N GLU B 85 11.49 51.24 3.19
CA GLU B 85 10.09 50.90 2.93
C GLU B 85 9.66 49.81 3.89
N ALA B 86 8.48 50.03 4.49
CA ALA B 86 7.89 49.06 5.41
C ALA B 86 7.17 48.02 4.57
N HIS B 87 7.57 46.75 4.66
CA HIS B 87 6.78 45.69 4.02
C HIS B 87 6.26 44.75 5.11
N LEU B 88 5.04 44.97 5.60
CA LEU B 88 4.55 44.26 6.79
C LEU B 88 3.35 43.39 6.43
N TYR B 89 3.29 42.14 6.89
CA TYR B 89 2.16 41.27 6.53
C TYR B 89 1.65 40.49 7.74
N GLN B 90 0.35 40.62 8.00
CA GLN B 90 -0.24 39.78 9.03
C GLN B 90 -0.32 38.33 8.55
N ILE B 91 0.43 37.45 9.22
CA ILE B 91 0.28 36.02 8.99
C ILE B 91 0.26 35.26 10.32
N ASP B 92 -0.92 34.72 10.66
CA ASP B 92 -1.09 33.62 11.62
C ASP B 92 -0.86 32.26 10.96
N VAL B 93 0.26 31.62 11.34
CA VAL B 93 0.64 30.36 10.70
C VAL B 93 -0.28 29.20 11.11
N GLN B 94 -1.27 29.46 11.94
CA GLN B 94 -2.33 28.46 12.16
C GLN B 94 -3.28 28.38 10.96
N SER B 95 -3.24 29.36 10.07
CA SER B 95 -4.20 29.40 8.95
C SER B 95 -3.47 29.25 7.61
N ASP B 96 -3.83 28.22 6.83
CA ASP B 96 -3.23 28.02 5.53
C ASP B 96 -3.51 29.22 4.64
N GLU B 97 -4.75 29.70 4.66
CA GLU B 97 -5.10 30.80 3.77
CA GLU B 97 -5.21 30.87 3.91
C GLU B 97 -4.25 32.04 4.06
N GLU B 98 -3.98 32.36 5.31
CA GLU B 98 -3.16 33.51 5.62
C GLU B 98 -1.74 33.28 5.16
N VAL B 99 -1.23 32.06 5.30
CA VAL B 99 0.10 31.77 4.79
C VAL B 99 0.17 31.85 3.27
N ILE B 100 -0.74 31.16 2.60
CA ILE B 100 -0.85 31.16 1.14
C ILE B 100 -1.04 32.57 0.56
N ASN B 101 -2.00 33.33 1.08
CA ASN B 101 -2.27 34.68 0.64
C ASN B 101 -1.13 35.65 1.01
N GLY B 102 -0.53 35.46 2.18
CA GLY B 102 0.56 36.33 2.60
C GLY B 102 1.72 36.28 1.62
N PHE B 103 2.15 35.06 1.32
CA PHE B 103 3.28 34.91 0.43
C PHE B 103 2.93 35.31 -1.00
N GLU B 104 1.71 35.01 -1.44
CA GLU B 104 1.33 35.50 -2.76
C GLU B 104 1.44 37.04 -2.87
N GLN B 105 1.09 37.75 -1.80
CA GLN B 105 1.02 39.20 -1.85
C GLN B 105 2.43 39.78 -1.78
N ILE B 106 3.26 39.14 -0.97
CA ILE B 106 4.70 39.42 -0.88
C ILE B 106 5.34 39.32 -2.26
N GLY B 107 5.04 38.20 -2.91
CA GLY B 107 5.30 37.96 -4.33
C GLY B 107 5.01 39.14 -5.24
N LYS B 108 3.76 39.61 -5.22
CA LYS B 108 3.29 40.69 -6.05
C LYS B 108 3.94 42.03 -5.71
N ASP B 109 4.23 42.23 -4.43
CA ASP B 109 4.75 43.50 -3.97
C ASP B 109 6.25 43.63 -4.16
N VAL B 110 7.02 42.59 -3.84
CA VAL B 110 8.49 42.71 -3.91
C VAL B 110 9.18 41.83 -4.96
N GLY B 111 8.43 41.01 -5.68
CA GLY B 111 9.04 40.07 -6.61
C GLY B 111 9.48 38.81 -5.89
N ASN B 112 10.46 38.12 -6.48
CA ASN B 112 11.06 36.95 -5.86
C ASN B 112 11.94 37.29 -4.67
N ILE B 113 12.13 36.30 -3.80
CA ILE B 113 12.85 36.42 -2.52
C ILE B 113 14.01 35.41 -2.48
N ASP B 114 14.97 35.65 -1.60
CA ASP B 114 16.14 34.79 -1.50
C ASP B 114 16.11 33.85 -0.28
N GLY B 115 15.20 34.07 0.69
CA GLY B 115 15.09 33.10 1.82
C GLY B 115 14.14 33.54 2.93
N VAL B 116 13.87 32.68 3.91
CA VAL B 116 12.89 32.99 4.93
C VAL B 116 13.58 32.77 6.25
N TYR B 117 13.38 33.68 7.20
CA TYR B 117 13.83 33.43 8.57
C TYR B 117 12.59 33.12 9.39
N HIS B 118 12.56 31.90 9.90
CA HIS B 118 11.41 31.46 10.67
C HIS B 118 11.75 31.54 12.16
N SER B 119 10.99 32.33 12.92
CA SER B 119 11.26 32.63 14.33
C SER B 119 9.97 32.55 15.15
N ILE B 120 9.26 31.43 14.99
CA ILE B 120 7.88 31.31 15.45
C ILE B 120 7.72 30.01 16.27
N ALA B 121 7.21 30.14 17.50
CA ALA B 121 6.83 29.01 18.31
C ALA B 121 5.75 29.47 19.29
N PHE B 122 5.02 28.51 19.85
CA PHE B 122 4.02 28.84 20.84
C PHE B 122 3.69 27.58 21.58
N ALA B 123 3.51 27.69 22.90
CA ALA B 123 2.88 26.66 23.75
C ALA B 123 2.14 27.33 24.91
N ASN B 124 1.00 26.80 25.35
CA ASN B 124 0.38 27.31 26.58
C ASN B 124 1.32 27.26 27.78
N MET B 125 1.32 28.35 28.55
CA MET B 125 1.90 28.37 29.88
C MET B 125 1.64 27.12 30.71
N GLU B 126 0.40 26.64 30.72
CA GLU B 126 0.02 25.41 31.44
C GLU B 126 1.16 24.41 31.28
N ASP B 127 1.56 24.18 30.03
CA ASP B 127 2.43 23.06 29.71
C ASP B 127 3.95 23.33 29.78
N LEU B 128 4.43 24.45 30.35
CA LEU B 128 5.89 24.72 30.27
C LEU B 128 6.60 24.62 31.64
N ARG B 129 6.09 23.69 32.45
CA ARG B 129 6.48 23.54 33.85
C ARG B 129 5.74 22.34 34.42
N GLY B 130 6.04 21.95 35.66
CA GLY B 130 5.47 20.73 36.22
C GLY B 130 5.75 19.56 35.28
N ARG B 131 4.83 18.61 35.18
CA ARG B 131 5.16 17.28 34.67
C ARG B 131 4.73 17.17 33.20
N PHE B 132 5.69 16.94 32.29
CA PHE B 132 5.38 16.61 30.91
C PHE B 132 4.28 15.54 30.72
N SER B 133 4.28 14.52 31.56
CA SER B 133 3.32 13.42 31.39
C SER B 133 1.87 13.91 31.55
N GLU B 134 1.69 15.11 32.09
CA GLU B 134 0.34 15.64 32.24
C GLU B 134 -0.07 16.48 31.02
N THR B 135 0.76 16.58 29.99
CA THR B 135 0.42 17.44 28.83
C THR B 135 -0.89 16.98 28.16
N SER B 136 -1.74 17.94 27.79
CA SER B 136 -3.03 17.62 27.22
C SER B 136 -2.83 17.40 25.72
N ARG B 137 -3.71 16.64 25.10
CA ARG B 137 -3.66 16.50 23.64
C ARG B 137 -3.72 17.86 22.93
N GLU B 138 -4.57 18.78 23.36
CA GLU B 138 -4.72 20.08 22.66
C GLU B 138 -3.49 20.97 22.79
N GLY B 139 -2.97 21.11 24.01
CA GLY B 139 -1.64 21.70 24.22
C GLY B 139 -0.53 21.09 23.38
N PHE B 140 -0.45 19.78 23.34
CA PHE B 140 0.55 19.10 22.52
C PHE B 140 0.45 19.44 21.05
N LEU B 141 -0.76 19.33 20.49
CA LEU B 141 -0.93 19.55 19.05
C LEU B 141 -0.76 21.01 18.68
N LEU B 142 -1.15 21.89 19.62
CA LEU B 142 -0.97 23.36 19.47
C LEU B 142 0.51 23.69 19.30
N ALA B 143 1.34 23.13 20.16
CA ALA B 143 2.77 23.34 20.04
C ALA B 143 3.34 22.80 18.71
N GLN B 144 2.95 21.58 18.32
CA GLN B 144 3.35 21.03 17.04
C GLN B 144 2.89 21.88 15.85
N ASP B 145 1.66 22.37 15.93
CA ASP B 145 1.03 22.99 14.78
C ASP B 145 1.73 24.32 14.50
N ILE B 146 1.94 25.13 15.54
CA ILE B 146 2.56 26.44 15.40
C ILE B 146 4.08 26.31 15.30
N SER B 147 4.68 25.44 16.10
CA SER B 147 6.14 25.46 16.25
C SER B 147 6.87 24.57 15.23
N SER B 148 6.18 23.61 14.63
CA SER B 148 6.84 22.70 13.66
C SER B 148 6.15 22.68 12.27
N TYR B 149 4.86 22.33 12.21
CA TYR B 149 4.16 22.32 10.94
C TYR B 149 4.27 23.67 10.22
N SER B 150 4.15 24.78 10.94
CA SER B 150 4.25 26.08 10.24
C SER B 150 5.41 26.14 9.25
N LEU B 151 6.54 25.53 9.62
CA LEU B 151 7.71 25.59 8.74
C LEU B 151 7.44 24.93 7.37
N THR B 152 6.73 23.80 7.38
CA THR B 152 6.44 23.01 6.20
C THR B 152 5.60 23.82 5.23
N ILE B 153 4.53 24.43 5.74
CA ILE B 153 3.70 25.21 4.83
C ILE B 153 4.34 26.52 4.36
N VAL B 154 5.11 27.15 5.24
CA VAL B 154 5.88 28.32 4.87
C VAL B 154 6.80 28.01 3.69
N ALA B 155 7.57 26.94 3.87
CA ALA B 155 8.53 26.43 2.85
C ALA B 155 7.81 26.13 1.55
N HIS B 156 6.70 25.40 1.64
CA HIS B 156 5.89 25.20 0.44
C HIS B 156 5.49 26.49 -0.30
N GLU B 157 5.05 27.50 0.42
CA GLU B 157 4.60 28.75 -0.19
C GLU B 157 5.72 29.67 -0.62
N ALA B 158 6.77 29.69 0.19
CA ALA B 158 7.98 30.46 -0.13
C ALA B 158 8.73 29.92 -1.35
N LYS B 159 8.72 28.60 -1.53
CA LYS B 159 9.35 27.99 -2.70
C LYS B 159 8.92 28.68 -4.00
N LYS B 160 7.64 29.00 -4.14
CA LYS B 160 7.15 29.59 -5.39
C LYS B 160 7.79 30.93 -5.70
N LEU B 161 8.43 31.53 -4.70
CA LEU B 161 9.05 32.85 -4.84
C LEU B 161 10.58 32.69 -5.00
N MET B 162 11.01 31.43 -5.01
CA MET B 162 12.43 31.15 -5.12
C MET B 162 12.70 30.27 -6.33
N PRO B 163 12.25 30.68 -7.55
CA PRO B 163 12.44 29.80 -8.69
C PRO B 163 13.91 29.36 -8.89
N GLU B 164 14.86 30.27 -8.62
CA GLU B 164 16.28 29.97 -8.66
C GLU B 164 16.94 29.34 -7.42
N GLY B 165 16.22 29.05 -6.35
CA GLY B 165 16.88 28.68 -5.11
C GLY B 165 16.92 29.78 -4.06
N GLY B 166 17.35 29.42 -2.86
CA GLY B 166 17.13 30.26 -1.72
C GLY B 166 17.49 29.50 -0.47
N SER B 167 17.18 30.08 0.68
CA SER B 167 17.61 29.46 1.95
C SER B 167 16.59 29.65 3.05
N ILE B 168 16.27 28.61 3.80
CA ILE B 168 15.27 28.76 4.85
C ILE B 168 15.90 28.37 6.17
N VAL B 169 15.69 29.21 7.19
CA VAL B 169 16.27 28.96 8.51
C VAL B 169 15.21 29.00 9.60
N ALA B 170 15.22 28.05 10.52
CA ALA B 170 14.25 28.04 11.61
C ALA B 170 15.08 28.05 12.89
N THR B 171 14.44 28.48 13.97
CA THR B 171 15.12 28.65 15.22
C THR B 171 14.72 27.54 16.15
N THR B 172 15.73 26.85 16.70
CA THR B 172 15.39 25.79 17.60
C THR B 172 16.10 25.99 18.93
N TYR B 173 15.99 24.99 19.81
CA TYR B 173 16.69 25.04 21.07
C TYR B 173 17.09 23.61 21.49
N LEU B 174 18.23 23.53 22.16
CA LEU B 174 18.80 22.27 22.65
C LEU B 174 17.78 21.33 23.30
N GLY B 175 16.72 21.85 23.91
CA GLY B 175 15.69 20.98 24.53
C GLY B 175 14.97 20.10 23.50
N GLY B 176 15.16 20.35 22.20
CA GLY B 176 14.74 19.39 21.16
C GLY B 176 15.58 18.14 20.92
N GLU B 177 16.80 18.14 21.49
CA GLU B 177 17.74 17.03 21.32
C GLU B 177 17.93 16.22 22.58
N PHE B 178 17.63 16.85 23.73
CA PHE B 178 17.76 16.27 25.09
C PHE B 178 16.59 16.75 25.94
N ALA B 179 16.25 15.99 26.98
CA ALA B 179 15.18 16.40 27.84
C ALA B 179 15.71 17.47 28.80
N VAL B 180 15.18 18.68 28.68
CA VAL B 180 15.54 19.79 29.55
C VAL B 180 14.33 20.01 30.48
N GLN B 181 14.54 19.84 31.78
CA GLN B 181 13.50 20.17 32.77
C GLN B 181 12.66 21.43 32.46
N ASN B 182 11.34 21.33 32.53
CA ASN B 182 10.42 22.44 32.23
C ASN B 182 10.16 22.75 30.75
N TYR B 183 11.02 22.37 29.81
CA TYR B 183 10.83 22.83 28.42
C TYR B 183 9.77 21.92 27.83
N ASN B 184 9.64 20.71 28.39
CA ASN B 184 8.44 19.90 28.23
C ASN B 184 7.87 19.85 26.80
N VAL B 185 6.63 20.35 26.64
CA VAL B 185 5.94 20.12 25.38
C VAL B 185 6.74 20.78 24.28
N MET B 186 7.43 21.87 24.60
CA MET B 186 8.13 22.57 23.54
C MET B 186 9.37 21.78 23.07
N GLY B 187 9.92 20.94 23.94
CA GLY B 187 11.06 20.07 23.59
C GLY B 187 10.62 19.11 22.48
N VAL B 188 9.39 18.62 22.60
CA VAL B 188 8.94 17.58 21.69
C VAL B 188 8.57 18.22 20.39
N ALA B 189 8.12 19.47 20.46
CA ALA B 189 7.87 20.25 19.26
C ALA B 189 9.18 20.61 18.56
N LYS B 190 10.25 20.88 19.31
CA LYS B 190 11.51 21.27 18.67
C LYS B 190 12.21 20.09 17.95
N ALA B 191 12.08 18.90 18.56
CA ALA B 191 12.45 17.65 17.91
C ALA B 191 11.76 17.54 16.52
N SER B 192 10.45 17.74 16.53
CA SER B 192 9.61 17.66 15.34
C SER B 192 10.16 18.70 14.36
N LEU B 193 10.39 19.91 14.86
CA LEU B 193 10.89 20.97 13.97
C LEU B 193 12.27 20.61 13.35
N GLU B 194 13.12 20.02 14.15
CA GLU B 194 14.45 19.70 13.72
C GLU B 194 14.39 18.54 12.70
N ALA B 195 13.37 17.70 12.80
CA ALA B 195 13.23 16.64 11.79
C ALA B 195 12.64 17.26 10.52
N ASN B 196 11.67 18.15 10.73
CA ASN B 196 11.05 18.89 9.63
C ASN B 196 12.12 19.55 8.76
N VAL B 197 13.10 20.17 9.40
CA VAL B 197 14.21 20.80 8.67
C VAL B 197 14.99 19.79 7.79
N LYS B 198 15.24 18.57 8.32
CA LYS B 198 15.96 17.55 7.53
C LYS B 198 15.12 17.06 6.34
N TYR B 199 13.85 16.80 6.62
CA TYR B 199 12.97 16.31 5.57
C TYR B 199 12.76 17.41 4.55
N LEU B 200 12.73 18.67 4.97
CA LEU B 200 12.56 19.74 3.96
C LEU B 200 13.84 19.88 3.13
N ALA B 201 14.97 19.61 3.78
CA ALA B 201 16.26 19.75 3.08
C ALA B 201 16.41 18.73 1.96
N LEU B 202 16.03 17.49 2.27
CA LEU B 202 16.00 16.37 1.33
C LEU B 202 15.03 16.70 0.19
N ASP B 203 13.83 17.16 0.55
CA ASP B 203 12.80 17.47 -0.46
C ASP B 203 13.12 18.67 -1.39
N LEU B 204 13.65 19.76 -0.85
CA LEU B 204 13.82 21.00 -1.64
C LEU B 204 15.23 21.17 -2.19
N GLY B 205 16.18 20.43 -1.61
CA GLY B 205 17.54 20.32 -2.20
C GLY B 205 17.66 20.37 -3.73
N PRO B 206 16.93 19.48 -4.45
CA PRO B 206 16.96 19.53 -5.91
C PRO B 206 16.48 20.84 -6.50
N ASP B 207 15.77 21.65 -5.73
CA ASP B 207 15.36 23.00 -6.20
C ASP B 207 16.39 24.07 -5.84
N ASN B 208 17.45 23.58 -5.24
CA ASN B 208 18.48 24.47 -4.71
C ASN B 208 17.93 25.33 -3.56
N ILE B 209 17.03 24.78 -2.75
CA ILE B 209 16.60 25.51 -1.61
C ILE B 209 17.23 24.79 -0.44
N ARG B 210 18.05 25.52 0.32
CA ARG B 210 18.68 24.93 1.50
C ARG B 210 17.79 25.15 2.71
N VAL B 211 17.78 24.20 3.64
CA VAL B 211 16.99 24.41 4.84
C VAL B 211 17.81 24.01 6.06
N ASN B 212 17.89 24.88 7.07
CA ASN B 212 18.73 24.65 8.24
C ASN B 212 18.08 25.26 9.51
N ALA B 213 18.68 24.96 10.66
CA ALA B 213 18.23 25.46 11.95
C ALA B 213 19.41 26.11 12.69
N ILE B 214 19.12 27.15 13.50
CA ILE B 214 20.04 27.71 14.49
C ILE B 214 19.45 27.30 15.85
N SER B 215 20.21 26.52 16.60
CA SER B 215 19.85 26.16 17.99
C SER B 215 20.41 27.25 18.90
N ALA B 216 19.55 28.19 19.30
CA ALA B 216 20.01 29.34 20.08
C ALA B 216 20.10 28.98 21.54
N GLY B 217 21.05 29.61 22.23
CA GLY B 217 21.14 29.52 23.69
C GLY B 217 20.03 30.39 24.26
N PRO B 218 19.75 30.25 25.58
CA PRO B 218 18.74 31.08 26.26
C PRO B 218 18.97 32.61 26.09
N ILE B 219 17.95 33.33 25.66
CA ILE B 219 18.00 34.76 25.48
C ILE B 219 16.74 35.38 26.08
N ARG B 220 16.88 36.46 26.84
CA ARG B 220 15.70 37.08 27.46
C ARG B 220 14.73 37.72 26.44
N THR B 221 13.65 37.01 26.14
CA THR B 221 12.61 37.48 25.23
C THR B 221 11.20 37.44 25.87
N LEU B 222 10.21 38.11 25.27
CA LEU B 222 8.82 37.96 25.69
C LEU B 222 8.42 36.49 25.94
N SER B 223 8.60 35.63 24.97
CA SER B 223 8.23 34.22 25.08
C SER B 223 9.04 33.50 26.18
N ALA B 224 10.30 33.89 26.37
CA ALA B 224 11.11 33.24 27.38
C ALA B 224 10.60 33.52 28.79
N LYS B 225 9.79 34.55 28.96
CA LYS B 225 9.26 34.86 30.27
C LYS B 225 8.24 33.82 30.71
N GLY B 226 7.67 33.08 29.77
CA GLY B 226 6.72 32.06 30.15
C GLY B 226 7.28 30.68 30.38
N VAL B 227 8.59 30.51 30.26
CA VAL B 227 9.20 29.21 30.46
C VAL B 227 9.72 28.94 31.89
N GLY B 228 9.20 27.95 32.59
CA GLY B 228 9.66 27.71 33.96
C GLY B 228 11.18 27.51 34.02
N GLY B 229 11.82 28.10 35.02
CA GLY B 229 13.24 27.84 35.30
C GLY B 229 14.19 28.49 34.32
N PHE B 230 13.71 29.44 33.52
CA PHE B 230 14.56 30.10 32.53
C PHE B 230 15.76 30.85 33.14
N ASN B 231 15.57 31.59 34.23
CA ASN B 231 16.67 32.28 34.88
C ASN B 231 17.73 31.34 35.40
N THR B 232 17.33 30.23 36.00
CA THR B 232 18.31 29.24 36.43
C THR B 232 19.22 28.72 35.31
N ILE B 233 18.69 28.57 34.10
CA ILE B 233 19.42 28.05 32.95
C ILE B 233 20.38 29.12 32.45
N LEU B 234 19.92 30.36 32.31
CA LEU B 234 20.81 31.46 32.00
C LEU B 234 22.11 31.41 32.82
N LYS B 235 21.91 31.31 34.14
CA LYS B 235 23.01 31.31 35.08
C LYS B 235 23.87 30.08 34.83
N GLU B 236 23.25 28.94 34.56
CA GLU B 236 24.02 27.73 34.40
C GLU B 236 24.92 27.81 33.16
N ILE B 237 24.45 28.50 32.11
CA ILE B 237 25.24 28.67 30.90
C ILE B 237 26.52 29.44 31.20
N GLU B 238 26.39 30.54 31.97
CA GLU B 238 27.54 31.35 32.33
C GLU B 238 28.54 30.57 33.15
N GLU B 239 28.05 29.68 34.00
CA GLU B 239 28.94 28.93 34.87
C GLU B 239 29.61 27.82 34.09
N ARG B 240 28.85 27.12 33.25
CA ARG B 240 29.29 25.83 32.68
C ARG B 240 29.72 25.80 31.19
N ALA B 241 29.12 26.63 30.34
CA ALA B 241 29.37 26.65 28.87
C ALA B 241 30.82 27.01 28.62
N PRO B 242 31.47 26.36 27.64
CA PRO B 242 32.82 26.71 27.20
C PRO B 242 33.13 28.23 27.20
N LEU B 243 32.30 29.06 26.59
CA LEU B 243 32.63 30.49 26.55
C LEU B 243 32.27 31.21 27.85
N LYS B 244 31.67 30.50 28.80
CA LYS B 244 31.33 31.10 30.08
C LYS B 244 30.52 32.40 30.01
N ARG B 245 29.62 32.53 29.05
CA ARG B 245 28.79 33.72 28.92
C ARG B 245 27.54 33.28 28.17
N ASN B 246 26.48 34.09 28.23
CA ASN B 246 25.31 33.86 27.41
C ASN B 246 25.44 34.51 26.05
N VAL B 247 24.57 34.15 25.11
CA VAL B 247 24.66 34.75 23.76
C VAL B 247 23.55 35.77 23.63
N ASP B 248 23.49 36.47 22.49
CA ASP B 248 22.41 37.44 22.28
C ASP B 248 21.84 37.38 20.89
N GLN B 249 20.84 38.20 20.64
CA GLN B 249 20.08 38.13 19.41
C GLN B 249 20.96 38.40 18.19
N VAL B 250 21.91 39.32 18.33
CA VAL B 250 22.75 39.71 17.20
C VAL B 250 23.65 38.53 16.80
N GLU B 251 24.02 37.72 17.78
CA GLU B 251 24.86 36.58 17.49
C GLU B 251 24.05 35.56 16.70
N VAL B 252 22.75 35.42 16.99
CA VAL B 252 21.91 34.56 16.16
C VAL B 252 21.74 35.18 14.77
N GLY B 253 21.58 36.50 14.71
CA GLY B 253 21.49 37.18 13.42
C GLY B 253 22.70 36.90 12.53
N LYS B 254 23.88 36.87 13.13
CA LYS B 254 25.13 36.81 12.36
C LYS B 254 25.25 35.38 11.78
N THR B 255 24.89 34.37 12.57
CA THR B 255 24.81 33.03 12.01
C THR B 255 23.67 32.91 10.98
N ALA B 256 22.57 33.64 11.16
CA ALA B 256 21.51 33.67 10.15
C ALA B 256 22.03 34.24 8.83
N ALA B 257 22.85 35.28 8.88
CA ALA B 257 23.37 35.89 7.65
C ALA B 257 24.25 34.89 6.95
N TYR B 258 25.02 34.14 7.73
CA TYR B 258 25.81 33.06 7.15
C TYR B 258 24.90 32.06 6.41
N LEU B 259 23.97 31.44 7.12
CA LEU B 259 23.03 30.48 6.54
C LEU B 259 22.19 31.03 5.38
N LEU B 260 21.77 32.29 5.45
CA LEU B 260 20.92 32.88 4.41
C LEU B 260 21.68 33.30 3.15
N SER B 261 23.01 33.37 3.21
CA SER B 261 23.83 33.90 2.11
C SER B 261 24.55 32.75 1.44
N ASP B 262 25.26 33.11 0.38
CA ASP B 262 26.05 32.15 -0.40
C ASP B 262 27.24 31.57 0.37
N LEU B 263 27.56 32.16 1.51
CA LEU B 263 28.68 31.67 2.29
C LEU B 263 28.40 30.25 2.74
N SER B 264 27.15 29.86 2.88
CA SER B 264 26.86 28.52 3.36
C SER B 264 26.36 27.61 2.23
N SER B 265 26.64 27.97 0.98
N SER B 265 26.73 27.90 0.98
CA SER B 265 26.37 27.04 -0.10
CA SER B 265 26.10 27.23 -0.17
C SER B 265 27.05 25.73 0.27
C SER B 265 26.12 25.69 -0.16
N GLY B 266 26.39 24.62 0.01
N GLY B 266 27.05 25.11 0.59
CA GLY B 266 26.91 23.34 0.45
CA GLY B 266 27.20 23.66 0.61
C GLY B 266 26.39 22.87 1.79
C GLY B 266 26.44 22.97 1.74
N VAL B 267 25.73 23.77 2.54
CA VAL B 267 25.26 23.39 3.88
C VAL B 267 23.74 23.30 3.90
N THR B 268 23.19 22.14 4.28
CA THR B 268 21.74 21.98 4.36
C THR B 268 21.37 20.80 5.23
N GLY B 269 20.23 20.86 5.88
CA GLY B 269 19.84 19.85 6.85
C GLY B 269 20.68 19.93 8.11
N GLU B 270 21.36 21.06 8.25
CA GLU B 270 22.24 21.27 9.41
C GLU B 270 21.53 22.00 10.58
N ASN B 271 21.98 21.70 11.79
CA ASN B 271 21.63 22.45 13.01
C ASN B 271 22.88 23.11 13.64
N ILE B 272 23.05 24.41 13.53
CA ILE B 272 24.20 25.15 14.12
C ILE B 272 23.85 25.77 15.48
N HIS B 273 24.49 25.27 16.54
CA HIS B 273 24.25 25.72 17.89
C HIS B 273 24.95 27.08 18.12
N VAL B 274 24.19 28.15 18.33
CA VAL B 274 24.73 29.43 18.78
C VAL B 274 24.49 29.57 20.29
N ASP B 275 25.31 28.93 21.13
CA ASP B 275 24.99 28.69 22.53
C ASP B 275 26.23 28.64 23.44
N SER B 276 27.29 29.34 23.06
CA SER B 276 28.52 29.34 23.85
C SER B 276 29.19 27.96 24.05
N GLY B 277 28.89 27.03 23.16
CA GLY B 277 29.42 25.68 23.24
C GLY B 277 28.71 24.74 24.19
N PHE B 278 27.60 25.20 24.77
CA PHE B 278 26.93 24.44 25.82
C PHE B 278 26.48 23.04 25.37
N HIS B 279 26.04 22.94 24.12
CA HIS B 279 25.56 21.70 23.56
C HIS B 279 26.69 20.67 23.56
N ALA B 280 27.93 21.14 23.58
CA ALA B 280 29.02 20.19 23.37
C ALA B 280 29.54 19.57 24.65
N ILE B 281 28.91 19.83 25.79
CA ILE B 281 29.49 19.41 27.06
C ILE B 281 28.43 18.71 27.90
N LYS B 282 28.84 17.98 28.93
CA LYS B 282 27.90 17.33 29.80
C LYS B 282 28.53 17.48 31.15
N VAL C 28 31.66 39.77 6.93
CA VAL C 28 32.96 39.02 6.94
C VAL C 28 34.11 39.71 6.13
N ASN C 29 34.36 41.01 6.35
CA ASN C 29 35.65 41.63 5.97
C ASN C 29 36.80 41.26 6.91
N LEU C 30 37.90 40.73 6.37
CA LEU C 30 38.97 40.20 7.21
C LEU C 30 40.30 40.95 7.07
N GLU C 31 40.24 42.21 6.65
CA GLU C 31 41.45 43.01 6.68
C GLU C 31 41.94 43.12 8.11
N ASN C 32 43.25 43.04 8.31
CA ASN C 32 43.80 43.19 9.65
C ASN C 32 43.60 41.93 10.45
N LYS C 33 43.12 40.86 9.81
CA LYS C 33 43.28 39.53 10.37
C LYS C 33 44.49 38.77 9.78
N THR C 34 44.99 37.83 10.57
CA THR C 34 46.07 36.94 10.15
C THR C 34 45.71 35.51 10.55
N TYR C 35 45.76 34.59 9.60
CA TYR C 35 45.47 33.18 9.87
C TYR C 35 46.61 32.27 9.40
N VAL C 36 46.83 31.22 10.18
CA VAL C 36 47.77 30.20 9.80
C VAL C 36 46.99 29.07 9.15
N ILE C 37 47.40 28.69 7.94
CA ILE C 37 46.79 27.58 7.22
C ILE C 37 47.77 26.41 7.13
N MET C 38 47.41 25.31 7.76
CA MET C 38 48.26 24.14 7.81
C MET C 38 47.65 23.10 6.87
N GLY C 39 48.42 22.71 5.86
CA GLY C 39 48.13 21.46 5.13
C GLY C 39 47.84 21.67 3.64
N ILE C 40 48.36 22.74 3.04
CA ILE C 40 48.36 22.82 1.59
C ILE C 40 49.46 21.93 0.97
N ALA C 41 49.10 21.05 0.03
CA ALA C 41 50.07 20.28 -0.77
C ALA C 41 50.05 20.69 -2.25
N ASN C 42 48.88 21.02 -2.79
CA ASN C 42 48.83 21.50 -4.18
C ASN C 42 47.54 22.28 -4.44
N LYS C 43 47.24 22.51 -5.71
CA LYS C 43 46.12 23.39 -6.03
C LYS C 43 44.78 22.76 -5.63
N ARG C 44 44.76 21.46 -5.40
CA ARG C 44 43.52 20.73 -5.14
CA ARG C 44 43.50 20.76 -5.13
C ARG C 44 43.26 20.57 -3.63
N SER C 45 44.25 20.91 -2.81
CA SER C 45 44.07 20.79 -1.35
C SER C 45 42.86 21.59 -0.86
N ILE C 46 42.16 21.01 0.10
CA ILE C 46 41.05 21.73 0.74
C ILE C 46 41.61 23.01 1.36
N ALA C 47 42.80 22.96 1.96
CA ALA C 47 43.34 24.21 2.48
C ALA C 47 43.62 25.32 1.43
N PHE C 48 43.83 24.98 0.16
CA PHE C 48 43.93 26.04 -0.84
C PHE C 48 42.57 26.71 -1.11
N GLY C 49 41.49 25.94 -1.01
CA GLY C 49 40.15 26.51 -1.00
C GLY C 49 39.96 27.57 0.09
N VAL C 50 40.32 27.20 1.32
CA VAL C 50 40.24 28.12 2.42
C VAL C 50 41.08 29.37 2.10
N ALA C 51 42.28 29.13 1.58
CA ALA C 51 43.27 30.16 1.44
C ALA C 51 42.77 31.22 0.45
N LYS C 52 42.24 30.81 -0.70
CA LYS C 52 41.68 31.71 -1.72
C LYS C 52 40.53 32.57 -1.20
N VAL C 53 39.74 32.00 -0.30
CA VAL C 53 38.57 32.68 0.28
C VAL C 53 39.05 33.73 1.26
N LEU C 54 39.88 33.29 2.23
CA LEU C 54 40.45 34.24 3.18
C LEU C 54 41.24 35.34 2.47
N ASP C 55 41.96 34.99 1.41
CA ASP C 55 42.90 35.92 0.79
C ASP C 55 42.09 37.04 0.12
N GLN C 56 41.03 36.60 -0.55
CA GLN C 56 40.06 37.46 -1.17
C GLN C 56 39.26 38.30 -0.18
N LEU C 57 39.14 37.88 1.07
CA LEU C 57 38.44 38.73 2.04
C LEU C 57 39.39 39.71 2.72
N GLY C 58 40.68 39.65 2.38
CA GLY C 58 41.65 40.60 2.92
C GLY C 58 42.55 40.12 4.04
N ALA C 59 42.48 38.84 4.41
CA ALA C 59 43.34 38.31 5.46
C ALA C 59 44.80 38.29 5.03
N LYS C 60 45.69 38.40 6.02
CA LYS C 60 47.09 38.01 5.85
C LYS C 60 47.19 36.53 6.24
N LEU C 61 47.93 35.78 5.45
CA LEU C 61 48.00 34.34 5.55
C LEU C 61 49.43 33.82 5.80
N VAL C 62 49.52 32.79 6.63
CA VAL C 62 50.79 32.16 6.95
C VAL C 62 50.50 30.71 6.64
N PHE C 63 51.44 30.06 5.95
CA PHE C 63 51.27 28.67 5.54
C PHE C 63 52.27 27.74 6.21
N THR C 64 51.79 26.58 6.62
CA THR C 64 52.75 25.56 7.05
C THR C 64 52.71 24.33 6.13
N TYR C 65 53.85 23.67 5.95
CA TYR C 65 53.89 22.48 5.07
C TYR C 65 54.79 21.43 5.67
N ARG C 66 54.75 20.23 5.10
CA ARG C 66 55.68 19.20 5.55
C ARG C 66 56.80 18.95 4.53
N LYS C 67 56.40 18.56 3.31
CA LYS C 67 57.30 18.05 2.28
C LYS C 67 57.81 19.23 1.45
N GLU C 68 59.08 19.19 1.04
CA GLU C 68 59.57 20.32 0.30
CA GLU C 68 59.71 20.15 0.13
C GLU C 68 58.73 20.53 -0.97
N ARG C 69 58.15 19.49 -1.55
CA ARG C 69 57.27 19.61 -2.71
C ARG C 69 56.07 20.52 -2.43
N SER C 70 55.54 20.41 -1.22
CA SER C 70 54.42 21.27 -0.82
C SER C 70 54.87 22.74 -0.76
N ARG C 71 56.07 23.00 -0.25
CA ARG C 71 56.57 24.37 -0.35
C ARG C 71 56.69 24.87 -1.80
N LYS C 72 57.28 24.07 -2.69
CA LYS C 72 57.31 24.44 -4.11
C LYS C 72 55.93 24.72 -4.72
N GLU C 73 54.93 23.91 -4.38
CA GLU C 73 53.56 24.23 -4.80
C GLU C 73 53.05 25.55 -4.21
N LEU C 74 53.36 25.81 -2.94
CA LEU C 74 52.92 27.03 -2.27
C LEU C 74 53.54 28.26 -2.94
N GLU C 75 54.80 28.17 -3.31
CA GLU C 75 55.43 29.30 -3.99
C GLU C 75 54.73 29.60 -5.30
N LYS C 76 54.25 28.58 -6.00
CA LYS C 76 53.64 28.78 -7.29
C LYS C 76 52.21 29.33 -7.13
N LEU C 77 51.52 28.83 -6.11
CA LEU C 77 50.13 29.16 -5.81
C LEU C 77 50.00 30.55 -5.25
N LEU C 78 50.96 30.92 -4.40
CA LEU C 78 51.03 32.27 -3.85
C LEU C 78 50.99 33.40 -4.89
N GLU C 79 51.41 33.12 -6.11
CA GLU C 79 51.27 34.05 -7.23
C GLU C 79 49.82 34.28 -7.65
N GLN C 80 48.92 33.36 -7.31
CA GLN C 80 47.49 33.63 -7.53
C GLN C 80 46.81 34.48 -6.47
N LEU C 81 47.49 34.72 -5.36
CA LEU C 81 46.86 35.31 -4.19
C LEU C 81 47.27 36.76 -4.10
N ASN C 82 46.58 37.51 -3.25
CA ASN C 82 46.91 38.90 -3.11
C ASN C 82 47.96 39.15 -2.04
N GLN C 83 48.34 38.12 -1.28
CA GLN C 83 49.36 38.27 -0.26
C GLN C 83 50.58 38.96 -0.87
N PRO C 84 51.12 40.00 -0.21
CA PRO C 84 52.33 40.60 -0.73
C PRO C 84 53.60 39.94 -0.22
N GLU C 85 53.47 39.01 0.72
CA GLU C 85 54.62 38.37 1.33
C GLU C 85 54.31 36.89 1.43
N ALA C 86 55.28 36.04 1.10
CA ALA C 86 55.20 34.61 1.32
C ALA C 86 55.61 34.36 2.76
N HIS C 87 54.68 33.95 3.60
CA HIS C 87 55.07 33.50 4.92
C HIS C 87 54.92 31.98 4.96
N LEU C 88 56.02 31.24 4.90
CA LEU C 88 55.99 29.78 4.76
C LEU C 88 56.77 29.07 5.86
N TYR C 89 56.20 28.08 6.52
CA TYR C 89 56.96 27.39 7.57
C TYR C 89 56.82 25.89 7.51
N GLN C 90 57.95 25.20 7.64
CA GLN C 90 57.94 23.75 7.58
C GLN C 90 57.59 23.22 8.95
N ILE C 91 56.40 22.65 9.09
CA ILE C 91 56.05 21.98 10.32
C ILE C 91 55.60 20.56 10.00
N ASP C 92 56.41 19.60 10.42
CA ASP C 92 55.92 18.24 10.55
C ASP C 92 55.23 18.01 11.91
N VAL C 93 53.91 17.80 11.92
CA VAL C 93 53.22 17.77 13.21
C VAL C 93 53.50 16.52 14.08
N GLN C 94 54.36 15.63 13.59
CA GLN C 94 54.79 14.51 14.42
C GLN C 94 55.85 14.94 15.43
N SER C 95 56.45 16.10 15.20
CA SER C 95 57.52 16.57 16.07
C SER C 95 57.05 17.71 16.98
N ASP C 96 57.06 17.49 18.28
CA ASP C 96 56.79 18.58 19.22
C ASP C 96 57.67 19.80 18.93
N GLU C 97 58.96 19.56 18.76
CA GLU C 97 59.94 20.64 18.53
C GLU C 97 59.54 21.47 17.33
N GLU C 98 59.11 20.83 16.25
CA GLU C 98 58.83 21.56 15.03
C GLU C 98 57.57 22.42 15.13
N VAL C 99 56.57 21.90 15.85
CA VAL C 99 55.34 22.66 16.12
C VAL C 99 55.69 23.85 17.02
N ILE C 100 56.45 23.58 18.09
CA ILE C 100 56.77 24.61 19.09
C ILE C 100 57.60 25.73 18.47
N ASN C 101 58.67 25.34 17.81
CA ASN C 101 59.56 26.28 17.14
C ASN C 101 58.88 26.97 15.96
N GLY C 102 58.08 26.21 15.22
CA GLY C 102 57.35 26.77 14.11
C GLY C 102 56.41 27.90 14.51
N PHE C 103 55.57 27.68 15.52
CA PHE C 103 54.62 28.71 15.91
C PHE C 103 55.31 29.91 16.56
N GLU C 104 56.27 29.63 17.44
CA GLU C 104 57.08 30.68 18.07
C GLU C 104 57.69 31.63 17.03
N GLN C 105 58.34 31.04 16.03
CA GLN C 105 58.87 31.74 14.86
C GLN C 105 57.83 32.53 14.06
N ILE C 106 56.63 31.97 13.92
CA ILE C 106 55.53 32.64 13.25
C ILE C 106 55.21 33.93 14.00
N GLY C 107 55.30 33.83 15.32
CA GLY C 107 54.81 34.88 16.21
C GLY C 107 55.78 36.03 16.10
N LYS C 108 57.05 35.68 15.89
CA LYS C 108 58.10 36.67 15.71
C LYS C 108 58.09 37.36 14.36
N ASP C 109 57.66 36.67 13.32
CA ASP C 109 57.63 37.28 11.99
C ASP C 109 56.35 38.09 11.74
N VAL C 110 55.22 37.59 12.23
CA VAL C 110 53.97 38.30 11.98
C VAL C 110 53.30 38.78 13.26
N GLY C 111 53.86 38.48 14.42
CA GLY C 111 53.17 38.82 15.68
C GLY C 111 51.93 37.97 15.90
N ASN C 112 50.92 38.55 16.53
CA ASN C 112 49.75 37.80 16.96
C ASN C 112 48.80 37.39 15.83
N ILE C 113 48.15 36.23 15.99
CA ILE C 113 47.24 35.73 14.98
C ILE C 113 45.78 35.67 15.44
N ASP C 114 44.88 35.58 14.47
CA ASP C 114 43.44 35.55 14.72
C ASP C 114 42.84 34.14 14.68
N GLY C 115 43.61 33.14 14.26
CA GLY C 115 43.03 31.82 14.05
C GLY C 115 43.92 30.86 13.29
N VAL C 116 43.63 29.56 13.40
CA VAL C 116 44.40 28.55 12.69
C VAL C 116 43.41 27.67 11.95
N TYR C 117 43.67 27.42 10.66
CA TYR C 117 42.95 26.39 9.92
C TYR C 117 43.79 25.14 9.81
N HIS C 118 43.29 24.04 10.34
CA HIS C 118 44.02 22.79 10.39
C HIS C 118 43.43 21.88 9.29
N SER C 119 44.29 21.45 8.38
CA SER C 119 43.88 20.60 7.27
C SER C 119 44.90 19.46 7.11
N ILE C 120 45.06 18.64 8.15
CA ILE C 120 46.16 17.66 8.18
C ILE C 120 45.62 16.31 8.64
N ALA C 121 45.87 15.26 7.86
CA ALA C 121 45.58 13.89 8.22
C ALA C 121 46.56 13.03 7.44
N PHE C 122 46.78 11.82 7.91
CA PHE C 122 47.59 10.87 7.19
C PHE C 122 47.26 9.49 7.72
N ALA C 123 47.16 8.52 6.83
CA ALA C 123 47.18 7.11 7.25
C ALA C 123 47.89 6.34 6.15
N ASN C 124 48.45 5.17 6.50
CA ASN C 124 49.05 4.29 5.51
C ASN C 124 48.00 3.75 4.57
N MET C 125 48.32 3.62 3.29
CA MET C 125 47.37 3.05 2.34
C MET C 125 46.84 1.64 2.66
N GLU C 126 47.67 0.78 3.25
CA GLU C 126 47.13 -0.54 3.61
C GLU C 126 45.82 -0.33 4.39
N ASP C 127 45.77 0.73 5.20
CA ASP C 127 44.79 0.84 6.24
C ASP C 127 43.60 1.62 5.77
N LEU C 128 43.45 1.78 4.45
CA LEU C 128 42.32 2.57 3.93
C LEU C 128 41.46 1.76 2.98
N ARG C 129 41.49 0.44 3.23
CA ARG C 129 40.85 -0.53 2.34
C ARG C 129 40.83 -1.87 3.08
N GLY C 130 40.15 -2.87 2.53
CA GLY C 130 40.09 -4.17 3.21
C GLY C 130 39.55 -4.06 4.62
N ARG C 131 40.08 -4.89 5.53
CA ARG C 131 39.38 -5.16 6.79
C ARG C 131 39.96 -4.33 7.92
N PHE C 132 39.09 -3.59 8.60
CA PHE C 132 39.52 -2.76 9.71
C PHE C 132 40.16 -3.59 10.81
N SER C 133 39.59 -4.78 11.09
CA SER C 133 40.04 -5.57 12.23
C SER C 133 41.50 -5.96 12.05
N GLU C 134 42.04 -5.75 10.84
CA GLU C 134 43.40 -6.20 10.52
C GLU C 134 44.41 -5.07 10.71
N THR C 135 43.93 -3.86 11.04
CA THR C 135 44.79 -2.71 11.31
C THR C 135 45.86 -2.99 12.38
N SER C 136 47.08 -2.60 12.04
CA SER C 136 48.21 -2.81 12.94
C SER C 136 48.26 -1.69 13.98
N ARG C 137 48.85 -1.97 15.14
CA ARG C 137 49.05 -0.98 16.19
C ARG C 137 49.74 0.26 15.62
N GLU C 138 50.75 0.06 14.80
CA GLU C 138 51.56 1.21 14.39
C GLU C 138 50.75 2.08 13.43
N GLY C 139 50.02 1.46 12.50
CA GLY C 139 49.15 2.20 11.61
C GLY C 139 48.07 2.97 12.36
N PHE C 140 47.43 2.28 13.32
CA PHE C 140 46.40 2.88 14.14
C PHE C 140 46.93 4.10 14.86
N LEU C 141 48.11 3.99 15.46
CA LEU C 141 48.63 5.09 16.27
C LEU C 141 49.20 6.23 15.43
N LEU C 142 49.77 5.90 14.27
CA LEU C 142 50.18 6.89 13.28
C LEU C 142 49.05 7.80 12.86
N ALA C 143 47.93 7.25 12.42
CA ALA C 143 46.80 8.11 12.06
C ALA C 143 46.30 9.01 13.21
N GLN C 144 46.22 8.45 14.42
CA GLN C 144 45.85 9.23 15.60
C GLN C 144 46.78 10.42 15.80
N ASP C 145 48.08 10.17 15.62
CA ASP C 145 49.11 11.08 15.99
C ASP C 145 49.04 12.28 15.07
N ILE C 146 49.00 12.02 13.76
CA ILE C 146 49.04 13.08 12.77
C ILE C 146 47.67 13.70 12.65
N SER C 147 46.63 12.90 12.84
CA SER C 147 45.32 13.33 12.39
C SER C 147 44.49 13.92 13.52
N SER C 148 44.87 13.61 14.76
CA SER C 148 44.11 14.10 15.89
C SER C 148 44.97 14.86 16.93
N TYR C 149 46.01 14.19 17.45
CA TYR C 149 46.89 14.87 18.37
C TYR C 149 47.49 16.15 17.79
N SER C 150 47.84 16.18 16.51
CA SER C 150 48.43 17.40 15.98
C SER C 150 47.59 18.62 16.35
N LEU C 151 46.28 18.44 16.43
CA LEU C 151 45.40 19.54 16.77
C LEU C 151 45.60 20.02 18.21
N THR C 152 45.72 19.10 19.15
CA THR C 152 45.93 19.45 20.56
C THR C 152 47.20 20.28 20.79
N ILE C 153 48.34 19.81 20.28
CA ILE C 153 49.58 20.58 20.43
C ILE C 153 49.60 21.87 19.59
N VAL C 154 49.04 21.86 18.39
CA VAL C 154 48.87 23.10 17.63
C VAL C 154 48.02 24.15 18.38
N ALA C 155 46.93 23.74 19.01
CA ALA C 155 46.10 24.65 19.80
C ALA C 155 46.92 25.20 20.95
N HIS C 156 47.66 24.32 21.62
CA HIS C 156 48.45 24.73 22.77
C HIS C 156 49.48 25.80 22.41
N GLU C 157 50.08 25.66 21.22
CA GLU C 157 51.12 26.58 20.77
C GLU C 157 50.55 27.82 20.12
N ALA C 158 49.53 27.66 19.29
CA ALA C 158 48.91 28.80 18.63
C ALA C 158 48.18 29.69 19.66
N LYS C 159 47.73 29.09 20.74
CA LYS C 159 47.12 29.85 21.84
C LYS C 159 48.04 30.97 22.34
N LYS C 160 49.34 30.71 22.39
CA LYS C 160 50.32 31.71 22.80
C LYS C 160 50.28 32.96 21.93
N LEU C 161 49.79 32.85 20.70
CA LEU C 161 49.72 33.99 19.78
C LEU C 161 48.33 34.59 19.71
N MET C 162 47.46 34.19 20.64
CA MET C 162 46.10 34.71 20.65
C MET C 162 45.64 35.16 22.04
N PRO C 163 46.37 36.14 22.63
CA PRO C 163 46.05 36.56 24.00
C PRO C 163 44.70 37.26 24.13
N GLU C 164 44.23 37.87 23.05
CA GLU C 164 42.88 38.40 22.87
C GLU C 164 41.78 37.38 22.48
N GLY C 165 42.12 36.12 22.23
CA GLY C 165 41.15 35.17 21.69
C GLY C 165 41.33 34.94 20.20
N GLY C 166 40.61 33.95 19.65
CA GLY C 166 40.67 33.67 18.24
C GLY C 166 39.88 32.45 17.84
N SER C 167 40.23 31.85 16.72
CA SER C 167 39.41 30.75 16.19
C SER C 167 40.22 29.65 15.50
N ILE C 168 39.93 28.41 15.87
CA ILE C 168 40.64 27.27 15.37
C ILE C 168 39.64 26.27 14.78
N VAL C 169 39.91 25.83 13.57
CA VAL C 169 38.98 25.03 12.77
C VAL C 169 39.77 23.87 12.18
N ALA C 170 39.26 22.66 12.34
CA ALA C 170 39.91 21.49 11.78
C ALA C 170 38.95 20.85 10.76
N THR C 171 39.47 19.98 9.90
CA THR C 171 38.69 19.37 8.82
C THR C 171 38.41 17.90 9.12
N THR C 172 37.14 17.51 9.10
CA THR C 172 36.82 16.13 9.43
C THR C 172 35.98 15.53 8.31
N TYR C 173 35.56 14.29 8.50
CA TYR C 173 34.68 13.65 7.52
C TYR C 173 33.69 12.82 8.31
N LEU C 174 32.50 12.69 7.74
CA LEU C 174 31.37 11.87 8.24
C LEU C 174 31.77 10.47 8.74
N GLY C 175 32.82 9.89 8.16
CA GLY C 175 33.44 8.65 8.63
C GLY C 175 33.80 8.65 10.12
N GLY C 176 34.03 9.84 10.67
CA GLY C 176 34.16 10.11 12.10
C GLY C 176 32.92 9.83 12.93
N GLU C 177 31.75 10.01 12.35
CA GLU C 177 30.51 9.83 13.10
C GLU C 177 29.82 8.48 12.83
N PHE C 178 30.06 7.86 11.66
CA PHE C 178 29.50 6.55 11.28
C PHE C 178 30.59 5.72 10.60
N ALA C 179 30.43 4.40 10.62
CA ALA C 179 31.34 3.54 9.93
C ALA C 179 31.09 3.58 8.42
N VAL C 180 32.05 4.09 7.65
CA VAL C 180 32.00 4.15 6.18
C VAL C 180 33.02 3.12 5.67
N GLN C 181 32.54 2.06 5.03
CA GLN C 181 33.43 1.09 4.37
C GLN C 181 34.68 1.73 3.77
N ASN C 182 35.85 1.14 4.07
CA ASN C 182 37.16 1.58 3.56
C ASN C 182 37.81 2.73 4.32
N TYR C 183 37.06 3.64 4.91
CA TYR C 183 37.67 4.78 5.59
C TYR C 183 38.43 4.29 6.83
N ASN C 184 37.91 3.23 7.43
CA ASN C 184 38.65 2.42 8.41
C ASN C 184 39.47 3.20 9.43
N VAL C 185 40.79 3.12 9.39
CA VAL C 185 41.54 3.67 10.51
C VAL C 185 41.37 5.20 10.54
N MET C 186 41.15 5.84 9.39
CA MET C 186 40.96 7.28 9.40
C MET C 186 39.63 7.62 10.09
N GLY C 187 38.63 6.77 9.98
CA GLY C 187 37.37 7.12 10.62
C GLY C 187 37.52 7.17 12.14
N VAL C 188 38.34 6.26 12.68
CA VAL C 188 38.52 6.27 14.13
C VAL C 188 39.43 7.43 14.53
N ALA C 189 40.30 7.88 13.66
CA ALA C 189 41.12 9.04 13.96
C ALA C 189 40.24 10.32 13.92
N LYS C 190 39.27 10.37 13.00
CA LYS C 190 38.36 11.52 12.89
C LYS C 190 37.37 11.51 14.05
N ALA C 191 36.97 10.35 14.55
CA ALA C 191 36.14 10.34 15.76
C ALA C 191 36.91 11.04 16.86
N SER C 192 38.18 10.65 16.97
CA SER C 192 39.10 11.15 17.99
C SER C 192 39.32 12.66 17.78
N LEU C 193 39.51 13.07 16.53
CA LEU C 193 39.64 14.49 16.22
C LEU C 193 38.38 15.31 16.63
N GLU C 194 37.20 14.81 16.30
CA GLU C 194 35.98 15.55 16.59
C GLU C 194 35.80 15.68 18.12
N ALA C 195 36.21 14.69 18.90
CA ALA C 195 36.14 14.83 20.36
C ALA C 195 37.19 15.83 20.86
N ASN C 196 38.37 15.78 20.24
CA ASN C 196 39.48 16.72 20.45
C ASN C 196 38.99 18.18 20.31
N VAL C 197 38.18 18.41 19.29
CA VAL C 197 37.59 19.71 19.10
C VAL C 197 36.67 20.07 20.28
N LYS C 198 35.86 19.13 20.74
CA LYS C 198 34.96 19.41 21.86
C LYS C 198 35.76 19.68 23.13
N TYR C 199 36.83 18.92 23.36
CA TYR C 199 37.57 19.07 24.61
C TYR C 199 38.42 20.33 24.58
N LEU C 200 38.90 20.69 23.39
CA LEU C 200 39.67 21.93 23.28
C LEU C 200 38.74 23.12 23.45
N ALA C 201 37.55 23.03 22.88
CA ALA C 201 36.59 24.12 22.99
C ALA C 201 36.25 24.42 24.44
N LEU C 202 35.99 23.38 25.24
CA LEU C 202 35.72 23.53 26.66
C LEU C 202 36.94 24.13 27.35
N ASP C 203 38.13 23.59 27.06
CA ASP C 203 39.37 24.07 27.68
C ASP C 203 39.68 25.54 27.39
N LEU C 204 39.56 25.98 26.15
CA LEU C 204 40.08 27.28 25.68
C LEU C 204 38.98 28.35 25.60
N GLY C 205 37.73 27.93 25.73
CA GLY C 205 36.60 28.86 25.82
C GLY C 205 36.86 30.06 26.72
N PRO C 206 37.18 29.81 28.01
CA PRO C 206 37.42 30.94 28.92
C PRO C 206 38.54 31.87 28.44
N ASP C 207 39.38 31.44 27.51
CA ASP C 207 40.34 32.34 26.86
C ASP C 207 39.81 32.99 25.58
N ASN C 208 38.50 32.93 25.36
CA ASN C 208 37.88 33.36 24.10
C ASN C 208 38.54 32.77 22.81
N ILE C 209 38.98 31.52 22.87
CA ILE C 209 39.40 30.83 21.63
C ILE C 209 38.33 29.79 21.30
N ARG C 210 37.68 29.97 20.15
CA ARG C 210 36.63 29.05 19.73
C ARG C 210 37.28 27.91 18.94
N VAL C 211 36.80 26.68 19.14
CA VAL C 211 37.34 25.55 18.36
C VAL C 211 36.19 24.80 17.69
N ASN C 212 36.31 24.48 16.40
CA ASN C 212 35.21 23.94 15.63
C ASN C 212 35.76 23.05 14.53
N ALA C 213 34.88 22.25 13.93
CA ALA C 213 35.27 21.34 12.85
C ALA C 213 34.39 21.61 11.64
N ILE C 214 34.95 21.50 10.43
CA ILE C 214 34.18 21.39 9.20
C ILE C 214 34.24 19.95 8.70
N SER C 215 33.06 19.39 8.48
CA SER C 215 32.94 18.03 7.97
C SER C 215 32.67 18.15 6.49
N ALA C 216 33.72 17.97 5.69
CA ALA C 216 33.58 18.17 4.26
C ALA C 216 33.10 16.89 3.56
N GLY C 217 32.27 17.07 2.55
CA GLY C 217 32.00 15.98 1.62
C GLY C 217 33.24 15.57 0.84
N PRO C 218 33.20 14.42 0.13
CA PRO C 218 34.33 13.98 -0.72
C PRO C 218 34.76 15.03 -1.76
N ILE C 219 36.04 15.38 -1.80
CA ILE C 219 36.61 16.27 -2.81
C ILE C 219 37.85 15.59 -3.40
N ARG C 220 38.03 15.68 -4.71
CA ARG C 220 39.17 15.07 -5.36
C ARG C 220 40.44 15.82 -4.98
N THR C 221 41.17 15.25 -4.04
CA THR C 221 42.49 15.73 -3.67
C THR C 221 43.55 14.60 -3.77
N LEU C 222 44.80 14.93 -3.47
CA LEU C 222 45.88 13.98 -3.53
C LEU C 222 45.68 12.86 -2.50
N SER C 223 45.30 13.23 -1.28
CA SER C 223 45.09 12.20 -0.26
C SER C 223 43.90 11.30 -0.55
N ALA C 224 42.85 11.88 -1.15
CA ALA C 224 41.67 11.14 -1.57
C ALA C 224 42.03 10.02 -2.54
N LYS C 225 43.13 10.19 -3.25
CA LYS C 225 43.57 9.14 -4.17
C LYS C 225 43.91 7.86 -3.44
N GLY C 226 44.27 7.96 -2.16
CA GLY C 226 44.66 6.76 -1.43
C GLY C 226 43.51 6.02 -0.75
N VAL C 227 42.30 6.56 -0.80
CA VAL C 227 41.19 5.96 -0.07
C VAL C 227 40.39 4.99 -0.95
N GLY C 228 40.30 3.72 -0.61
CA GLY C 228 39.49 2.83 -1.42
C GLY C 228 38.06 3.29 -1.60
N GLY C 229 37.50 3.09 -2.80
CA GLY C 229 36.09 3.37 -3.05
C GLY C 229 35.77 4.85 -3.11
N PHE C 230 36.76 5.72 -3.06
CA PHE C 230 36.44 7.16 -3.07
C PHE C 230 35.57 7.55 -4.28
N ASN C 231 35.87 7.04 -5.47
CA ASN C 231 35.10 7.39 -6.66
C ASN C 231 33.62 7.04 -6.56
N THR C 232 33.31 5.84 -6.10
CA THR C 232 31.92 5.48 -6.01
C THR C 232 31.14 6.28 -4.92
N ILE C 233 31.82 6.77 -3.90
CA ILE C 233 31.22 7.67 -2.91
C ILE C 233 30.84 9.01 -3.57
N LEU C 234 31.75 9.56 -4.37
CA LEU C 234 31.46 10.80 -5.10
C LEU C 234 30.16 10.71 -5.89
N LYS C 235 29.98 9.55 -6.51
CA LYS C 235 28.81 9.29 -7.32
C LYS C 235 27.59 9.14 -6.40
N GLU C 236 27.77 8.48 -5.27
CA GLU C 236 26.60 8.28 -4.46
C GLU C 236 26.11 9.62 -3.92
N ILE C 237 27.03 10.54 -3.62
CA ILE C 237 26.64 11.89 -3.22
C ILE C 237 25.75 12.58 -4.24
N GLU C 238 26.08 12.46 -5.53
CA GLU C 238 25.35 13.16 -6.60
C GLU C 238 23.94 12.63 -6.68
N GLU C 239 23.81 11.31 -6.52
CA GLU C 239 22.53 10.66 -6.63
C GLU C 239 21.65 10.81 -5.41
N ARG C 240 22.25 10.88 -4.22
CA ARG C 240 21.54 10.64 -2.96
CA ARG C 240 21.53 10.64 -2.97
C ARG C 240 21.49 11.84 -2.02
N ALA C 241 22.43 12.77 -2.16
CA ALA C 241 22.52 13.89 -1.21
C ALA C 241 21.44 14.87 -1.58
N PRO C 242 20.92 15.62 -0.60
CA PRO C 242 19.89 16.62 -0.86
C PRO C 242 20.15 17.58 -2.04
N LEU C 243 21.37 18.08 -2.22
CA LEU C 243 21.61 19.08 -3.24
C LEU C 243 21.86 18.37 -4.57
N LYS C 244 22.00 17.04 -4.51
CA LYS C 244 22.31 16.25 -5.69
C LYS C 244 23.61 16.66 -6.37
N ARG C 245 24.64 17.03 -5.61
CA ARG C 245 25.89 17.45 -6.23
C ARG C 245 26.99 17.38 -5.20
N ASN C 246 28.22 17.34 -5.69
CA ASN C 246 29.37 17.33 -4.80
C ASN C 246 29.76 18.77 -4.42
N VAL C 247 30.53 18.93 -3.36
CA VAL C 247 30.94 20.25 -2.91
C VAL C 247 32.36 20.45 -3.41
N ASP C 248 32.85 21.68 -3.38
CA ASP C 248 34.27 21.87 -3.66
C ASP C 248 35.01 22.60 -2.56
N GLN C 249 36.32 22.75 -2.79
CA GLN C 249 37.20 23.38 -1.80
C GLN C 249 36.79 24.80 -1.42
N VAL C 250 36.29 25.59 -2.37
CA VAL C 250 35.97 27.02 -2.15
C VAL C 250 34.77 27.04 -1.19
N GLU C 251 33.91 26.06 -1.35
CA GLU C 251 32.79 25.93 -0.44
C GLU C 251 33.20 25.53 1.00
N VAL C 252 34.21 24.67 1.17
CA VAL C 252 34.79 24.56 2.51
C VAL C 252 35.37 25.90 3.02
N GLY C 253 36.03 26.61 2.10
CA GLY C 253 36.59 27.96 2.32
C GLY C 253 35.61 29.01 2.84
N LYS C 254 34.47 29.11 2.17
CA LYS C 254 33.38 29.97 2.60
C LYS C 254 32.95 29.62 4.03
N THR C 255 32.71 28.35 4.36
CA THR C 255 32.35 28.05 5.74
C THR C 255 33.48 28.32 6.73
N ALA C 256 34.73 28.08 6.33
CA ALA C 256 35.91 28.43 7.13
C ALA C 256 35.96 29.93 7.45
N ALA C 257 35.77 30.78 6.43
CA ALA C 257 35.68 32.22 6.61
C ALA C 257 34.65 32.54 7.68
N TYR C 258 33.50 31.88 7.65
CA TYR C 258 32.50 32.10 8.68
C TYR C 258 33.05 31.68 10.04
N LEU C 259 33.53 30.43 10.17
CA LEU C 259 34.00 29.91 11.47
C LEU C 259 35.15 30.73 12.05
N LEU C 260 36.01 31.27 11.19
CA LEU C 260 37.22 31.96 11.59
C LEU C 260 36.96 33.44 11.87
N SER C 261 35.76 33.93 11.61
CA SER C 261 35.51 35.34 11.81
C SER C 261 34.45 35.58 12.88
N ASP C 262 34.14 36.85 13.08
CA ASP C 262 33.23 37.26 14.13
C ASP C 262 31.78 36.90 13.82
N LEU C 263 31.49 36.61 12.56
CA LEU C 263 30.15 36.12 12.22
C LEU C 263 29.76 34.92 13.08
N SER C 264 30.75 34.14 13.53
CA SER C 264 30.43 32.93 14.27
C SER C 264 30.75 33.03 15.75
N SER C 265 30.70 34.25 16.28
N SER C 265 30.85 34.25 16.28
CA SER C 265 31.19 34.58 17.62
CA SER C 265 30.86 34.43 17.74
C SER C 265 30.68 33.74 18.81
C SER C 265 29.67 33.70 18.36
N GLY C 266 29.47 33.18 18.70
N GLY C 266 29.88 33.03 19.48
CA GLY C 266 28.86 32.39 19.78
CA GLY C 266 28.83 32.20 20.06
C GLY C 266 28.91 30.87 19.59
C GLY C 266 28.87 30.74 19.61
N VAL C 267 29.67 30.45 18.58
CA VAL C 267 29.76 29.09 18.07
C VAL C 267 31.08 28.41 18.43
N THR C 268 31.01 27.37 19.24
CA THR C 268 32.21 26.62 19.58
C THR C 268 31.87 25.18 19.92
N GLY C 269 32.82 24.27 19.72
CA GLY C 269 32.61 22.83 19.89
C GLY C 269 31.68 22.24 18.84
N GLU C 270 31.49 22.93 17.72
CA GLU C 270 30.48 22.62 16.74
C GLU C 270 31.14 21.89 15.56
N ASN C 271 30.37 21.14 14.78
CA ASN C 271 30.82 20.48 13.57
C ASN C 271 29.84 20.80 12.43
N ILE C 272 30.23 21.65 11.48
CA ILE C 272 29.38 22.05 10.34
C ILE C 272 29.69 21.24 9.09
N HIS C 273 28.68 20.48 8.66
CA HIS C 273 28.83 19.54 7.56
C HIS C 273 28.72 20.34 6.29
N VAL C 274 29.79 20.41 5.51
CA VAL C 274 29.67 21.09 4.22
C VAL C 274 29.64 20.01 3.15
N ASP C 275 28.48 19.41 2.92
CA ASP C 275 28.46 18.12 2.25
C ASP C 275 27.17 17.84 1.48
N SER C 276 26.55 18.92 1.00
CA SER C 276 25.32 18.84 0.21
C SER C 276 24.15 18.24 0.97
N GLY C 277 24.26 18.19 2.31
CA GLY C 277 23.18 17.65 3.12
C GLY C 277 23.29 16.17 3.43
N PHE C 278 24.29 15.49 2.88
CA PHE C 278 24.39 14.04 2.95
C PHE C 278 24.34 13.51 4.40
N HIS C 279 24.90 14.26 5.36
CA HIS C 279 24.98 13.80 6.76
C HIS C 279 23.56 13.61 7.32
N ALA C 280 22.59 14.31 6.73
CA ALA C 280 21.28 14.39 7.35
C ALA C 280 20.33 13.29 6.88
N ILE C 281 20.75 12.54 5.87
CA ILE C 281 19.85 11.55 5.29
C ILE C 281 20.35 10.15 5.58
N LYS C 282 19.49 9.19 5.29
CA LYS C 282 19.87 7.80 5.38
C LYS C 282 19.05 7.03 4.33
N ASN D 29 19.74 -17.53 29.98
CA ASN D 29 20.52 -18.74 30.36
C ASN D 29 21.74 -19.02 29.49
N LEU D 30 22.89 -19.10 30.15
CA LEU D 30 24.15 -19.04 29.43
C LEU D 30 25.02 -20.29 29.62
N GLU D 31 24.39 -21.40 29.97
CA GLU D 31 25.06 -22.68 30.06
C GLU D 31 25.65 -23.08 28.72
N ASN D 32 26.80 -23.74 28.70
CA ASN D 32 27.44 -24.09 27.42
C ASN D 32 27.84 -22.86 26.60
N LYS D 33 27.77 -21.69 27.22
CA LYS D 33 28.41 -20.51 26.68
C LYS D 33 29.74 -20.31 27.39
N THR D 34 30.71 -19.72 26.69
CA THR D 34 32.02 -19.39 27.23
C THR D 34 32.45 -17.96 26.88
N TYR D 35 32.84 -17.19 27.88
CA TYR D 35 33.10 -15.77 27.66
C TYR D 35 34.43 -15.41 28.30
N VAL D 36 35.22 -14.59 27.61
CA VAL D 36 36.49 -14.12 28.18
C VAL D 36 36.22 -12.73 28.74
N ILE D 37 36.64 -12.53 29.99
CA ILE D 37 36.44 -11.24 30.65
C ILE D 37 37.79 -10.61 30.94
N MET D 38 38.08 -9.53 30.22
CA MET D 38 39.30 -8.76 30.41
C MET D 38 39.11 -7.57 31.33
N GLY D 39 39.95 -7.43 32.36
CA GLY D 39 40.01 -6.18 33.10
C GLY D 39 39.47 -6.17 34.52
N ILE D 40 39.40 -7.33 35.18
CA ILE D 40 39.21 -7.32 36.63
C ILE D 40 40.51 -6.99 37.38
N ALA D 41 40.41 -6.03 38.30
CA ALA D 41 41.54 -5.65 39.17
C ALA D 41 41.24 -5.98 40.64
N ASN D 42 40.00 -5.78 41.06
CA ASN D 42 39.51 -6.06 42.41
C ASN D 42 37.99 -6.25 42.46
N LYS D 43 37.43 -6.37 43.67
CA LYS D 43 35.99 -6.61 43.86
C LYS D 43 35.12 -5.54 43.21
N ARG D 44 35.67 -4.33 43.06
CA ARG D 44 34.91 -3.20 42.53
C ARG D 44 34.98 -3.05 41.02
N SER D 45 35.79 -3.84 40.35
CA SER D 45 35.91 -3.63 38.92
C SER D 45 34.56 -3.87 38.23
N ILE D 46 34.26 -3.02 37.25
CA ILE D 46 33.07 -3.24 36.44
C ILE D 46 33.06 -4.68 35.90
N ALA D 47 34.24 -5.17 35.54
CA ALA D 47 34.31 -6.55 35.06
C ALA D 47 33.89 -7.60 36.12
N PHE D 48 34.05 -7.33 37.41
CA PHE D 48 33.64 -8.37 38.36
C PHE D 48 32.12 -8.42 38.44
N GLY D 49 31.47 -7.27 38.22
CA GLY D 49 30.01 -7.21 38.15
C GLY D 49 29.48 -8.02 36.98
N VAL D 50 30.16 -7.92 35.84
CA VAL D 50 29.84 -8.74 34.68
C VAL D 50 30.07 -10.22 35.01
N ALA D 51 31.14 -10.50 35.75
CA ALA D 51 31.47 -11.86 36.03
C ALA D 51 30.37 -12.52 36.84
N LYS D 52 29.95 -11.85 37.91
CA LYS D 52 28.94 -12.38 38.80
C LYS D 52 27.65 -12.65 38.02
N VAL D 53 27.28 -11.74 37.15
CA VAL D 53 26.05 -11.90 36.42
C VAL D 53 26.09 -13.08 35.43
N LEU D 54 27.11 -13.12 34.56
CA LEU D 54 27.35 -14.28 33.67
C LEU D 54 27.50 -15.58 34.47
N ASP D 55 28.25 -15.51 35.57
CA ASP D 55 28.51 -16.70 36.38
C ASP D 55 27.18 -17.20 36.89
N GLN D 56 26.40 -16.28 37.48
CA GLN D 56 25.07 -16.59 37.96
C GLN D 56 24.15 -17.09 36.85
N LEU D 57 24.33 -16.64 35.61
CA LEU D 57 23.53 -17.17 34.48
C LEU D 57 24.02 -18.54 33.94
N GLY D 58 25.06 -19.10 34.53
CA GLY D 58 25.57 -20.43 34.16
C GLY D 58 26.66 -20.49 33.11
N ALA D 59 27.19 -19.33 32.69
CA ALA D 59 28.29 -19.31 31.71
C ALA D 59 29.59 -19.91 32.27
N LYS D 60 30.44 -20.47 31.40
CA LYS D 60 31.84 -20.76 31.73
C LYS D 60 32.67 -19.51 31.41
N LEU D 61 33.51 -19.08 32.36
CA LEU D 61 34.26 -17.80 32.23
C LEU D 61 35.76 -18.02 32.20
N VAL D 62 36.44 -17.28 31.34
CA VAL D 62 37.89 -17.21 31.30
C VAL D 62 38.24 -15.75 31.62
N PHE D 63 39.32 -15.53 32.36
CA PHE D 63 39.69 -14.18 32.78
C PHE D 63 41.08 -13.74 32.32
N THR D 64 41.21 -12.50 31.90
CA THR D 64 42.54 -11.98 31.61
C THR D 64 42.89 -10.79 32.49
N TYR D 65 44.16 -10.64 32.83
CA TYR D 65 44.60 -9.67 33.85
C TYR D 65 45.97 -9.15 33.42
N ARG D 66 46.34 -7.95 33.86
CA ARG D 66 47.69 -7.42 33.56
C ARG D 66 48.68 -7.56 34.73
N LYS D 67 48.26 -7.11 35.90
CA LYS D 67 49.14 -6.95 37.03
C LYS D 67 49.14 -8.25 37.86
N GLU D 68 50.22 -8.56 38.57
CA GLU D 68 50.23 -9.76 39.39
C GLU D 68 49.19 -9.73 40.49
N ARG D 69 48.97 -8.54 41.03
CA ARG D 69 48.04 -8.38 42.16
C ARG D 69 46.63 -8.70 41.69
N SER D 70 46.37 -8.50 40.41
CA SER D 70 45.03 -8.80 39.93
C SER D 70 44.78 -10.31 39.82
N ARG D 71 45.81 -11.06 39.40
CA ARG D 71 45.78 -12.52 39.51
C ARG D 71 45.43 -12.93 40.93
N LYS D 72 46.21 -12.47 41.92
CA LYS D 72 45.88 -12.76 43.32
C LYS D 72 44.45 -12.35 43.70
N GLU D 73 44.07 -11.12 43.39
CA GLU D 73 42.72 -10.64 43.67
C GLU D 73 41.71 -11.58 43.00
N LEU D 74 41.92 -11.85 41.71
CA LEU D 74 41.11 -12.78 40.95
C LEU D 74 40.96 -14.14 41.63
N GLU D 75 42.07 -14.73 42.11
CA GLU D 75 42.01 -16.09 42.63
C GLU D 75 41.09 -16.15 43.83
N LYS D 76 41.12 -15.10 44.65
CA LYS D 76 40.24 -15.00 45.82
C LYS D 76 38.79 -14.67 45.42
N LEU D 77 38.58 -13.74 44.50
CA LEU D 77 37.23 -13.43 44.03
C LEU D 77 36.55 -14.61 43.36
N LEU D 78 37.30 -15.47 42.70
CA LEU D 78 36.74 -16.68 42.08
C LEU D 78 36.06 -17.64 43.07
N GLU D 79 36.35 -17.49 44.35
CA GLU D 79 35.73 -18.36 45.35
C GLU D 79 34.26 -18.01 45.57
N GLN D 80 33.90 -16.77 45.22
CA GLN D 80 32.52 -16.28 45.27
C GLN D 80 31.71 -16.82 44.10
N LEU D 81 32.37 -17.12 42.98
CA LEU D 81 31.67 -17.53 41.75
C LEU D 81 31.45 -19.04 41.70
N ASN D 82 30.83 -19.51 40.63
CA ASN D 82 30.48 -20.90 40.52
C ASN D 82 31.50 -21.71 39.74
N GLN D 83 32.47 -21.02 39.15
CA GLN D 83 33.43 -21.64 38.23
C GLN D 83 34.18 -22.83 38.83
N PRO D 84 34.06 -24.01 38.19
CA PRO D 84 34.61 -25.21 38.82
C PRO D 84 36.12 -25.27 38.57
N GLU D 85 36.64 -24.30 37.84
CA GLU D 85 38.08 -24.15 37.61
C GLU D 85 38.49 -22.72 37.21
N ALA D 86 39.77 -22.44 37.46
CA ALA D 86 40.32 -21.09 37.40
C ALA D 86 41.11 -20.86 36.10
N HIS D 87 40.44 -20.34 35.08
CA HIS D 87 41.06 -20.11 33.80
C HIS D 87 41.55 -18.67 33.72
N LEU D 88 42.83 -18.47 34.04
CA LEU D 88 43.42 -17.13 34.14
C LEU D 88 44.63 -16.99 33.19
N TYR D 89 44.71 -15.87 32.46
CA TYR D 89 45.77 -15.62 31.50
C TYR D 89 46.29 -14.20 31.69
N GLN D 90 47.60 -14.03 31.77
CA GLN D 90 48.12 -12.68 31.84
C GLN D 90 48.18 -12.06 30.44
N ILE D 91 47.46 -10.97 30.22
CA ILE D 91 47.57 -10.29 28.96
C ILE D 91 47.70 -8.80 29.20
N ASP D 92 48.85 -8.26 28.83
CA ASP D 92 48.98 -6.83 28.63
C ASP D 92 48.63 -6.43 27.19
N VAL D 93 47.58 -5.63 26.99
CA VAL D 93 47.11 -5.33 25.62
C VAL D 93 48.03 -4.37 24.84
N GLN D 94 49.11 -3.97 25.50
CA GLN D 94 50.14 -3.19 24.81
C GLN D 94 51.06 -4.06 23.95
N SER D 95 51.06 -5.36 24.23
CA SER D 95 51.84 -6.27 23.44
C SER D 95 50.92 -7.12 22.56
N ASP D 96 51.04 -6.93 21.25
CA ASP D 96 50.48 -7.86 20.26
C ASP D 96 50.69 -9.34 20.61
N GLU D 97 51.93 -9.69 20.93
CA GLU D 97 52.26 -11.10 21.16
C GLU D 97 51.47 -11.70 22.32
N GLU D 98 51.31 -10.92 23.39
CA GLU D 98 50.57 -11.39 24.55
C GLU D 98 49.08 -11.58 24.22
N VAL D 99 48.55 -10.67 23.41
CA VAL D 99 47.16 -10.80 23.04
C VAL D 99 47.03 -12.02 22.11
N ILE D 100 47.92 -12.11 21.11
CA ILE D 100 47.94 -13.25 20.19
C ILE D 100 48.08 -14.61 20.89
N ASN D 101 49.10 -14.74 21.74
CA ASN D 101 49.41 -15.97 22.47
C ASN D 101 48.36 -16.28 23.52
N GLY D 102 47.97 -15.24 24.24
CA GLY D 102 46.87 -15.33 25.19
C GLY D 102 45.68 -16.05 24.58
N PHE D 103 45.20 -15.50 23.47
CA PHE D 103 43.95 -16.00 22.94
C PHE D 103 44.15 -17.36 22.28
N GLU D 104 45.35 -17.56 21.72
CA GLU D 104 45.71 -18.89 21.24
C GLU D 104 45.70 -19.94 22.36
N GLN D 105 46.22 -19.59 23.52
CA GLN D 105 46.19 -20.54 24.63
C GLN D 105 44.76 -20.76 25.16
N ILE D 106 43.95 -19.70 25.19
CA ILE D 106 42.55 -19.83 25.62
C ILE D 106 41.81 -20.84 24.74
N GLY D 107 41.99 -20.70 23.43
CA GLY D 107 41.48 -21.67 22.45
C GLY D 107 41.95 -23.08 22.74
N LYS D 108 43.26 -23.25 22.91
CA LYS D 108 43.79 -24.57 23.20
C LYS D 108 43.20 -25.16 24.49
N ASP D 109 42.94 -24.31 25.50
CA ASP D 109 42.52 -24.78 26.82
C ASP D 109 41.03 -25.04 26.95
N VAL D 110 40.25 -24.22 26.27
CA VAL D 110 38.82 -24.13 26.54
C VAL D 110 37.96 -24.42 25.29
N GLY D 111 38.45 -24.10 24.09
CA GLY D 111 37.75 -24.43 22.86
C GLY D 111 37.32 -23.11 22.25
N ASN D 112 36.23 -23.12 21.49
CA ASN D 112 35.62 -21.90 20.98
C ASN D 112 34.85 -21.09 22.02
N ILE D 113 34.94 -19.77 21.88
CA ILE D 113 34.28 -18.89 22.85
C ILE D 113 33.06 -18.23 22.20
N ASP D 114 32.21 -17.66 23.04
CA ASP D 114 31.00 -17.02 22.57
C ASP D 114 31.06 -15.49 22.64
N GLY D 115 32.06 -14.95 23.33
CA GLY D 115 32.21 -13.51 23.30
C GLY D 115 33.30 -13.01 24.22
N VAL D 116 33.46 -11.71 24.23
CA VAL D 116 34.54 -11.06 24.96
C VAL D 116 33.95 -9.82 25.59
N TYR D 117 34.14 -9.73 26.90
CA TYR D 117 33.86 -8.47 27.57
C TYR D 117 35.16 -7.71 27.81
N HIS D 118 35.28 -6.57 27.12
CA HIS D 118 36.45 -5.71 27.25
C HIS D 118 36.21 -4.59 28.26
N SER D 119 36.96 -4.66 29.36
CA SER D 119 36.82 -3.66 30.43
C SER D 119 38.19 -3.05 30.78
N ILE D 120 38.86 -2.48 29.79
CA ILE D 120 40.25 -2.03 29.92
C ILE D 120 40.40 -0.59 29.44
N ALA D 121 41.05 0.25 30.24
CA ALA D 121 41.36 1.62 29.83
C ALA D 121 42.52 2.09 30.69
N PHE D 122 43.28 3.05 30.20
CA PHE D 122 44.34 3.69 30.98
C PHE D 122 44.70 5.07 30.42
N ALA D 123 44.98 5.98 31.34
CA ALA D 123 45.68 7.22 31.05
C ALA D 123 46.47 7.58 32.31
N ASN D 124 47.55 8.35 32.16
CA ASN D 124 48.32 8.84 33.31
C ASN D 124 47.48 9.86 34.03
N MET D 125 47.69 9.93 35.34
CA MET D 125 46.83 10.70 36.18
C MET D 125 46.92 12.19 35.91
N GLU D 126 48.10 12.72 35.62
CA GLU D 126 48.17 14.16 35.38
C GLU D 126 47.26 14.59 34.21
N ASP D 127 46.92 13.63 33.37
CA ASP D 127 46.13 13.89 32.21
C ASP D 127 44.63 13.87 32.51
N LEU D 128 44.24 13.56 33.75
CA LEU D 128 42.82 13.41 34.10
C LEU D 128 42.30 14.53 35.01
N ARG D 129 42.89 15.70 34.80
CA ARG D 129 42.66 16.87 35.62
C ARG D 129 43.38 17.99 34.88
N GLY D 130 43.07 19.24 35.19
CA GLY D 130 43.76 20.36 34.56
C GLY D 130 43.38 20.51 33.09
N ARG D 131 44.24 21.21 32.34
CA ARG D 131 43.93 21.67 30.99
C ARG D 131 44.19 20.56 29.97
N PHE D 132 43.17 20.17 29.22
CA PHE D 132 43.31 19.19 28.16
C PHE D 132 44.37 19.65 27.13
N SER D 133 44.40 20.95 26.83
CA SER D 133 45.33 21.47 25.81
C SER D 133 46.79 21.23 26.18
N GLU D 134 47.02 20.81 27.42
CA GLU D 134 48.37 20.56 27.87
C GLU D 134 48.78 19.10 27.78
N THR D 135 47.89 18.26 27.24
CA THR D 135 48.18 16.83 27.12
C THR D 135 49.42 16.54 26.26
N SER D 136 50.31 15.70 26.79
CA SER D 136 51.48 15.27 26.02
C SER D 136 51.13 14.23 24.96
N ARG D 137 51.96 14.20 23.91
CA ARG D 137 51.85 13.22 22.86
C ARG D 137 51.89 11.78 23.40
N GLU D 138 52.83 11.50 24.31
CA GLU D 138 52.98 10.20 24.94
CA GLU D 138 52.92 10.13 24.84
C GLU D 138 51.68 9.83 25.68
N GLY D 139 51.21 10.77 26.48
CA GLY D 139 50.01 10.53 27.27
C GLY D 139 48.82 10.35 26.33
N PHE D 140 48.74 11.17 25.29
CA PHE D 140 47.63 11.01 24.38
C PHE D 140 47.65 9.63 23.69
N LEU D 141 48.86 9.20 23.29
CA LEU D 141 48.97 8.00 22.51
C LEU D 141 48.85 6.75 23.39
N LEU D 142 49.33 6.86 24.63
CA LEU D 142 49.14 5.78 25.60
C LEU D 142 47.65 5.46 25.76
N ALA D 143 46.88 6.52 26.00
CA ALA D 143 45.47 6.30 26.23
C ALA D 143 44.77 5.68 24.99
N GLN D 144 45.12 6.13 23.79
CA GLN D 144 44.57 5.52 22.57
C GLN D 144 44.89 4.04 22.44
N ASP D 145 46.14 3.72 22.77
CA ASP D 145 46.69 2.39 22.62
C ASP D 145 45.90 1.45 23.52
N ILE D 146 45.88 1.74 24.81
CA ILE D 146 45.29 0.82 25.78
C ILE D 146 43.77 0.87 25.71
N SER D 147 43.22 2.06 25.48
CA SER D 147 41.79 2.27 25.71
C SER D 147 40.98 2.08 24.41
N SER D 148 41.66 2.04 23.28
CA SER D 148 40.95 1.99 22.00
C SER D 148 41.52 0.93 21.10
N TYR D 149 42.80 1.06 20.72
CA TYR D 149 43.38 0.06 19.82
C TYR D 149 43.20 -1.37 20.38
N SER D 150 43.35 -1.56 21.69
CA SER D 150 43.29 -2.91 22.23
C SER D 150 42.03 -3.70 21.80
N LEU D 151 40.92 -2.99 21.59
CA LEU D 151 39.69 -3.68 21.22
C LEU D 151 39.90 -4.33 19.85
N THR D 152 40.63 -3.61 18.99
CA THR D 152 40.81 -4.01 17.60
C THR D 152 41.59 -5.32 17.49
N ILE D 153 42.72 -5.40 18.20
CA ILE D 153 43.56 -6.58 18.17
C ILE D 153 42.92 -7.74 18.96
N VAL D 154 42.25 -7.40 20.06
CA VAL D 154 41.43 -8.41 20.73
C VAL D 154 40.38 -9.02 19.81
N ALA D 155 39.66 -8.17 19.09
CA ALA D 155 38.60 -8.61 18.17
C ALA D 155 39.20 -9.49 17.08
N HIS D 156 40.28 -9.03 16.44
CA HIS D 156 41.02 -9.87 15.49
C HIS D 156 41.37 -11.27 16.04
N GLU D 157 41.86 -11.34 17.28
CA GLU D 157 42.38 -12.62 17.77
C GLU D 157 41.23 -13.50 18.26
N ALA D 158 40.26 -12.86 18.90
CA ALA D 158 39.12 -13.58 19.44
C ALA D 158 38.23 -14.17 18.34
N LYS D 159 38.14 -13.45 17.22
CA LYS D 159 37.46 -13.93 16.03
C LYS D 159 37.86 -15.36 15.66
N LYS D 160 39.12 -15.71 15.87
CA LYS D 160 39.62 -17.04 15.54
C LYS D 160 38.94 -18.12 16.37
N LEU D 161 38.38 -17.71 17.51
CA LEU D 161 37.73 -18.59 18.48
C LEU D 161 36.21 -18.52 18.35
N MET D 162 35.75 -17.82 17.32
CA MET D 162 34.31 -17.66 17.11
C MET D 162 33.87 -17.96 15.68
N PRO D 163 34.10 -19.20 15.20
CA PRO D 163 33.85 -19.46 13.79
C PRO D 163 32.37 -19.48 13.45
N GLU D 164 31.49 -19.68 14.43
CA GLU D 164 30.08 -19.56 14.11
C GLU D 164 29.46 -18.30 14.68
N GLY D 165 30.29 -17.27 14.89
CA GLY D 165 29.80 -15.99 15.40
C GLY D 165 30.00 -15.77 16.88
N GLY D 166 29.73 -14.55 17.34
CA GLY D 166 29.67 -14.27 18.77
C GLY D 166 29.41 -12.81 19.04
N SER D 167 29.94 -12.33 20.17
CA SER D 167 29.56 -11.02 20.63
C SER D 167 30.66 -10.32 21.41
N ILE D 168 31.05 -9.10 21.00
CA ILE D 168 32.13 -8.40 21.71
C ILE D 168 31.59 -7.09 22.32
N VAL D 169 31.73 -6.97 23.63
CA VAL D 169 31.25 -5.77 24.28
C VAL D 169 32.43 -5.03 24.87
N ALA D 170 32.51 -3.72 24.58
CA ALA D 170 33.43 -2.81 25.27
C ALA D 170 32.70 -1.76 26.14
N THR D 171 33.42 -1.21 27.13
CA THR D 171 32.88 -0.28 28.12
C THR D 171 33.35 1.15 27.85
N THR D 172 32.39 2.07 27.67
CA THR D 172 32.76 3.46 27.44
C THR D 172 32.07 4.40 28.46
N TYR D 173 32.24 5.69 28.25
CA TYR D 173 31.72 6.69 29.17
C TYR D 173 31.24 7.87 28.33
N LEU D 174 30.18 8.52 28.78
CA LEU D 174 29.56 9.69 28.14
C LEU D 174 30.57 10.73 27.69
N GLY D 175 31.68 10.80 28.43
CA GLY D 175 32.84 11.58 28.06
C GLY D 175 33.37 11.36 26.64
N GLY D 176 33.02 10.24 26.02
CA GLY D 176 33.41 10.08 24.60
C GLY D 176 32.50 10.83 23.63
N GLU D 177 31.34 11.30 24.13
CA GLU D 177 30.30 11.92 23.31
C GLU D 177 30.26 13.42 23.53
N PHE D 178 30.55 13.84 24.76
CA PHE D 178 30.53 15.23 25.16
C PHE D 178 31.83 15.54 25.89
N ALA D 179 32.28 16.78 25.84
CA ALA D 179 33.41 17.17 26.68
C ALA D 179 32.96 17.33 28.12
N VAL D 180 33.46 16.43 28.96
CA VAL D 180 33.24 16.46 30.39
C VAL D 180 34.53 16.98 31.05
N GLN D 181 34.46 18.08 31.78
CA GLN D 181 35.52 18.52 32.67
C GLN D 181 36.42 17.39 33.27
N ASN D 182 37.73 17.50 33.11
CA ASN D 182 38.68 16.58 33.76
C ASN D 182 38.92 15.26 33.03
N TYR D 183 37.91 14.76 32.32
CA TYR D 183 38.02 13.47 31.70
C TYR D 183 39.02 13.51 30.55
N ASN D 184 39.08 14.66 29.88
CA ASN D 184 40.18 15.04 29.01
C ASN D 184 40.65 13.93 28.07
N VAL D 185 41.91 13.51 28.19
CA VAL D 185 42.48 12.59 27.20
C VAL D 185 41.70 11.27 27.13
N MET D 186 41.08 10.84 28.25
CA MET D 186 40.23 9.67 28.22
C MET D 186 38.94 9.87 27.43
N GLY D 187 38.42 11.10 27.40
CA GLY D 187 37.28 11.43 26.56
C GLY D 187 37.60 11.24 25.08
N VAL D 188 38.76 11.72 24.65
CA VAL D 188 39.16 11.52 23.27
C VAL D 188 39.50 10.05 23.01
N ALA D 189 40.06 9.31 23.96
CA ALA D 189 40.24 7.88 23.79
C ALA D 189 38.90 7.14 23.69
N LYS D 190 37.88 7.61 24.43
CA LYS D 190 36.58 6.97 24.40
C LYS D 190 35.84 7.27 23.09
N ALA D 191 36.00 8.48 22.55
CA ALA D 191 35.38 8.81 21.28
C ALA D 191 35.97 7.86 20.24
N SER D 192 37.27 7.64 20.34
CA SER D 192 38.00 6.71 19.49
C SER D 192 37.49 5.26 19.66
N LEU D 193 37.30 4.84 20.91
CA LEU D 193 36.76 3.51 21.19
C LEU D 193 35.37 3.32 20.55
N GLU D 194 34.54 4.35 20.65
CA GLU D 194 33.15 4.21 20.25
C GLU D 194 33.09 4.09 18.72
N ALA D 195 33.98 4.76 18.01
CA ALA D 195 34.05 4.60 16.56
C ALA D 195 34.70 3.27 16.21
N ASN D 196 35.65 2.82 17.01
CA ASN D 196 36.31 1.53 16.84
C ASN D 196 35.24 0.42 16.84
N VAL D 197 34.31 0.53 17.79
CA VAL D 197 33.14 -0.37 17.88
C VAL D 197 32.30 -0.35 16.60
N LYS D 198 32.05 0.84 16.06
CA LYS D 198 31.27 0.89 14.82
C LYS D 198 32.02 0.24 13.66
N TYR D 199 33.33 0.49 13.54
CA TYR D 199 34.06 -0.03 12.38
C TYR D 199 34.23 -1.54 12.51
N LEU D 200 34.45 -2.04 13.72
CA LEU D 200 34.46 -3.49 13.97
C LEU D 200 33.11 -4.16 13.70
N ALA D 201 32.02 -3.48 14.04
CA ALA D 201 30.72 -4.08 13.82
C ALA D 201 30.50 -4.24 12.31
N LEU D 202 30.84 -3.20 11.54
CA LEU D 202 30.69 -3.26 10.10
C LEU D 202 31.57 -4.38 9.54
N ASP D 203 32.83 -4.41 9.98
CA ASP D 203 33.79 -5.36 9.44
C ASP D 203 33.42 -6.80 9.79
N LEU D 204 33.02 -7.04 11.03
CA LEU D 204 32.91 -8.42 11.56
C LEU D 204 31.47 -8.98 11.39
N GLY D 205 30.57 -8.11 10.93
CA GLY D 205 29.14 -8.41 10.94
C GLY D 205 28.86 -9.61 10.05
N PRO D 206 29.59 -9.71 8.91
CA PRO D 206 29.41 -10.82 7.95
C PRO D 206 29.87 -12.15 8.51
N ASP D 207 30.62 -12.11 9.60
CA ASP D 207 31.10 -13.30 10.26
C ASP D 207 30.17 -13.63 11.41
N ASN D 208 29.10 -12.83 11.53
CA ASN D 208 28.12 -12.97 12.62
C ASN D 208 28.76 -12.68 13.98
N ILE D 209 29.72 -11.74 14.00
CA ILE D 209 30.22 -11.30 15.29
C ILE D 209 29.67 -9.91 15.53
N ARG D 210 28.97 -9.71 16.63
CA ARG D 210 28.43 -8.36 16.88
C ARG D 210 29.39 -7.65 17.84
N VAL D 211 29.44 -6.33 17.75
CA VAL D 211 30.35 -5.53 18.59
C VAL D 211 29.50 -4.35 19.04
N ASN D 212 29.45 -4.14 20.36
CA ASN D 212 28.62 -3.10 20.94
C ASN D 212 29.39 -2.49 22.12
N ALA D 213 28.87 -1.40 22.68
CA ALA D 213 29.46 -0.76 23.85
C ALA D 213 28.41 -0.55 24.93
N ILE D 214 28.85 -0.56 26.18
CA ILE D 214 27.99 -0.16 27.29
C ILE D 214 28.59 1.12 27.80
N SER D 215 27.85 2.22 27.69
CA SER D 215 28.29 3.49 28.30
C SER D 215 27.86 3.54 29.76
N ALA D 216 28.77 3.29 30.67
CA ALA D 216 28.40 3.16 32.09
C ALA D 216 28.35 4.52 32.74
N GLY D 217 27.38 4.75 33.61
CA GLY D 217 27.49 5.86 34.54
C GLY D 217 28.68 5.71 35.48
N PRO D 218 28.94 6.74 36.28
CA PRO D 218 30.07 6.74 37.21
C PRO D 218 29.89 5.77 38.39
N ILE D 219 30.91 4.95 38.64
CA ILE D 219 30.91 3.89 39.61
C ILE D 219 32.27 3.92 40.32
N ARG D 220 32.29 3.81 41.66
CA ARG D 220 33.55 3.84 42.37
C ARG D 220 34.39 2.58 42.13
N THR D 221 35.51 2.76 41.44
CA THR D 221 36.43 1.67 41.15
C THR D 221 37.85 2.12 41.41
N LEU D 222 38.78 1.16 41.50
CA LEU D 222 40.20 1.48 41.44
C LEU D 222 40.54 2.64 40.50
N SER D 223 40.27 2.50 39.20
CA SER D 223 40.64 3.56 38.25
C SER D 223 39.87 4.85 38.48
N ALA D 224 38.61 4.75 38.90
CA ALA D 224 37.80 5.95 39.11
C ALA D 224 38.46 6.91 40.10
N LYS D 225 39.21 6.39 41.08
CA LYS D 225 39.96 7.23 42.04
C LYS D 225 40.93 8.18 41.36
N GLY D 226 41.32 7.85 40.14
CA GLY D 226 42.39 8.56 39.47
C GLY D 226 41.89 9.71 38.62
N VAL D 227 40.57 9.88 38.55
CA VAL D 227 39.99 10.90 37.68
C VAL D 227 39.59 12.16 38.43
N GLY D 228 40.18 13.29 38.07
CA GLY D 228 39.86 14.55 38.75
C GLY D 228 38.37 14.86 38.83
N GLY D 229 37.87 15.03 40.05
CA GLY D 229 36.49 15.49 40.25
C GLY D 229 35.40 14.43 40.15
N PHE D 230 35.79 13.17 40.28
CA PHE D 230 34.83 12.05 40.23
C PHE D 230 33.73 12.13 41.29
N ASN D 231 34.06 12.49 42.53
CA ASN D 231 33.04 12.54 43.58
C ASN D 231 31.92 13.53 43.28
N THR D 232 32.28 14.68 42.74
CA THR D 232 31.30 15.70 42.39
C THR D 232 30.34 15.16 41.35
N ILE D 233 30.88 14.46 40.36
CA ILE D 233 30.06 13.90 39.29
C ILE D 233 29.08 12.81 39.78
N LEU D 234 29.56 11.91 40.64
CA LEU D 234 28.69 10.97 41.35
C LEU D 234 27.43 11.60 41.94
N LYS D 235 27.63 12.65 42.73
CA LYS D 235 26.54 13.39 43.34
C LYS D 235 25.63 14.13 42.34
N GLU D 236 26.19 14.71 41.29
CA GLU D 236 25.35 15.34 40.27
C GLU D 236 24.40 14.30 39.64
N ILE D 237 24.88 13.07 39.45
CA ILE D 237 24.03 12.06 38.87
C ILE D 237 22.75 11.91 39.70
N GLU D 238 22.87 11.72 41.03
CA GLU D 238 21.69 11.53 41.85
C GLU D 238 20.78 12.75 41.85
N GLU D 239 21.36 13.93 41.86
CA GLU D 239 20.55 15.12 41.81
C GLU D 239 19.80 15.26 40.47
N ARG D 240 20.46 14.93 39.36
CA ARG D 240 19.97 15.36 38.05
CA ARG D 240 19.96 15.37 38.06
C ARG D 240 19.52 14.23 37.12
N ALA D 241 20.01 13.00 37.29
CA ALA D 241 19.66 11.94 36.30
C ALA D 241 18.20 11.53 36.49
N PRO D 242 17.49 11.17 35.39
CA PRO D 242 16.09 10.73 35.51
C PRO D 242 15.80 9.74 36.67
N LEU D 243 16.65 8.74 36.89
CA LEU D 243 16.39 7.81 37.97
C LEU D 243 16.78 8.35 39.34
N LYS D 244 17.52 9.47 39.38
CA LYS D 244 17.83 10.13 40.64
C LYS D 244 18.63 9.19 41.56
N ARG D 245 19.41 8.29 41.00
CA ARG D 245 20.29 7.44 41.81
C ARG D 245 21.47 7.08 40.91
N ASN D 246 22.57 6.57 41.47
CA ASN D 246 23.67 6.06 40.68
C ASN D 246 23.47 4.60 40.30
N VAL D 247 24.24 4.15 39.31
CA VAL D 247 24.24 2.74 38.88
C VAL D 247 25.33 1.92 39.59
N ASP D 248 25.27 0.60 39.52
CA ASP D 248 26.37 -0.22 40.01
C ASP D 248 26.88 -1.25 38.97
N GLN D 249 27.86 -2.04 39.38
CA GLN D 249 28.59 -2.90 38.46
C GLN D 249 27.68 -4.03 37.98
N VAL D 250 26.80 -4.48 38.86
CA VAL D 250 25.87 -5.54 38.54
C VAL D 250 24.84 -5.02 37.47
N GLU D 251 24.50 -3.73 37.50
CA GLU D 251 23.66 -3.18 36.45
C GLU D 251 24.37 -3.15 35.10
N VAL D 252 25.66 -2.87 35.08
CA VAL D 252 26.44 -3.03 33.84
C VAL D 252 26.47 -4.51 33.46
N GLY D 253 26.75 -5.39 34.41
CA GLY D 253 26.72 -6.82 34.14
C GLY D 253 25.43 -7.33 33.53
N LYS D 254 24.29 -6.77 33.93
CA LYS D 254 22.99 -7.25 33.45
C LYS D 254 22.80 -6.88 31.98
N THR D 255 23.23 -5.68 31.61
CA THR D 255 23.16 -5.26 30.23
C THR D 255 24.24 -5.96 29.38
N ALA D 256 25.39 -6.30 29.98
CA ALA D 256 26.39 -7.14 29.35
C ALA D 256 25.80 -8.49 28.98
N ALA D 257 25.11 -9.14 29.93
CA ALA D 257 24.44 -10.41 29.69
C ALA D 257 23.51 -10.35 28.48
N TYR D 258 22.68 -9.32 28.40
CA TYR D 258 21.88 -9.04 27.22
C TYR D 258 22.74 -8.96 25.94
N LEU D 259 23.72 -8.06 25.91
CA LEU D 259 24.53 -7.86 24.71
C LEU D 259 25.32 -9.12 24.28
N LEU D 260 25.66 -9.98 25.23
CA LEU D 260 26.54 -11.12 24.98
C LEU D 260 25.71 -12.35 24.62
N SER D 261 24.40 -12.31 24.87
CA SER D 261 23.49 -13.39 24.55
C SER D 261 22.71 -13.17 23.24
N ASP D 262 21.97 -14.19 22.86
CA ASP D 262 21.04 -14.16 21.74
C ASP D 262 19.86 -13.21 21.92
N LEU D 263 19.53 -12.76 23.13
CA LEU D 263 18.52 -11.70 23.27
C LEU D 263 18.86 -10.45 22.45
N SER D 264 20.15 -10.23 22.19
CA SER D 264 20.47 -9.03 21.39
C SER D 264 20.81 -9.35 19.92
N SER D 265 20.40 -10.53 19.48
N SER D 265 20.39 -10.51 19.43
CA SER D 265 20.83 -11.03 18.16
CA SER D 265 20.54 -10.72 17.99
C SER D 265 20.80 -10.00 17.03
C SER D 265 19.91 -9.54 17.23
N GLY D 266 19.91 -9.02 17.11
N GLY D 266 20.57 -9.11 16.17
CA GLY D 266 19.71 -8.07 16.01
CA GLY D 266 20.14 -7.92 15.44
C GLY D 266 20.46 -6.76 16.11
C GLY D 266 20.68 -6.61 15.97
N VAL D 267 21.27 -6.65 17.17
CA VAL D 267 21.88 -5.41 17.66
C VAL D 267 23.39 -5.43 17.52
N THR D 268 23.94 -4.45 16.81
CA THR D 268 25.39 -4.35 16.68
C THR D 268 25.73 -2.91 16.26
N GLY D 269 26.93 -2.44 16.62
CA GLY D 269 27.32 -1.07 16.34
C GLY D 269 26.65 -0.14 17.36
N GLU D 270 26.06 -0.72 18.39
CA GLU D 270 25.25 0.09 19.29
C GLU D 270 26.01 0.49 20.58
N ASN D 271 25.57 1.60 21.19
CA ASN D 271 26.12 2.08 22.46
C ASN D 271 24.96 2.27 23.46
N ILE D 272 24.82 1.33 24.41
CA ILE D 272 23.75 1.34 25.38
C ILE D 272 24.20 2.01 26.69
N HIS D 273 23.50 3.09 27.07
CA HIS D 273 23.92 3.85 28.24
C HIS D 273 23.24 3.26 29.43
N VAL D 274 24.03 2.79 30.40
CA VAL D 274 23.53 2.25 31.65
C VAL D 274 23.95 3.26 32.70
N ASP D 275 23.17 4.34 32.80
CA ASP D 275 23.59 5.57 33.46
C ASP D 275 22.43 6.36 34.12
N SER D 276 21.39 5.64 34.54
CA SER D 276 20.27 6.27 35.22
C SER D 276 19.58 7.31 34.34
N GLY D 277 19.90 7.28 33.04
CA GLY D 277 19.23 8.12 32.04
C GLY D 277 19.92 9.46 31.83
N PHE D 278 21.11 9.62 32.40
CA PHE D 278 21.80 10.91 32.36
C PHE D 278 22.12 11.39 30.96
N HIS D 279 22.46 10.47 30.05
CA HIS D 279 22.79 10.82 28.67
C HIS D 279 21.68 11.59 27.98
N ALA D 280 20.44 11.39 28.42
CA ALA D 280 19.28 11.88 27.65
C ALA D 280 18.82 13.27 28.09
N ILE D 281 19.52 13.87 29.04
CA ILE D 281 19.08 15.14 29.58
C ILE D 281 20.20 16.14 29.41
N LYS D 282 19.92 17.38 29.78
CA LYS D 282 20.86 18.47 29.62
C LYS D 282 20.22 19.60 30.44
N ASN E 29 -18.37 17.54 -28.17
CA ASN E 29 -18.23 18.99 -27.85
C ASN E 29 -19.09 19.49 -26.70
N LEU E 30 -18.49 19.65 -25.52
CA LEU E 30 -19.24 19.82 -24.28
C LEU E 30 -19.34 21.29 -23.83
N GLU E 31 -19.18 22.22 -24.76
CA GLU E 31 -19.35 23.63 -24.43
C GLU E 31 -20.72 23.87 -23.82
N ASN E 32 -20.78 24.77 -22.85
CA ASN E 32 -22.06 25.06 -22.19
C ASN E 32 -22.62 23.95 -21.32
N LYS E 33 -21.97 22.79 -21.28
CA LYS E 33 -22.27 21.76 -20.28
C LYS E 33 -21.53 21.97 -18.98
N THR E 34 -22.08 21.42 -17.89
CA THR E 34 -21.44 21.44 -16.58
C THR E 34 -21.46 20.07 -15.92
N TYR E 35 -20.30 19.58 -15.48
CA TYR E 35 -20.25 18.28 -14.80
C TYR E 35 -19.59 18.36 -13.41
N VAL E 36 -20.13 17.62 -12.45
CA VAL E 36 -19.46 17.53 -11.17
C VAL E 36 -18.55 16.29 -11.23
N ILE E 37 -17.28 16.45 -10.82
CA ILE E 37 -16.38 15.33 -10.82
C ILE E 37 -16.03 15.05 -9.38
N MET E 38 -16.42 13.87 -8.92
CA MET E 38 -16.16 13.46 -7.55
C MET E 38 -15.00 12.48 -7.52
N GLY E 39 -13.98 12.80 -6.70
CA GLY E 39 -13.02 11.81 -6.27
C GLY E 39 -11.63 11.90 -6.85
N ILE E 40 -11.21 13.09 -7.25
CA ILE E 40 -9.80 13.36 -7.54
C ILE E 40 -8.96 13.47 -6.24
N ALA E 41 -7.88 12.71 -6.15
CA ALA E 41 -6.98 12.86 -4.98
C ALA E 41 -5.66 13.47 -5.43
N ASN E 42 -5.26 13.19 -6.68
CA ASN E 42 -3.98 13.63 -7.28
C ASN E 42 -3.96 13.39 -8.80
N LYS E 43 -2.84 13.72 -9.43
CA LYS E 43 -2.72 13.70 -10.88
C LYS E 43 -2.90 12.31 -11.48
N ARG E 44 -2.91 11.27 -10.64
CA ARG E 44 -2.99 9.90 -11.12
CA ARG E 44 -3.00 9.92 -11.17
C ARG E 44 -4.40 9.35 -10.97
N SER E 45 -5.23 10.06 -10.21
CA SER E 45 -6.62 9.61 -10.01
C SER E 45 -7.28 9.42 -11.35
N ILE E 46 -8.09 8.36 -11.42
CA ILE E 46 -8.88 8.13 -12.62
C ILE E 46 -9.74 9.34 -13.00
N ALA E 47 -10.35 9.93 -11.98
CA ALA E 47 -11.20 11.10 -12.16
C ALA E 47 -10.47 12.33 -12.75
N PHE E 48 -9.14 12.43 -12.62
CA PHE E 48 -8.40 13.49 -13.29
C PHE E 48 -8.23 13.24 -14.78
N GLY E 49 -8.11 11.97 -15.14
CA GLY E 49 -8.29 11.49 -16.52
C GLY E 49 -9.60 11.98 -17.10
N VAL E 50 -10.69 11.73 -16.39
CA VAL E 50 -11.98 12.23 -16.81
C VAL E 50 -11.94 13.75 -17.00
N ALA E 51 -11.34 14.47 -16.05
CA ALA E 51 -11.34 15.94 -16.08
C ALA E 51 -10.57 16.55 -17.26
N LYS E 52 -9.36 16.06 -17.52
CA LYS E 52 -8.61 16.46 -18.73
C LYS E 52 -9.44 16.31 -19.99
N VAL E 53 -10.19 15.21 -20.09
CA VAL E 53 -10.95 14.98 -21.31
C VAL E 53 -12.11 15.99 -21.42
N LEU E 54 -12.94 16.08 -20.38
CA LEU E 54 -14.09 16.98 -20.38
C LEU E 54 -13.65 18.44 -20.51
N ASP E 55 -12.57 18.83 -19.84
CA ASP E 55 -12.01 20.20 -19.95
C ASP E 55 -11.63 20.47 -21.40
N GLN E 56 -11.00 19.50 -22.07
CA GLN E 56 -10.53 19.65 -23.44
C GLN E 56 -11.72 19.88 -24.39
N LEU E 57 -12.87 19.30 -24.06
CA LEU E 57 -14.07 19.36 -24.90
C LEU E 57 -14.93 20.59 -24.59
N GLY E 58 -14.52 21.35 -23.59
CA GLY E 58 -15.14 22.66 -23.33
C GLY E 58 -16.08 22.68 -22.13
N ALA E 59 -16.24 21.54 -21.41
CA ALA E 59 -17.09 21.43 -20.24
C ALA E 59 -16.64 22.42 -19.19
N LYS E 60 -17.61 23.02 -18.49
CA LYS E 60 -17.30 23.76 -17.26
C LYS E 60 -17.32 22.67 -16.20
N LEU E 61 -16.35 22.62 -15.28
CA LEU E 61 -16.24 21.51 -14.30
C LEU E 61 -16.36 21.91 -12.82
N VAL E 62 -16.85 20.98 -11.97
CA VAL E 62 -16.95 21.30 -10.55
C VAL E 62 -16.30 20.13 -9.88
N PHE E 63 -15.38 20.39 -8.95
CA PHE E 63 -14.76 19.24 -8.28
C PHE E 63 -15.20 19.02 -6.83
N THR E 64 -15.33 17.76 -6.40
CA THR E 64 -15.52 17.52 -4.97
C THR E 64 -14.44 16.63 -4.38
N TYR E 65 -14.15 16.81 -3.08
CA TYR E 65 -13.01 16.12 -2.46
C TYR E 65 -13.33 15.79 -1.00
N ARG E 66 -12.49 14.95 -0.40
CA ARG E 66 -12.65 14.67 1.03
C ARG E 66 -11.50 15.29 1.88
N LYS E 67 -10.26 14.97 1.56
CA LYS E 67 -9.11 15.34 2.36
C LYS E 67 -8.54 16.71 2.01
N GLU E 68 -8.01 17.41 3.02
CA GLU E 68 -7.27 18.66 2.84
CA GLU E 68 -7.37 18.68 2.74
C GLU E 68 -6.27 18.51 1.67
N ARG E 69 -5.44 17.48 1.79
CA ARG E 69 -4.42 17.20 0.81
C ARG E 69 -5.02 17.10 -0.60
N SER E 70 -6.22 16.57 -0.72
CA SER E 70 -6.83 16.42 -2.03
C SER E 70 -7.22 17.78 -2.63
N ARG E 71 -7.82 18.65 -1.83
CA ARG E 71 -8.15 19.99 -2.32
C ARG E 71 -6.87 20.74 -2.73
N LYS E 72 -5.79 20.56 -1.97
CA LYS E 72 -4.49 21.14 -2.32
C LYS E 72 -4.03 20.69 -3.71
N GLU E 73 -4.12 19.38 -3.96
CA GLU E 73 -3.78 18.81 -5.25
C GLU E 73 -4.63 19.36 -6.40
N LEU E 74 -5.93 19.50 -6.16
CA LEU E 74 -6.90 20.06 -7.12
C LEU E 74 -6.52 21.48 -7.49
N GLU E 75 -6.22 22.28 -6.48
CA GLU E 75 -5.87 23.66 -6.73
C GLU E 75 -4.68 23.75 -7.68
N LYS E 76 -3.68 22.90 -7.47
CA LYS E 76 -2.52 22.81 -8.35
C LYS E 76 -2.90 22.22 -9.72
N LEU E 77 -3.78 21.21 -9.78
CA LEU E 77 -4.05 20.58 -11.07
C LEU E 77 -4.88 21.46 -12.00
N LEU E 78 -5.74 22.28 -11.41
CA LEU E 78 -6.49 23.28 -12.17
C LEU E 78 -5.63 24.17 -13.09
N GLU E 79 -4.38 24.45 -12.73
CA GLU E 79 -3.49 25.19 -13.63
C GLU E 79 -3.25 24.52 -14.97
N GLN E 80 -3.32 23.19 -14.99
CA GLN E 80 -3.20 22.42 -16.22
C GLN E 80 -4.47 22.48 -17.06
N LEU E 81 -5.57 22.91 -16.45
CA LEU E 81 -6.84 22.82 -17.15
C LEU E 81 -7.19 24.19 -17.69
N ASN E 82 -8.23 24.24 -18.53
CA ASN E 82 -8.71 25.49 -19.08
C ASN E 82 -9.81 26.11 -18.25
N GLN E 83 -10.13 25.56 -17.09
CA GLN E 83 -11.25 26.08 -16.33
C GLN E 83 -10.91 27.52 -15.95
N PRO E 84 -11.81 28.49 -16.26
CA PRO E 84 -11.43 29.84 -15.83
C PRO E 84 -11.62 30.02 -14.33
N GLU E 85 -12.43 29.17 -13.69
CA GLU E 85 -12.45 29.31 -12.25
C GLU E 85 -12.62 27.99 -11.53
N ALA E 86 -12.21 28.01 -10.25
CA ALA E 86 -12.04 26.83 -9.44
C ALA E 86 -13.33 26.67 -8.65
N HIS E 87 -14.05 25.59 -8.91
CA HIS E 87 -15.27 25.30 -8.17
C HIS E 87 -15.01 24.06 -7.32
N LEU E 88 -14.68 24.24 -6.04
CA LEU E 88 -14.17 23.15 -5.22
C LEU E 88 -15.04 22.99 -3.97
N TYR E 89 -15.47 21.77 -3.68
CA TYR E 89 -16.38 21.53 -2.58
C TYR E 89 -15.97 20.31 -1.79
N GLN E 90 -15.85 20.46 -0.47
CA GLN E 90 -15.53 19.32 0.36
C GLN E 90 -16.79 18.49 0.54
N ILE E 91 -16.76 17.23 0.11
CA ILE E 91 -17.88 16.32 0.36
C ILE E 91 -17.36 14.96 0.77
N ASP E 92 -17.54 14.64 2.04
CA ASP E 92 -17.31 13.28 2.48
C ASP E 92 -18.63 12.53 2.30
N VAL E 93 -18.65 11.57 1.38
CA VAL E 93 -19.91 10.90 1.03
C VAL E 93 -20.46 10.00 2.14
N GLN E 94 -19.69 9.80 3.20
CA GLN E 94 -20.18 9.22 4.44
C GLN E 94 -21.17 10.10 5.20
N SER E 95 -21.26 11.38 4.87
CA SER E 95 -22.14 12.25 5.63
C SER E 95 -23.28 12.71 4.72
N ASP E 96 -24.51 12.36 5.07
CA ASP E 96 -25.67 12.80 4.31
C ASP E 96 -25.67 14.33 4.18
N GLU E 97 -25.48 15.01 5.31
CA GLU E 97 -25.58 16.47 5.31
CA GLU E 97 -25.53 16.48 5.35
C GLU E 97 -24.57 17.11 4.35
N GLU E 98 -23.36 16.56 4.27
CA GLU E 98 -22.30 17.08 3.41
C GLU E 98 -22.68 16.89 1.94
N VAL E 99 -23.32 15.75 1.64
CA VAL E 99 -23.70 15.53 0.24
C VAL E 99 -24.84 16.46 -0.14
N ILE E 100 -25.86 16.51 0.69
CA ILE E 100 -27.01 17.41 0.53
C ILE E 100 -26.59 18.88 0.43
N ASN E 101 -25.74 19.37 1.34
CA ASN E 101 -25.36 20.77 1.36
C ASN E 101 -24.34 21.14 0.27
N GLY E 102 -23.42 20.21 -0.03
CA GLY E 102 -22.51 20.33 -1.17
C GLY E 102 -23.19 20.60 -2.51
N PHE E 103 -24.06 19.68 -2.90
CA PHE E 103 -24.83 19.82 -4.15
C PHE E 103 -25.72 21.03 -4.13
N GLU E 104 -26.33 21.29 -2.98
CA GLU E 104 -27.14 22.46 -2.86
C GLU E 104 -26.29 23.71 -3.13
N GLN E 105 -25.07 23.76 -2.61
CA GLN E 105 -24.23 24.95 -2.88
C GLN E 105 -23.85 25.03 -4.35
N ILE E 106 -23.47 23.88 -4.92
CA ILE E 106 -23.10 23.78 -6.33
C ILE E 106 -24.18 24.42 -7.21
N GLY E 107 -25.44 24.08 -6.98
CA GLY E 107 -26.53 24.71 -7.69
C GLY E 107 -26.63 26.20 -7.39
N LYS E 108 -26.42 26.62 -6.15
CA LYS E 108 -26.38 28.07 -5.94
C LYS E 108 -25.23 28.77 -6.69
N ASP E 109 -24.08 28.11 -6.83
CA ASP E 109 -22.91 28.75 -7.43
C ASP E 109 -22.84 28.69 -8.95
N VAL E 110 -23.24 27.55 -9.53
CA VAL E 110 -23.13 27.34 -10.99
C VAL E 110 -24.48 27.02 -11.67
N GLY E 111 -25.56 26.86 -10.93
CA GLY E 111 -26.85 26.54 -11.54
C GLY E 111 -27.04 25.05 -11.81
N ASN E 112 -27.84 24.73 -12.81
CA ASN E 112 -28.14 23.36 -13.18
C ASN E 112 -26.94 22.70 -13.87
N ILE E 113 -26.75 21.42 -13.59
CA ILE E 113 -25.62 20.67 -14.15
C ILE E 113 -26.12 19.67 -15.20
N ASP E 114 -25.21 19.14 -16.02
CA ASP E 114 -25.54 18.10 -17.00
C ASP E 114 -25.16 16.68 -16.58
N GLY E 115 -24.36 16.49 -15.54
CA GLY E 115 -24.05 15.11 -15.11
C GLY E 115 -23.02 15.01 -14.00
N VAL E 116 -22.85 13.82 -13.45
CA VAL E 116 -21.88 13.64 -12.40
C VAL E 116 -20.93 12.48 -12.76
N TYR E 117 -19.62 12.71 -12.59
CA TYR E 117 -18.71 11.56 -12.58
C TYR E 117 -18.35 11.13 -11.14
N HIS E 118 -18.72 9.89 -10.79
CA HIS E 118 -18.45 9.36 -9.45
C HIS E 118 -17.21 8.45 -9.53
N SER E 119 -16.13 8.87 -8.86
CA SER E 119 -14.87 8.13 -8.88
C SER E 119 -14.40 7.89 -7.45
N ILE E 120 -15.23 7.24 -6.63
CA ILE E 120 -14.98 7.24 -5.18
C ILE E 120 -15.12 5.83 -4.64
N ALA E 121 -14.13 5.31 -3.89
CA ALA E 121 -14.33 4.04 -3.18
C ALA E 121 -13.41 3.95 -1.97
N PHE E 122 -13.63 3.00 -1.08
CA PHE E 122 -12.71 2.86 0.03
C PHE E 122 -12.89 1.51 0.68
N ALA E 123 -11.80 0.94 1.18
CA ALA E 123 -11.92 -0.21 2.10
C ALA E 123 -10.63 -0.22 2.92
N ASN E 124 -10.65 -0.77 4.12
CA ASN E 124 -9.40 -0.97 4.87
C ASN E 124 -8.41 -1.92 4.19
N MET E 125 -7.14 -1.51 4.17
N MET E 125 -7.14 -1.52 4.11
CA MET E 125 -6.02 -2.34 3.72
CA MET E 125 -6.08 -2.49 3.86
C MET E 125 -6.20 -3.84 3.92
C MET E 125 -6.22 -3.59 4.92
N GLU E 126 -6.55 -4.26 5.13
N GLU E 126 -6.80 -3.25 6.07
CA GLU E 126 -6.46 -5.67 5.50
CA GLU E 126 -6.86 -4.22 7.17
C GLU E 126 -7.57 -6.49 4.87
C GLU E 126 -7.84 -5.40 7.02
N ASP E 127 -8.53 -5.77 4.29
N ASP E 127 -8.98 -5.24 6.33
CA ASP E 127 -9.65 -6.35 3.55
CA ASP E 127 -9.70 -6.42 5.81
C ASP E 127 -9.32 -6.45 2.06
C ASP E 127 -9.27 -6.78 4.38
N LEU E 128 -8.08 -6.19 1.65
N LEU E 128 -8.90 -5.80 3.56
CA LEU E 128 -7.73 -6.16 0.22
CA LEU E 128 -8.42 -6.12 2.21
C LEU E 128 -6.64 -7.18 -0.07
C LEU E 128 -7.35 -7.21 2.18
N ARG E 129 -6.61 -8.21 0.76
N ARG E 129 -6.38 -7.12 3.08
CA ARG E 129 -5.66 -9.32 0.68
CA ARG E 129 -5.31 -8.11 3.15
C ARG E 129 -6.07 -10.39 1.68
C ARG E 129 -5.61 -9.21 4.17
N GLY E 130 -5.40 -11.52 1.63
N GLY E 130 -6.09 -10.34 3.68
CA GLY E 130 -5.65 -12.61 2.57
CA GLY E 130 -6.64 -11.38 4.54
C GLY E 130 -7.00 -13.20 2.23
C GLY E 130 -7.61 -12.21 3.70
N ARG E 131 -7.68 -13.69 3.26
N ARG E 131 -7.91 -13.42 4.14
CA ARG E 131 -8.89 -14.47 3.13
CA ARG E 131 -8.89 -14.26 3.44
C ARG E 131 -10.13 -13.61 3.34
C ARG E 131 -10.24 -13.53 3.43
N PHE E 132 -11.02 -13.65 2.36
CA PHE E 132 -12.26 -12.87 2.36
C PHE E 132 -13.21 -13.31 3.50
N SER E 133 -13.20 -14.59 3.81
CA SER E 133 -14.07 -15.14 4.84
C SER E 133 -13.77 -14.54 6.24
N GLU E 134 -12.63 -13.86 6.40
CA GLU E 134 -12.31 -13.26 7.70
C GLU E 134 -12.63 -11.74 7.71
N THR E 135 -13.20 -11.24 6.64
CA THR E 135 -13.68 -9.85 6.61
C THR E 135 -14.61 -9.48 7.78
N SER E 136 -14.27 -8.45 8.54
CA SER E 136 -15.11 -7.94 9.60
C SER E 136 -16.38 -7.30 9.07
N ARG E 137 -17.38 -7.34 9.95
CA ARG E 137 -18.60 -6.60 9.74
C ARG E 137 -18.33 -5.12 9.48
N GLU E 138 -17.53 -4.43 10.30
CA GLU E 138 -17.41 -2.98 10.11
C GLU E 138 -16.65 -2.68 8.81
N GLY E 139 -15.69 -3.54 8.49
CA GLY E 139 -14.93 -3.41 7.24
C GLY E 139 -15.82 -3.57 6.01
N PHE E 140 -16.70 -4.57 6.06
CA PHE E 140 -17.61 -4.84 4.97
C PHE E 140 -18.56 -3.67 4.79
N LEU E 141 -19.10 -3.19 5.92
CA LEU E 141 -20.14 -2.19 5.83
C LEU E 141 -19.53 -0.84 5.45
N LEU E 142 -18.29 -0.57 5.89
CA LEU E 142 -17.57 0.64 5.43
C LEU E 142 -17.38 0.71 3.88
N ALA E 143 -16.99 -0.42 3.26
CA ALA E 143 -16.80 -0.47 1.82
C ALA E 143 -18.10 -0.24 1.05
N GLN E 144 -19.18 -0.90 1.47
CA GLN E 144 -20.53 -0.68 0.93
C GLN E 144 -20.97 0.78 1.01
N ASP E 145 -20.81 1.34 2.20
CA ASP E 145 -21.24 2.70 2.49
C ASP E 145 -20.55 3.69 1.51
N ILE E 146 -19.23 3.62 1.41
CA ILE E 146 -18.51 4.64 0.64
C ILE E 146 -18.54 4.36 -0.87
N SER E 147 -18.41 3.07 -1.21
CA SER E 147 -18.20 2.60 -2.58
C SER E 147 -19.51 2.31 -3.35
N SER E 148 -20.64 2.27 -2.65
CA SER E 148 -21.86 1.90 -3.34
C SER E 148 -23.01 2.81 -2.92
N TYR E 149 -23.33 2.78 -1.63
CA TYR E 149 -24.41 3.64 -1.17
C TYR E 149 -24.20 5.10 -1.57
N SER E 150 -22.97 5.59 -1.51
CA SER E 150 -22.70 6.98 -1.93
C SER E 150 -23.27 7.41 -3.27
N LEU E 151 -23.28 6.48 -4.21
CA LEU E 151 -23.89 6.77 -5.51
C LEU E 151 -25.40 7.05 -5.43
N THR E 152 -26.12 6.31 -4.61
CA THR E 152 -27.56 6.52 -4.47
C THR E 152 -27.89 7.95 -3.99
N ILE E 153 -27.23 8.34 -2.89
CA ILE E 153 -27.47 9.65 -2.32
C ILE E 153 -26.97 10.81 -3.21
N VAL E 154 -25.79 10.66 -3.81
CA VAL E 154 -25.33 11.65 -4.80
C VAL E 154 -26.36 11.80 -5.92
N ALA E 155 -26.90 10.66 -6.35
CA ALA E 155 -27.84 10.63 -7.45
C ALA E 155 -29.14 11.35 -7.04
N HIS E 156 -29.64 11.03 -5.84
CA HIS E 156 -30.80 11.76 -5.28
C HIS E 156 -30.58 13.27 -5.26
N GLU E 157 -29.39 13.70 -4.90
CA GLU E 157 -29.17 15.15 -4.72
C GLU E 157 -28.87 15.84 -6.05
N ALA E 158 -28.05 15.22 -6.89
CA ALA E 158 -27.71 15.75 -8.22
C ALA E 158 -28.93 15.85 -9.15
N LYS E 159 -29.89 14.94 -9.00
CA LYS E 159 -31.17 14.97 -9.70
C LYS E 159 -31.92 16.29 -9.54
N LYS E 160 -31.77 16.93 -8.37
CA LYS E 160 -32.31 18.26 -8.11
C LYS E 160 -31.72 19.33 -9.01
N LEU E 161 -30.52 19.10 -9.54
CA LEU E 161 -29.91 20.08 -10.43
C LEU E 161 -30.03 19.68 -11.91
N MET E 162 -30.84 18.65 -12.18
CA MET E 162 -30.95 18.18 -13.57
C MET E 162 -32.41 18.12 -14.06
N PRO E 163 -33.19 19.19 -13.85
CA PRO E 163 -34.62 19.14 -14.16
C PRO E 163 -34.88 18.70 -15.61
N GLU E 164 -33.97 19.03 -16.51
CA GLU E 164 -34.05 18.59 -17.89
C GLU E 164 -33.55 17.16 -18.17
N GLY E 165 -32.91 16.52 -17.21
CA GLY E 165 -32.22 15.26 -17.51
C GLY E 165 -30.71 15.40 -17.54
N GLY E 166 -30.00 14.28 -17.58
CA GLY E 166 -28.55 14.28 -17.63
C GLY E 166 -27.99 12.90 -17.45
N SER E 167 -26.77 12.83 -16.94
CA SER E 167 -26.08 11.56 -17.05
C SER E 167 -25.18 11.32 -15.85
N ILE E 168 -25.26 10.12 -15.27
CA ILE E 168 -24.42 9.81 -14.13
C ILE E 168 -23.57 8.58 -14.42
N VAL E 169 -22.26 8.68 -14.14
CA VAL E 169 -21.30 7.61 -14.41
C VAL E 169 -20.53 7.25 -13.13
N ALA E 170 -20.57 5.98 -12.74
CA ALA E 170 -19.71 5.46 -11.69
C ALA E 170 -18.57 4.55 -12.22
N THR E 171 -17.51 4.39 -11.44
CA THR E 171 -16.33 3.64 -11.83
C THR E 171 -16.33 2.31 -11.12
N THR E 172 -16.36 1.22 -11.89
CA THR E 172 -16.30 -0.09 -11.26
C THR E 172 -15.10 -0.94 -11.70
N TYR E 173 -15.04 -2.19 -11.26
CA TYR E 173 -13.95 -3.01 -11.67
C TYR E 173 -14.46 -4.44 -11.84
N LEU E 174 -13.93 -5.16 -12.84
CA LEU E 174 -14.23 -6.56 -13.12
C LEU E 174 -14.48 -7.43 -11.91
N GLY E 175 -13.80 -7.15 -10.79
CA GLY E 175 -13.90 -7.99 -9.59
C GLY E 175 -15.28 -7.91 -8.94
N GLY E 176 -16.09 -7.00 -9.44
CA GLY E 176 -17.54 -6.96 -9.12
C GLY E 176 -18.41 -8.00 -9.86
N GLU E 177 -17.90 -8.58 -10.95
CA GLU E 177 -18.56 -9.59 -11.75
C GLU E 177 -17.97 -10.97 -11.52
N PHE E 178 -16.69 -11.05 -11.20
CA PHE E 178 -16.03 -12.32 -10.93
C PHE E 178 -15.24 -12.22 -9.65
N ALA E 179 -15.03 -13.32 -8.93
CA ALA E 179 -14.12 -13.29 -7.80
C ALA E 179 -12.66 -13.15 -8.28
N VAL E 180 -12.02 -12.01 -8.00
CA VAL E 180 -10.59 -11.78 -8.33
C VAL E 180 -9.74 -11.85 -7.04
N GLN E 181 -8.78 -12.79 -6.91
CA GLN E 181 -7.92 -12.90 -5.70
C GLN E 181 -7.52 -11.54 -5.11
N ASN E 182 -7.69 -11.38 -3.79
CA ASN E 182 -7.32 -10.14 -3.10
C ASN E 182 -8.28 -8.98 -3.17
N TYR E 183 -9.06 -8.87 -4.23
CA TYR E 183 -9.93 -7.72 -4.32
C TYR E 183 -11.02 -7.78 -3.23
N ASN E 184 -11.40 -8.99 -2.85
CA ASN E 184 -12.15 -9.26 -1.64
C ASN E 184 -13.32 -8.31 -1.36
N VAL E 185 -13.28 -7.61 -0.22
CA VAL E 185 -14.43 -6.85 0.20
C VAL E 185 -14.76 -5.81 -0.90
N MET E 186 -13.81 -5.39 -1.69
CA MET E 186 -14.17 -4.36 -2.69
C MET E 186 -14.94 -4.95 -3.88
N GLY E 187 -14.70 -6.24 -4.13
CA GLY E 187 -15.46 -6.94 -5.18
C GLY E 187 -16.95 -7.03 -4.87
N VAL E 188 -17.27 -7.39 -3.62
CA VAL E 188 -18.64 -7.42 -3.14
C VAL E 188 -19.22 -6.02 -3.13
N ALA E 189 -18.39 -5.00 -2.89
CA ALA E 189 -18.87 -3.62 -2.94
C ALA E 189 -19.07 -3.19 -4.36
N LYS E 190 -18.24 -3.66 -5.30
CA LYS E 190 -18.50 -3.32 -6.70
C LYS E 190 -19.72 -4.08 -7.28
N ALA E 191 -19.95 -5.35 -6.88
CA ALA E 191 -21.16 -6.07 -7.31
C ALA E 191 -22.38 -5.22 -6.86
N SER E 192 -22.32 -4.75 -5.63
CA SER E 192 -23.35 -3.85 -5.12
C SER E 192 -23.49 -2.57 -5.94
N LEU E 193 -22.36 -1.93 -6.26
CA LEU E 193 -22.39 -0.68 -7.05
C LEU E 193 -23.04 -0.88 -8.42
N GLU E 194 -22.59 -1.89 -9.14
CA GLU E 194 -23.10 -2.17 -10.46
C GLU E 194 -24.63 -2.40 -10.44
N ALA E 195 -25.17 -3.10 -9.44
CA ALA E 195 -26.63 -3.18 -9.30
C ALA E 195 -27.29 -1.83 -8.96
N ASN E 196 -26.60 -1.04 -8.12
CA ASN E 196 -26.98 0.33 -7.79
C ASN E 196 -27.24 1.13 -9.06
N VAL E 197 -26.30 1.02 -9.99
CA VAL E 197 -26.42 1.65 -11.29
C VAL E 197 -27.67 1.22 -12.04
N LYS E 198 -27.94 -0.09 -12.08
CA LYS E 198 -29.12 -0.62 -12.76
C LYS E 198 -30.44 -0.10 -12.12
N TYR E 199 -30.55 -0.21 -10.80
CA TYR E 199 -31.71 0.32 -10.11
C TYR E 199 -31.85 1.83 -10.24
N LEU E 200 -30.74 2.58 -10.21
CA LEU E 200 -30.86 4.00 -10.46
C LEU E 200 -31.27 4.30 -11.90
N ALA E 201 -30.79 3.48 -12.84
CA ALA E 201 -31.09 3.68 -14.24
C ALA E 201 -32.59 3.55 -14.41
N LEU E 202 -33.14 2.51 -13.79
CA LEU E 202 -34.56 2.20 -13.91
C LEU E 202 -35.37 3.32 -13.25
N ASP E 203 -35.04 3.63 -11.99
CA ASP E 203 -35.72 4.69 -11.23
C ASP E 203 -35.67 6.07 -11.95
N LEU E 204 -34.51 6.46 -12.46
CA LEU E 204 -34.31 7.84 -12.86
C LEU E 204 -34.55 8.04 -14.34
N GLY E 205 -34.68 6.92 -15.06
CA GLY E 205 -34.97 6.87 -16.50
C GLY E 205 -36.12 7.75 -16.93
N PRO E 206 -37.24 7.73 -16.19
CA PRO E 206 -38.33 8.56 -16.72
C PRO E 206 -38.07 10.05 -16.62
N ASP E 207 -37.04 10.40 -15.86
CA ASP E 207 -36.67 11.80 -15.65
C ASP E 207 -35.63 12.18 -16.67
N ASN E 208 -35.36 11.23 -17.58
CA ASN E 208 -34.32 11.37 -18.60
C ASN E 208 -32.90 11.56 -17.98
N ILE E 209 -32.60 10.78 -16.93
CA ILE E 209 -31.29 10.78 -16.30
C ILE E 209 -30.72 9.38 -16.50
N ARG E 210 -29.64 9.31 -17.27
CA ARG E 210 -29.04 8.01 -17.56
C ARG E 210 -27.97 7.78 -16.51
N VAL E 211 -27.82 6.52 -16.12
CA VAL E 211 -26.87 6.11 -15.11
C VAL E 211 -26.20 4.86 -15.66
N ASN E 212 -24.86 4.89 -15.73
CA ASN E 212 -24.03 3.86 -16.34
C ASN E 212 -22.75 3.67 -15.54
N ALA E 213 -21.92 2.69 -15.90
CA ALA E 213 -20.65 2.48 -15.21
C ALA E 213 -19.56 2.31 -16.25
N ILE E 214 -18.31 2.58 -15.86
CA ILE E 214 -17.16 2.21 -16.68
C ILE E 214 -16.40 1.25 -15.81
N SER E 215 -16.24 0.01 -16.28
CA SER E 215 -15.35 -0.99 -15.70
C SER E 215 -13.91 -0.79 -16.18
N ALA E 216 -13.12 -0.10 -15.37
CA ALA E 216 -11.77 0.23 -15.74
C ALA E 216 -10.89 -0.97 -15.54
N GLY E 217 -9.92 -1.15 -16.42
CA GLY E 217 -8.78 -2.06 -16.18
C GLY E 217 -7.83 -1.47 -15.12
N PRO E 218 -6.92 -2.29 -14.58
CA PRO E 218 -6.10 -1.74 -13.50
C PRO E 218 -5.21 -0.56 -13.96
N ILE E 219 -5.12 0.49 -13.15
CA ILE E 219 -4.30 1.69 -13.41
C ILE E 219 -3.54 2.11 -12.14
N ARG E 220 -2.24 2.36 -12.22
CA ARG E 220 -1.52 2.82 -11.02
C ARG E 220 -2.13 4.10 -10.43
N THR E 221 -2.93 3.96 -9.37
CA THR E 221 -3.39 5.12 -8.60
C THR E 221 -2.95 5.07 -7.13
N LEU E 222 -3.20 6.13 -6.37
CA LEU E 222 -2.98 6.06 -4.94
C LEU E 222 -3.68 4.85 -4.28
N SER E 223 -4.97 4.67 -4.54
CA SER E 223 -5.70 3.54 -3.97
C SER E 223 -5.24 2.17 -4.45
N ALA E 224 -4.78 2.06 -5.69
CA ALA E 224 -4.31 0.78 -6.15
C ALA E 224 -3.13 0.29 -5.31
N LYS E 225 -2.37 1.18 -4.67
CA LYS E 225 -1.27 0.72 -3.83
C LYS E 225 -1.75 -0.13 -2.65
N GLY E 226 -2.99 0.03 -2.22
CA GLY E 226 -3.47 -0.80 -1.13
C GLY E 226 -4.04 -2.15 -1.53
N VAL E 227 -4.08 -2.44 -2.83
CA VAL E 227 -4.65 -3.70 -3.28
C VAL E 227 -3.59 -4.79 -3.43
N GLY E 228 -3.63 -5.84 -2.61
CA GLY E 228 -2.67 -6.92 -2.79
C GLY E 228 -2.65 -7.46 -4.20
N GLY E 229 -1.46 -7.79 -4.72
CA GLY E 229 -1.34 -8.43 -6.04
C GLY E 229 -1.61 -7.50 -7.22
N PHE E 230 -1.65 -6.20 -6.99
CA PHE E 230 -1.96 -5.28 -8.09
C PHE E 230 -0.93 -5.36 -9.25
N ASN E 231 0.38 -5.32 -8.96
CA ASN E 231 1.38 -5.40 -10.03
C ASN E 231 1.26 -6.70 -10.83
N THR E 232 1.08 -7.80 -10.12
CA THR E 232 0.77 -9.05 -10.82
C THR E 232 -0.33 -8.91 -11.86
N ILE E 233 -1.44 -8.25 -11.51
CA ILE E 233 -2.61 -8.18 -12.35
C ILE E 233 -2.25 -7.32 -13.59
N LEU E 234 -1.63 -6.17 -13.38
CA LEU E 234 -1.14 -5.27 -14.42
C LEU E 234 -0.33 -6.02 -15.49
N LYS E 235 0.64 -6.81 -15.06
CA LYS E 235 1.38 -7.67 -15.97
C LYS E 235 0.52 -8.74 -16.63
N GLU E 236 -0.48 -9.30 -15.95
CA GLU E 236 -1.27 -10.33 -16.63
C GLU E 236 -2.10 -9.68 -17.76
N ILE E 237 -2.50 -8.43 -17.59
CA ILE E 237 -3.23 -7.74 -18.65
C ILE E 237 -2.38 -7.62 -19.92
N GLU E 238 -1.12 -7.20 -19.80
CA GLU E 238 -0.24 -7.06 -20.98
C GLU E 238 -0.13 -8.37 -21.72
N GLU E 239 0.01 -9.48 -20.98
CA GLU E 239 0.21 -10.76 -21.66
C GLU E 239 -1.07 -11.39 -22.20
N ARG E 240 -2.22 -11.15 -21.57
CA ARG E 240 -3.42 -11.93 -21.89
CA ARG E 240 -3.40 -11.94 -21.92
C ARG E 240 -4.50 -11.15 -22.60
N ALA E 241 -4.71 -9.88 -22.23
CA ALA E 241 -5.84 -9.15 -22.79
C ALA E 241 -5.67 -9.06 -24.32
N PRO E 242 -6.78 -9.12 -25.08
CA PRO E 242 -6.79 -8.86 -26.53
C PRO E 242 -5.84 -7.73 -26.99
N LEU E 243 -5.85 -6.57 -26.34
CA LEU E 243 -4.99 -5.47 -26.82
C LEU E 243 -3.53 -5.58 -26.34
N LYS E 244 -3.23 -6.55 -25.48
CA LYS E 244 -1.86 -6.73 -24.98
C LYS E 244 -1.20 -5.45 -24.44
N ARG E 245 -1.98 -4.57 -23.81
CA ARG E 245 -1.42 -3.40 -23.16
C ARG E 245 -2.40 -3.01 -22.04
N ASN E 246 -1.96 -2.18 -21.09
CA ASN E 246 -2.83 -1.73 -20.05
C ASN E 246 -3.53 -0.47 -20.54
N VAL E 247 -4.62 -0.06 -19.89
CA VAL E 247 -5.29 1.18 -20.27
C VAL E 247 -4.76 2.32 -19.36
N ASP E 248 -5.09 3.56 -19.69
CA ASP E 248 -4.84 4.63 -18.73
C ASP E 248 -6.05 5.54 -18.47
N GLN E 249 -5.83 6.57 -17.65
CA GLN E 249 -6.90 7.36 -17.10
C GLN E 249 -7.59 8.14 -18.22
N VAL E 250 -6.82 8.53 -19.22
CA VAL E 250 -7.37 9.32 -20.32
C VAL E 250 -8.28 8.42 -21.17
N GLU E 251 -7.99 7.12 -21.21
CA GLU E 251 -8.89 6.21 -21.95
C GLU E 251 -10.20 6.08 -21.20
N VAL E 252 -10.18 6.07 -19.87
CA VAL E 252 -11.44 6.14 -19.11
C VAL E 252 -12.15 7.47 -19.39
N GLY E 253 -11.40 8.57 -19.40
CA GLY E 253 -11.97 9.90 -19.60
C GLY E 253 -12.70 10.05 -20.93
N LYS E 254 -12.18 9.40 -21.97
CA LYS E 254 -12.79 9.44 -23.31
C LYS E 254 -14.12 8.71 -23.38
N THR E 255 -14.17 7.52 -22.77
CA THR E 255 -15.43 6.84 -22.64
C THR E 255 -16.40 7.60 -21.73
N ALA E 256 -15.89 8.17 -20.62
CA ALA E 256 -16.73 8.98 -19.73
C ALA E 256 -17.33 10.15 -20.54
N ALA E 257 -16.56 10.71 -21.44
CA ALA E 257 -17.11 11.78 -22.31
C ALA E 257 -18.25 11.28 -23.19
N TYR E 258 -18.08 10.09 -23.77
CA TYR E 258 -19.18 9.53 -24.54
C TYR E 258 -20.41 9.35 -23.64
N LEU E 259 -20.21 8.83 -22.44
CA LEU E 259 -21.35 8.47 -21.59
C LEU E 259 -22.08 9.73 -21.08
N LEU E 260 -21.35 10.83 -20.94
CA LEU E 260 -21.90 12.02 -20.28
C LEU E 260 -22.45 12.97 -21.32
N SER E 261 -22.21 12.68 -22.59
CA SER E 261 -22.70 13.54 -23.67
C SER E 261 -23.90 12.91 -24.36
N ASP E 262 -24.47 13.58 -25.35
CA ASP E 262 -25.63 13.08 -26.08
C ASP E 262 -25.23 11.95 -27.03
N LEU E 263 -23.92 11.69 -27.18
CA LEU E 263 -23.49 10.63 -28.07
C LEU E 263 -24.09 9.28 -27.65
N SER E 264 -24.35 9.14 -26.35
CA SER E 264 -24.82 7.90 -25.74
C SER E 264 -26.28 8.03 -25.30
N SER E 265 -27.05 8.91 -25.93
N SER E 265 -27.09 8.82 -26.00
CA SER E 265 -28.48 8.94 -25.70
CA SER E 265 -28.42 9.19 -25.49
C SER E 265 -28.96 7.58 -26.14
C SER E 265 -29.33 8.01 -25.27
N GLY E 266 -29.93 7.03 -25.40
N GLY E 266 -29.08 6.92 -25.99
CA GLY E 266 -30.34 5.68 -25.68
CA GLY E 266 -29.97 5.77 -25.97
C GLY E 266 -29.71 4.67 -24.73
C GLY E 266 -29.55 4.70 -24.99
N VAL E 267 -28.56 5.02 -24.16
CA VAL E 267 -27.78 4.06 -23.34
C VAL E 267 -27.93 4.35 -21.85
N THR E 268 -28.38 3.34 -21.11
CA THR E 268 -28.52 3.48 -19.66
C THR E 268 -28.55 2.10 -19.00
N GLY E 269 -28.12 2.04 -17.74
CA GLY E 269 -28.01 0.81 -17.02
C GLY E 269 -26.86 -0.04 -17.58
N GLU E 270 -25.95 0.56 -18.33
CA GLU E 270 -24.87 -0.20 -18.97
C GLU E 270 -23.54 -0.21 -18.18
N ASN E 271 -22.67 -1.16 -18.48
CA ASN E 271 -21.34 -1.22 -17.85
C ASN E 271 -20.34 -1.36 -19.01
N ILE E 272 -19.68 -0.27 -19.43
CA ILE E 272 -18.71 -0.33 -20.52
C ILE E 272 -17.27 -0.64 -19.99
N HIS E 273 -16.69 -1.77 -20.42
CA HIS E 273 -15.39 -2.17 -19.90
C HIS E 273 -14.33 -1.45 -20.71
N VAL E 274 -13.47 -0.69 -20.03
CA VAL E 274 -12.34 -0.03 -20.68
C VAL E 274 -11.11 -0.71 -20.11
N ASP E 275 -10.80 -1.84 -20.73
CA ASP E 275 -9.92 -2.77 -20.08
C ASP E 275 -9.09 -3.58 -21.08
N SER E 276 -8.94 -3.06 -22.31
CA SER E 276 -8.18 -3.75 -23.37
C SER E 276 -8.80 -5.11 -23.76
N GLY E 277 -10.09 -5.32 -23.52
CA GLY E 277 -10.83 -6.55 -23.87
C GLY E 277 -10.65 -7.67 -22.86
N PHE E 278 -10.00 -7.41 -21.72
CA PHE E 278 -9.75 -8.49 -20.74
C PHE E 278 -11.05 -9.22 -20.27
N HIS E 279 -12.10 -8.44 -20.01
CA HIS E 279 -13.42 -8.95 -19.56
C HIS E 279 -14.03 -10.00 -20.50
N ALA E 280 -13.58 -10.06 -21.74
CA ALA E 280 -14.18 -10.89 -22.77
C ALA E 280 -13.46 -12.20 -22.91
N ILE E 281 -12.33 -12.33 -22.26
CA ILE E 281 -11.62 -13.61 -22.39
C ILE E 281 -11.64 -14.44 -21.12
N LYS E 282 -11.10 -15.63 -21.23
CA LYS E 282 -10.93 -16.46 -20.07
C LYS E 282 -9.85 -17.50 -20.40
N VAL F 28 -31.21 -37.99 -3.60
CA VAL F 28 -29.84 -38.34 -3.14
C VAL F 28 -29.87 -39.51 -2.11
N ASN F 29 -28.91 -39.51 -1.16
CA ASN F 29 -29.07 -40.11 0.17
C ASN F 29 -28.19 -39.52 1.29
N LEU F 30 -28.82 -38.97 2.32
CA LEU F 30 -28.14 -38.07 3.24
C LEU F 30 -28.02 -38.57 4.69
N GLU F 31 -28.12 -39.87 4.91
CA GLU F 31 -27.94 -40.35 6.27
C GLU F 31 -26.53 -40.11 6.76
N ASN F 32 -26.39 -39.85 8.06
CA ASN F 32 -25.07 -39.53 8.62
C ASN F 32 -24.53 -38.16 8.22
N LYS F 33 -25.28 -37.45 7.37
CA LYS F 33 -25.14 -36.00 7.14
C LYS F 33 -25.91 -35.13 8.13
N THR F 34 -25.30 -34.01 8.50
CA THR F 34 -25.91 -33.02 9.36
C THR F 34 -25.83 -31.64 8.69
N TYR F 35 -26.98 -30.98 8.58
CA TYR F 35 -27.05 -29.65 7.95
C TYR F 35 -27.70 -28.66 8.90
N VAL F 36 -27.22 -27.41 8.89
CA VAL F 36 -27.82 -26.31 9.64
C VAL F 36 -28.75 -25.53 8.71
N ILE F 37 -30.00 -25.34 9.09
CA ILE F 37 -30.90 -24.58 8.22
C ILE F 37 -31.22 -23.27 8.92
N MET F 38 -30.81 -22.16 8.33
CA MET F 38 -31.02 -20.85 8.92
C MET F 38 -32.18 -20.14 8.23
N GLY F 39 -33.17 -19.70 9.02
CA GLY F 39 -34.19 -18.78 8.52
C GLY F 39 -35.57 -19.41 8.26
N ILE F 40 -35.98 -20.42 9.02
CA ILE F 40 -37.41 -20.78 8.99
C ILE F 40 -38.21 -19.81 9.90
N ALA F 41 -39.33 -19.29 9.40
CA ALA F 41 -40.22 -18.48 10.24
C ALA F 41 -41.57 -19.16 10.43
N ASN F 42 -42.04 -19.88 9.41
CA ASN F 42 -43.32 -20.60 9.49
C ASN F 42 -43.36 -21.67 8.42
N LYS F 43 -44.54 -22.26 8.26
CA LYS F 43 -44.73 -23.34 7.30
C LYS F 43 -44.46 -22.92 5.85
N ARG F 44 -44.49 -21.62 5.53
CA ARG F 44 -44.30 -21.19 4.14
C ARG F 44 -42.85 -20.75 3.83
N SER F 45 -42.01 -20.70 4.84
CA SER F 45 -40.61 -20.37 4.60
C SER F 45 -39.98 -21.27 3.53
N ILE F 46 -39.28 -20.66 2.57
CA ILE F 46 -38.45 -21.44 1.64
C ILE F 46 -37.59 -22.46 2.39
N ALA F 47 -37.07 -22.05 3.53
CA ALA F 47 -36.18 -22.91 4.29
C ALA F 47 -36.90 -24.18 4.79
N PHE F 48 -38.21 -24.11 5.05
CA PHE F 48 -38.96 -25.30 5.45
C PHE F 48 -39.14 -26.28 4.30
N GLY F 49 -39.23 -25.77 3.07
CA GLY F 49 -39.16 -26.59 1.88
C GLY F 49 -37.82 -27.29 1.83
N VAL F 50 -36.74 -26.57 2.12
CA VAL F 50 -35.43 -27.19 2.17
C VAL F 50 -35.42 -28.30 3.21
N ALA F 51 -35.97 -28.02 4.39
CA ALA F 51 -35.91 -28.94 5.50
C ALA F 51 -36.70 -30.25 5.27
N LYS F 52 -37.92 -30.13 4.74
CA LYS F 52 -38.71 -31.29 4.40
C LYS F 52 -37.94 -32.21 3.45
N VAL F 53 -37.28 -31.63 2.45
CA VAL F 53 -36.60 -32.48 1.47
C VAL F 53 -35.41 -33.16 2.13
N LEU F 54 -34.56 -32.36 2.78
CA LEU F 54 -33.42 -32.95 3.49
C LEU F 54 -33.86 -34.01 4.52
N ASP F 55 -34.96 -33.76 5.24
CA ASP F 55 -35.41 -34.64 6.31
C ASP F 55 -35.82 -35.98 5.71
N GLN F 56 -36.55 -35.90 4.60
CA GLN F 56 -36.99 -37.08 3.87
C GLN F 56 -35.80 -37.86 3.30
N LEU F 57 -34.70 -37.18 3.02
CA LEU F 57 -33.51 -37.84 2.50
C LEU F 57 -32.68 -38.42 3.65
N GLY F 58 -33.15 -38.23 4.89
CA GLY F 58 -32.48 -38.89 6.03
C GLY F 58 -31.40 -38.07 6.73
N ALA F 59 -31.24 -36.79 6.36
CA ALA F 59 -30.31 -35.88 7.04
C ALA F 59 -30.67 -35.62 8.50
N LYS F 60 -29.66 -35.36 9.34
CA LYS F 60 -29.91 -34.75 10.65
C LYS F 60 -29.96 -33.24 10.48
N LEU F 61 -30.94 -32.58 11.10
CA LEU F 61 -31.06 -31.13 10.91
C LEU F 61 -30.99 -30.34 12.20
N VAL F 62 -30.44 -29.14 12.07
CA VAL F 62 -30.20 -28.23 13.17
C VAL F 62 -30.80 -26.93 12.69
N PHE F 63 -31.52 -26.19 13.53
CA PHE F 63 -32.31 -25.08 13.02
C PHE F 63 -31.95 -23.77 13.72
N THR F 64 -31.71 -22.70 12.95
CA THR F 64 -31.50 -21.43 13.62
C THR F 64 -32.63 -20.42 13.36
N TYR F 65 -32.92 -19.58 14.35
CA TYR F 65 -34.05 -18.66 14.29
C TYR F 65 -33.67 -17.32 14.94
N ARG F 66 -34.37 -16.25 14.57
CA ARG F 66 -34.24 -14.99 15.27
C ARG F 66 -35.34 -14.77 16.33
N LYS F 67 -36.60 -14.72 15.89
CA LYS F 67 -37.69 -14.31 16.75
C LYS F 67 -38.24 -15.47 17.55
N GLU F 68 -38.64 -15.22 18.80
CA GLU F 68 -39.23 -16.31 19.60
C GLU F 68 -40.45 -16.96 18.94
N ARG F 69 -41.19 -16.21 18.13
CA ARG F 69 -42.31 -16.76 17.39
C ARG F 69 -41.86 -17.81 16.37
N SER F 70 -40.74 -17.54 15.69
CA SER F 70 -40.17 -18.48 14.73
C SER F 70 -39.80 -19.79 15.45
N ARG F 71 -39.30 -19.65 16.68
CA ARG F 71 -38.98 -20.84 17.45
C ARG F 71 -40.23 -21.68 17.68
N LYS F 72 -41.31 -21.04 18.14
CA LYS F 72 -42.61 -21.69 18.34
CA LYS F 72 -42.57 -21.74 18.36
C LYS F 72 -43.07 -22.39 17.06
N GLU F 73 -42.92 -21.70 15.94
CA GLU F 73 -43.36 -22.28 14.69
C GLU F 73 -42.57 -23.55 14.43
N LEU F 74 -41.26 -23.48 14.69
CA LEU F 74 -40.32 -24.58 14.45
C LEU F 74 -40.70 -25.85 15.22
N GLU F 75 -41.00 -25.69 16.52
CA GLU F 75 -41.34 -26.83 17.37
C GLU F 75 -42.60 -27.49 16.89
N LYS F 76 -43.56 -26.66 16.45
CA LYS F 76 -44.79 -27.13 15.80
C LYS F 76 -44.46 -27.94 14.51
N LEU F 77 -43.49 -27.46 13.73
CA LEU F 77 -43.20 -28.06 12.44
C LEU F 77 -42.41 -29.35 12.55
N LEU F 78 -41.63 -29.52 13.62
CA LEU F 78 -40.78 -30.69 13.76
C LEU F 78 -41.56 -31.98 13.93
N GLU F 79 -42.81 -31.85 14.35
CA GLU F 79 -43.71 -32.99 14.43
C GLU F 79 -44.08 -33.49 13.06
N GLN F 80 -43.98 -32.66 12.03
CA GLN F 80 -44.09 -33.10 10.63
C GLN F 80 -42.89 -33.89 10.09
N LEU F 81 -41.76 -33.84 10.78
CA LEU F 81 -40.49 -34.27 10.24
C LEU F 81 -40.08 -35.60 10.85
N ASN F 82 -39.06 -36.22 10.27
CA ASN F 82 -38.57 -37.45 10.84
C ASN F 82 -37.52 -37.18 11.92
N GLN F 83 -37.23 -35.93 12.25
CA GLN F 83 -36.12 -35.64 13.15
C GLN F 83 -36.43 -36.22 14.52
N PRO F 84 -35.54 -37.05 15.06
CA PRO F 84 -35.93 -37.63 16.34
C PRO F 84 -35.71 -36.63 17.47
N GLU F 85 -35.12 -35.48 17.14
CA GLU F 85 -34.63 -34.57 18.17
C GLU F 85 -34.63 -33.15 17.63
N ALA F 86 -35.06 -32.22 18.49
CA ALA F 86 -35.15 -30.80 18.18
C ALA F 86 -33.82 -30.13 18.52
N HIS F 87 -33.12 -29.64 17.52
CA HIS F 87 -31.93 -28.84 17.74
C HIS F 87 -32.21 -27.39 17.30
N LEU F 88 -32.61 -26.52 18.22
CA LEU F 88 -32.93 -25.12 17.86
C LEU F 88 -31.99 -24.15 18.53
N TYR F 89 -31.50 -23.16 17.78
CA TYR F 89 -30.54 -22.21 18.30
C TYR F 89 -30.97 -20.82 17.87
N GLN F 90 -31.05 -19.91 18.84
CA GLN F 90 -31.37 -18.53 18.49
C GLN F 90 -30.12 -17.88 17.93
N ILE F 91 -30.19 -17.40 16.69
CA ILE F 91 -29.10 -16.63 16.15
C ILE F 91 -29.66 -15.48 15.34
N ASP F 92 -29.54 -14.27 15.87
CA ASP F 92 -29.68 -13.06 15.09
C ASP F 92 -28.32 -12.75 14.43
N VAL F 93 -28.31 -12.81 13.11
CA VAL F 93 -27.05 -12.61 12.34
C VAL F 93 -26.56 -11.17 12.34
N GLN F 94 -27.29 -10.25 12.95
CA GLN F 94 -26.72 -8.92 13.14
C GLN F 94 -25.61 -8.93 14.20
N SER F 95 -25.51 -10.02 14.95
CA SER F 95 -24.59 -10.01 16.09
C SER F 95 -23.52 -11.09 15.90
N ASP F 96 -22.26 -10.67 15.82
CA ASP F 96 -21.16 -11.59 15.71
C ASP F 96 -21.20 -12.63 16.85
N GLU F 97 -21.45 -12.15 18.06
CA GLU F 97 -21.33 -13.05 19.18
CA GLU F 97 -21.44 -12.97 19.26
C GLU F 97 -22.42 -14.11 19.07
N GLU F 98 -23.58 -13.78 18.52
CA GLU F 98 -24.61 -14.79 18.41
C GLU F 98 -24.24 -15.83 17.36
N VAL F 99 -23.72 -15.38 16.22
CA VAL F 99 -23.26 -16.31 15.19
C VAL F 99 -22.14 -17.20 15.75
N ILE F 100 -21.14 -16.59 16.40
CA ILE F 100 -19.99 -17.30 16.93
C ILE F 100 -20.41 -18.34 17.98
N ASN F 101 -21.11 -17.90 19.03
CA ASN F 101 -21.51 -18.78 20.12
C ASN F 101 -22.50 -19.81 19.61
N GLY F 102 -23.34 -19.35 18.70
CA GLY F 102 -24.30 -20.22 18.03
C GLY F 102 -23.66 -21.42 17.37
N PHE F 103 -22.71 -21.17 16.45
CA PHE F 103 -22.04 -22.30 15.80
C PHE F 103 -21.20 -23.14 16.75
N GLU F 104 -20.48 -22.49 17.66
CA GLU F 104 -19.71 -23.22 18.69
C GLU F 104 -20.61 -24.17 19.47
N GLN F 105 -21.83 -23.73 19.78
CA GLN F 105 -22.76 -24.51 20.59
C GLN F 105 -23.26 -25.68 19.73
N ILE F 106 -23.62 -25.37 18.48
CA ILE F 106 -24.02 -26.38 17.52
C ILE F 106 -22.95 -27.48 17.42
N GLY F 107 -21.69 -27.09 17.42
CA GLY F 107 -20.62 -28.05 17.25
C GLY F 107 -20.43 -28.90 18.48
N LYS F 108 -20.70 -28.35 19.67
CA LYS F 108 -20.71 -29.21 20.85
C LYS F 108 -21.93 -30.13 20.93
N ASP F 109 -23.08 -29.64 20.52
CA ASP F 109 -24.28 -30.47 20.61
C ASP F 109 -24.33 -31.52 19.48
N VAL F 110 -23.98 -31.19 18.23
CA VAL F 110 -24.01 -32.25 17.20
C VAL F 110 -22.65 -32.69 16.60
N GLY F 111 -21.55 -32.08 17.02
CA GLY F 111 -20.30 -32.37 16.35
C GLY F 111 -20.18 -31.66 15.01
N ASN F 112 -19.47 -32.30 14.08
CA ASN F 112 -19.17 -31.72 12.78
C ASN F 112 -20.40 -31.75 11.89
N ILE F 113 -20.45 -30.81 10.95
CA ILE F 113 -21.54 -30.69 10.00
C ILE F 113 -21.08 -30.75 8.52
N ASP F 114 -22.04 -31.05 7.65
CA ASP F 114 -21.76 -31.21 6.24
C ASP F 114 -22.13 -29.96 5.44
N GLY F 115 -22.95 -29.06 5.99
CA GLY F 115 -23.32 -27.87 5.21
C GLY F 115 -24.31 -26.96 5.91
N VAL F 116 -24.56 -25.81 5.30
CA VAL F 116 -25.45 -24.82 5.87
C VAL F 116 -26.35 -24.35 4.75
N TYR F 117 -27.66 -24.28 5.03
CA TYR F 117 -28.61 -23.60 4.14
C TYR F 117 -28.92 -22.21 4.70
N HIS F 118 -28.56 -21.17 3.93
CA HIS F 118 -28.77 -19.81 4.41
C HIS F 118 -30.00 -19.26 3.68
N SER F 119 -31.01 -18.94 4.48
CA SER F 119 -32.30 -18.49 3.96
C SER F 119 -32.76 -17.26 4.72
N ILE F 120 -31.95 -16.17 4.64
CA ILE F 120 -32.10 -14.99 5.50
C ILE F 120 -31.90 -13.71 4.70
N ALA F 121 -32.88 -12.82 4.81
CA ALA F 121 -32.81 -11.51 4.22
C ALA F 121 -33.71 -10.56 5.01
N PHE F 122 -33.42 -9.26 4.96
CA PHE F 122 -34.26 -8.25 5.58
C PHE F 122 -34.06 -6.88 4.93
N ALA F 123 -35.17 -6.16 4.78
CA ALA F 123 -35.15 -4.73 4.48
C ALA F 123 -36.44 -4.14 5.04
N ASN F 124 -36.42 -2.83 5.33
CA ASN F 124 -37.62 -2.15 5.81
C ASN F 124 -38.60 -2.02 4.66
N MET F 125 -39.88 -2.13 4.98
CA MET F 125 -40.95 -1.94 4.02
C MET F 125 -40.90 -0.57 3.35
N GLU F 126 -40.50 0.46 4.08
CA GLU F 126 -40.24 1.77 3.49
C GLU F 126 -39.58 1.56 2.12
N ASP F 127 -38.59 0.67 2.12
CA ASP F 127 -37.57 0.67 1.12
C ASP F 127 -37.95 -0.25 -0.05
N LEU F 128 -38.82 -1.24 0.18
CA LEU F 128 -39.23 -2.19 -0.89
C LEU F 128 -40.29 -1.66 -1.90
N ARG F 129 -40.35 -0.34 -2.08
CA ARG F 129 -41.31 0.24 -3.04
C ARG F 129 -41.03 1.70 -3.38
N GLY F 130 -41.91 2.32 -4.17
CA GLY F 130 -41.62 3.64 -4.74
C GLY F 130 -40.18 3.70 -5.22
N ARG F 131 -39.43 4.73 -4.79
CA ARG F 131 -38.28 5.18 -5.56
C ARG F 131 -36.96 4.72 -4.95
N PHE F 132 -36.25 3.83 -5.64
CA PHE F 132 -34.97 3.33 -5.15
C PHE F 132 -34.00 4.44 -4.76
N SER F 133 -34.04 5.53 -5.51
CA SER F 133 -33.12 6.66 -5.31
C SER F 133 -33.39 7.46 -3.99
N GLU F 134 -34.41 7.05 -3.25
CA GLU F 134 -34.77 7.74 -2.02
C GLU F 134 -34.33 6.93 -0.81
N THR F 135 -33.71 5.78 -1.07
CA THR F 135 -33.32 4.84 -0.03
C THR F 135 -32.43 5.51 1.03
N SER F 136 -32.69 5.28 2.31
CA SER F 136 -31.85 5.90 3.31
C SER F 136 -30.56 5.07 3.46
N ARG F 137 -29.47 5.73 3.88
CA ARG F 137 -28.22 5.03 4.21
C ARG F 137 -28.49 3.89 5.20
N GLU F 138 -29.26 4.19 6.22
CA GLU F 138 -29.47 3.18 7.27
C GLU F 138 -30.22 1.97 6.68
N GLY F 139 -31.22 2.24 5.83
CA GLY F 139 -31.95 1.15 5.20
C GLY F 139 -31.04 0.37 4.26
N PHE F 140 -30.21 1.08 3.50
CA PHE F 140 -29.28 0.41 2.58
C PHE F 140 -28.35 -0.55 3.32
N LEU F 141 -27.82 -0.09 4.44
CA LEU F 141 -26.82 -0.88 5.13
C LEU F 141 -27.46 -1.98 5.95
N LEU F 142 -28.70 -1.72 6.43
CA LEU F 142 -29.50 -2.78 7.08
C LEU F 142 -29.62 -4.04 6.20
N ALA F 143 -30.06 -3.84 4.96
CA ALA F 143 -30.20 -4.90 3.98
C ALA F 143 -28.87 -5.60 3.66
N GLN F 144 -27.78 -4.85 3.54
CA GLN F 144 -26.50 -5.49 3.28
C GLN F 144 -26.07 -6.35 4.46
N ASP F 145 -26.31 -5.84 5.65
CA ASP F 145 -25.76 -6.44 6.84
C ASP F 145 -26.43 -7.81 7.09
N ILE F 146 -27.77 -7.83 7.09
CA ILE F 146 -28.55 -9.06 7.24
C ILE F 146 -28.54 -9.96 6.01
N SER F 147 -28.64 -9.37 4.82
CA SER F 147 -28.88 -10.15 3.60
C SER F 147 -27.60 -10.56 2.87
N SER F 148 -26.47 -9.93 3.18
CA SER F 148 -25.23 -10.31 2.50
C SER F 148 -24.10 -10.60 3.48
N TYR F 149 -23.77 -9.63 4.33
CA TYR F 149 -22.69 -9.88 5.24
C TYR F 149 -22.90 -11.17 6.04
N SER F 150 -24.12 -11.42 6.50
CA SER F 150 -24.33 -12.60 7.34
C SER F 150 -23.74 -13.89 6.74
N LEU F 151 -23.74 -14.03 5.43
CA LEU F 151 -23.19 -15.24 4.81
C LEU F 151 -21.69 -15.36 5.10
N THR F 152 -21.00 -14.23 5.10
CA THR F 152 -19.55 -14.19 5.23
C THR F 152 -19.24 -14.74 6.64
N ILE F 153 -19.91 -14.18 7.65
CA ILE F 153 -19.54 -14.57 9.00
C ILE F 153 -20.07 -15.98 9.30
N VAL F 154 -21.21 -16.30 8.73
CA VAL F 154 -21.75 -17.64 8.92
C VAL F 154 -20.74 -18.64 8.36
N ALA F 155 -20.25 -18.34 7.15
CA ALA F 155 -19.33 -19.25 6.47
C ALA F 155 -18.07 -19.45 7.32
N HIS F 156 -17.57 -18.34 7.86
CA HIS F 156 -16.41 -18.36 8.73
C HIS F 156 -16.59 -19.22 9.98
N GLU F 157 -17.78 -19.17 10.58
CA GLU F 157 -18.00 -19.90 11.81
C GLU F 157 -18.33 -21.36 11.50
N ALA F 158 -19.08 -21.56 10.42
CA ALA F 158 -19.47 -22.89 9.99
C ALA F 158 -18.26 -23.74 9.55
N LYS F 159 -17.28 -23.10 8.95
CA LYS F 159 -16.07 -23.81 8.51
C LYS F 159 -15.34 -24.56 9.65
N LYS F 160 -15.35 -24.01 10.85
CA LYS F 160 -14.78 -24.67 12.01
C LYS F 160 -15.39 -26.03 12.24
N LEU F 161 -16.60 -26.25 11.74
CA LEU F 161 -17.28 -27.55 11.89
C LEU F 161 -17.23 -28.41 10.61
N MET F 162 -16.41 -28.01 9.64
CA MET F 162 -16.33 -28.74 8.38
C MET F 162 -14.91 -29.11 8.02
N PRO F 163 -14.21 -29.82 8.94
CA PRO F 163 -12.79 -30.03 8.69
C PRO F 163 -12.49 -30.82 7.40
N GLU F 164 -13.34 -31.77 7.00
CA GLU F 164 -13.16 -32.42 5.70
C GLU F 164 -13.96 -31.79 4.58
N GLY F 165 -14.39 -30.54 4.71
CA GLY F 165 -15.16 -29.90 3.64
C GLY F 165 -16.67 -30.02 3.78
N GLY F 166 -17.39 -29.31 2.90
CA GLY F 166 -18.83 -29.21 3.04
C GLY F 166 -19.44 -28.33 1.97
N SER F 167 -20.70 -27.93 2.17
CA SER F 167 -21.42 -27.16 1.14
C SER F 167 -22.25 -26.07 1.81
N ILE F 168 -22.20 -24.86 1.27
CA ILE F 168 -22.99 -23.80 1.82
C ILE F 168 -23.85 -23.23 0.72
N VAL F 169 -25.14 -23.07 0.99
CA VAL F 169 -26.02 -22.59 -0.07
C VAL F 169 -26.77 -21.35 0.44
N ALA F 170 -26.86 -20.30 -0.36
CA ALA F 170 -27.67 -19.17 0.03
C ALA F 170 -28.81 -18.95 -0.99
N THR F 171 -29.78 -18.15 -0.57
CA THR F 171 -30.98 -18.00 -1.37
C THR F 171 -30.99 -16.61 -2.00
N THR F 172 -31.12 -16.53 -3.31
CA THR F 172 -31.13 -15.20 -3.90
C THR F 172 -32.34 -15.05 -4.82
N TYR F 173 -32.39 -13.92 -5.53
CA TYR F 173 -33.50 -13.67 -6.41
C TYR F 173 -32.95 -12.89 -7.62
N LEU F 174 -33.50 -13.19 -8.79
CA LEU F 174 -33.25 -12.53 -10.07
C LEU F 174 -33.06 -11.01 -10.00
N GLY F 175 -33.65 -10.38 -8.98
CA GLY F 175 -33.55 -8.95 -8.81
C GLY F 175 -32.13 -8.52 -8.46
N GLY F 176 -31.28 -9.47 -8.04
CA GLY F 176 -29.82 -9.30 -7.88
C GLY F 176 -29.03 -9.12 -9.16
N GLU F 177 -29.57 -9.63 -10.27
CA GLU F 177 -28.90 -9.56 -11.56
C GLU F 177 -29.47 -8.47 -12.46
N PHE F 178 -30.74 -8.06 -12.31
CA PHE F 178 -31.42 -7.07 -13.16
C PHE F 178 -32.25 -6.18 -12.25
N ALA F 179 -32.50 -4.94 -12.67
CA ALA F 179 -33.40 -4.07 -11.93
C ALA F 179 -34.84 -4.55 -12.14
N VAL F 180 -35.44 -5.03 -11.06
CA VAL F 180 -36.83 -5.44 -11.04
C VAL F 180 -37.59 -4.33 -10.27
N GLN F 181 -38.47 -3.59 -10.92
CA GLN F 181 -39.32 -2.63 -10.23
C GLN F 181 -39.73 -3.06 -8.80
N ASN F 182 -39.53 -2.19 -7.81
CA ASN F 182 -39.96 -2.43 -6.41
C ASN F 182 -39.00 -3.26 -5.57
N TYR F 183 -38.13 -4.06 -6.19
CA TYR F 183 -37.31 -4.91 -5.36
C TYR F 183 -36.21 -4.05 -4.76
N ASN F 184 -35.90 -2.97 -5.45
CA ASN F 184 -35.14 -1.86 -4.91
C ASN F 184 -33.91 -2.16 -4.08
N VAL F 185 -33.95 -1.69 -2.84
CA VAL F 185 -32.83 -1.90 -1.92
C VAL F 185 -32.41 -3.37 -1.84
N MET F 186 -33.34 -4.28 -2.06
CA MET F 186 -33.01 -5.69 -1.81
C MET F 186 -32.29 -6.27 -3.04
N GLY F 187 -32.58 -5.72 -4.21
CA GLY F 187 -31.84 -6.13 -5.40
C GLY F 187 -30.35 -5.85 -5.25
N VAL F 188 -30.02 -4.67 -4.70
CA VAL F 188 -28.63 -4.32 -4.47
C VAL F 188 -28.03 -5.23 -3.37
N ALA F 189 -28.83 -5.64 -2.39
CA ALA F 189 -28.30 -6.53 -1.37
C ALA F 189 -28.07 -7.90 -1.98
N LYS F 190 -28.88 -8.28 -2.97
CA LYS F 190 -28.76 -9.58 -3.63
C LYS F 190 -27.57 -9.60 -4.60
N ALA F 191 -27.27 -8.45 -5.23
CA ALA F 191 -26.09 -8.37 -6.08
C ALA F 191 -24.80 -8.64 -5.23
N SER F 192 -24.76 -7.99 -4.06
CA SER F 192 -23.73 -8.17 -3.05
C SER F 192 -23.69 -9.62 -2.55
N LEU F 193 -24.86 -10.20 -2.28
CA LEU F 193 -24.91 -11.61 -1.82
C LEU F 193 -24.33 -12.57 -2.90
N GLU F 194 -24.56 -12.24 -4.16
CA GLU F 194 -24.18 -13.13 -5.25
C GLU F 194 -22.68 -13.03 -5.49
N ALA F 195 -22.12 -11.87 -5.19
CA ALA F 195 -20.71 -11.68 -5.31
C ALA F 195 -20.10 -12.33 -4.07
N ASN F 196 -20.72 -12.13 -2.91
CA ASN F 196 -20.32 -12.82 -1.67
C ASN F 196 -20.14 -14.33 -1.87
N VAL F 197 -21.15 -14.96 -2.50
CA VAL F 197 -21.02 -16.37 -2.85
C VAL F 197 -19.79 -16.65 -3.74
N LYS F 198 -19.46 -15.79 -4.71
CA LYS F 198 -18.32 -16.05 -5.57
C LYS F 198 -16.98 -15.95 -4.80
N TYR F 199 -16.87 -14.94 -3.93
CA TYR F 199 -15.63 -14.70 -3.22
C TYR F 199 -15.44 -15.76 -2.16
N LEU F 200 -16.54 -16.26 -1.61
CA LEU F 200 -16.45 -17.29 -0.59
C LEU F 200 -16.04 -18.59 -1.23
N ALA F 201 -16.55 -18.86 -2.44
CA ALA F 201 -16.25 -20.13 -3.08
C ALA F 201 -14.76 -20.16 -3.46
N LEU F 202 -14.24 -19.02 -3.92
CA LEU F 202 -12.80 -18.85 -4.15
C LEU F 202 -11.97 -19.04 -2.86
N ASP F 203 -12.38 -18.42 -1.76
CA ASP F 203 -11.52 -18.46 -0.57
C ASP F 203 -11.58 -19.86 0.06
N LEU F 204 -12.74 -20.49 -0.01
CA LEU F 204 -12.98 -21.69 0.81
C LEU F 204 -12.79 -22.97 0.01
N GLY F 205 -12.80 -22.86 -1.31
CA GLY F 205 -12.53 -24.00 -2.20
C GLY F 205 -11.35 -24.86 -1.77
N PRO F 206 -10.21 -24.23 -1.43
CA PRO F 206 -9.09 -25.09 -1.06
C PRO F 206 -9.38 -25.87 0.20
N ASP F 207 -10.34 -25.46 1.02
CA ASP F 207 -10.72 -26.31 2.17
C ASP F 207 -11.79 -27.34 1.81
N ASN F 208 -12.07 -27.44 0.50
CA ASN F 208 -13.13 -28.34 0.05
C ASN F 208 -14.53 -27.99 0.58
N ILE F 209 -14.78 -26.70 0.74
CA ILE F 209 -16.09 -26.21 1.07
C ILE F 209 -16.62 -25.50 -0.16
N ARG F 210 -17.75 -25.99 -0.70
CA ARG F 210 -18.33 -25.38 -1.90
C ARG F 210 -19.33 -24.29 -1.56
N VAL F 211 -19.37 -23.18 -2.31
CA VAL F 211 -20.38 -22.21 -1.90
C VAL F 211 -21.18 -21.85 -3.10
N ASN F 212 -22.51 -21.92 -3.00
CA ASN F 212 -23.38 -21.72 -4.15
C ASN F 212 -24.63 -20.93 -3.80
N ALA F 213 -25.39 -20.57 -4.82
CA ALA F 213 -26.66 -19.85 -4.64
C ALA F 213 -27.78 -20.52 -5.43
N ILE F 214 -28.97 -20.59 -4.83
CA ILE F 214 -30.22 -20.82 -5.56
C ILE F 214 -30.98 -19.51 -5.80
N SER F 215 -31.27 -19.23 -7.07
CA SER F 215 -32.07 -18.06 -7.38
C SER F 215 -33.55 -18.46 -7.52
N ALA F 216 -34.35 -18.26 -6.48
CA ALA F 216 -35.68 -18.82 -6.45
C ALA F 216 -36.59 -17.88 -7.20
N GLY F 217 -37.61 -18.43 -7.83
CA GLY F 217 -38.68 -17.61 -8.37
C GLY F 217 -39.60 -17.19 -7.24
N PRO F 218 -40.49 -16.23 -7.49
CA PRO F 218 -41.39 -15.74 -6.45
C PRO F 218 -42.29 -16.82 -5.84
N ILE F 219 -42.37 -16.82 -4.52
CA ILE F 219 -43.09 -17.81 -3.72
C ILE F 219 -43.78 -17.08 -2.57
N ARG F 220 -45.06 -17.36 -2.33
CA ARG F 220 -45.76 -16.68 -1.24
C ARG F 220 -45.18 -17.03 0.13
N THR F 221 -44.43 -16.10 0.69
CA THR F 221 -43.95 -16.24 2.07
C THR F 221 -44.37 -15.06 2.97
N LEU F 222 -44.12 -15.16 4.27
CA LEU F 222 -44.24 -14.03 5.17
C LEU F 222 -43.53 -12.76 4.65
N SER F 223 -42.24 -12.87 4.35
CA SER F 223 -41.49 -11.75 3.78
C SER F 223 -42.01 -11.22 2.44
N ALA F 224 -42.36 -12.11 1.51
CA ALA F 224 -42.92 -11.65 0.25
C ALA F 224 -44.09 -10.68 0.42
N LYS F 225 -44.80 -10.73 1.54
CA LYS F 225 -45.91 -9.79 1.75
C LYS F 225 -45.46 -8.33 1.81
N GLY F 226 -44.17 -8.11 2.00
CA GLY F 226 -43.69 -6.74 2.19
C GLY F 226 -43.13 -6.18 0.92
N VAL F 227 -43.09 -6.97 -0.15
CA VAL F 227 -42.54 -6.46 -1.40
C VAL F 227 -43.64 -5.89 -2.29
N GLY F 228 -43.52 -4.63 -2.71
CA GLY F 228 -44.49 -4.07 -3.65
C GLY F 228 -44.56 -4.91 -4.92
N GLY F 229 -45.78 -5.08 -5.44
CA GLY F 229 -46.04 -5.66 -6.76
C GLY F 229 -45.72 -7.14 -6.91
N PHE F 230 -45.65 -7.85 -5.78
CA PHE F 230 -45.35 -9.29 -5.76
C PHE F 230 -46.44 -10.12 -6.45
N ASN F 231 -47.71 -9.76 -6.30
CA ASN F 231 -48.74 -10.47 -7.02
C ASN F 231 -48.67 -10.21 -8.52
N THR F 232 -48.37 -8.98 -8.94
CA THR F 232 -48.18 -8.80 -10.38
C THR F 232 -47.10 -9.72 -10.98
N ILE F 233 -46.02 -9.95 -10.24
CA ILE F 233 -44.90 -10.70 -10.79
C ILE F 233 -45.25 -12.19 -10.81
N LEU F 234 -45.93 -12.71 -9.80
CA LEU F 234 -46.38 -14.11 -9.87
C LEU F 234 -47.14 -14.44 -11.15
N LYS F 235 -48.02 -13.53 -11.53
CA LYS F 235 -48.87 -13.77 -12.68
C LYS F 235 -48.08 -13.57 -13.98
N GLU F 236 -47.07 -12.72 -13.96
CA GLU F 236 -46.24 -12.62 -15.15
C GLU F 236 -45.46 -13.93 -15.36
N ILE F 237 -45.12 -14.60 -14.25
CA ILE F 237 -44.37 -15.84 -14.33
C ILE F 237 -45.20 -16.95 -14.98
N GLU F 238 -46.44 -17.10 -14.55
CA GLU F 238 -47.34 -18.05 -15.15
C GLU F 238 -47.52 -17.71 -16.62
N GLU F 239 -47.69 -16.44 -16.94
CA GLU F 239 -47.92 -16.04 -18.33
C GLU F 239 -46.71 -16.19 -19.25
N ARG F 240 -45.51 -15.89 -18.77
CA ARG F 240 -44.34 -15.78 -19.67
C ARG F 240 -43.16 -16.77 -19.50
N ALA F 241 -42.95 -17.34 -18.31
CA ALA F 241 -41.81 -18.24 -18.06
C ALA F 241 -42.02 -19.46 -18.93
N PRO F 242 -40.93 -20.06 -19.43
CA PRO F 242 -40.99 -21.31 -20.17
C PRO F 242 -41.97 -22.37 -19.62
N LEU F 243 -41.95 -22.64 -18.30
CA LEU F 243 -42.80 -23.70 -17.76
C LEU F 243 -44.23 -23.21 -17.53
N LYS F 244 -44.47 -21.92 -17.71
CA LYS F 244 -45.83 -21.40 -17.63
C LYS F 244 -46.46 -21.75 -16.30
N ARG F 245 -45.67 -21.74 -15.22
CA ARG F 245 -46.21 -21.97 -13.89
C ARG F 245 -45.20 -21.40 -12.89
N ASN F 246 -45.64 -21.27 -11.64
CA ASN F 246 -44.75 -20.82 -10.58
C ASN F 246 -44.04 -22.00 -9.95
N VAL F 247 -43.01 -21.75 -9.13
CA VAL F 247 -42.33 -22.84 -8.45
C VAL F 247 -42.75 -22.78 -7.00
N ASP F 248 -42.38 -23.81 -6.22
CA ASP F 248 -42.72 -23.80 -4.81
C ASP F 248 -41.51 -24.11 -3.98
N GLN F 249 -41.71 -24.13 -2.66
CA GLN F 249 -40.60 -24.22 -1.73
C GLN F 249 -39.89 -25.57 -1.86
N VAL F 250 -40.67 -26.60 -2.19
CA VAL F 250 -40.14 -27.98 -2.25
C VAL F 250 -39.21 -28.10 -3.46
N GLU F 251 -39.50 -27.33 -4.50
CA GLU F 251 -38.65 -27.31 -5.68
C GLU F 251 -37.31 -26.68 -5.37
N VAL F 252 -37.28 -25.65 -4.51
CA VAL F 252 -36.03 -25.06 -4.08
C VAL F 252 -35.27 -26.06 -3.21
N GLY F 253 -36.02 -26.76 -2.35
CA GLY F 253 -35.45 -27.77 -1.50
C GLY F 253 -34.78 -28.91 -2.25
N LYS F 254 -35.38 -29.34 -3.37
CA LYS F 254 -34.79 -30.42 -4.17
C LYS F 254 -33.47 -29.97 -4.81
N THR F 255 -33.39 -28.74 -5.32
CA THR F 255 -32.14 -28.21 -5.82
C THR F 255 -31.14 -27.95 -4.69
N ALA F 256 -31.65 -27.59 -3.51
CA ALA F 256 -30.81 -27.49 -2.33
C ALA F 256 -30.18 -28.83 -1.97
N ALA F 257 -30.96 -29.90 -2.06
CA ALA F 257 -30.46 -31.21 -1.70
C ALA F 257 -29.32 -31.61 -2.64
N TYR F 258 -29.44 -31.19 -3.90
CA TYR F 258 -28.41 -31.42 -4.90
C TYR F 258 -27.15 -30.65 -4.49
N LEU F 259 -27.26 -29.32 -4.33
CA LEU F 259 -26.11 -28.52 -3.94
C LEU F 259 -25.47 -28.94 -2.62
N LEU F 260 -26.23 -29.54 -1.71
CA LEU F 260 -25.70 -29.83 -0.37
C LEU F 260 -25.05 -31.22 -0.29
N SER F 261 -25.27 -32.00 -1.34
CA SER F 261 -24.77 -33.36 -1.43
C SER F 261 -23.61 -33.49 -2.42
N ASP F 262 -23.07 -34.71 -2.45
CA ASP F 262 -21.98 -35.07 -3.33
C ASP F 262 -22.41 -35.15 -4.79
N LEU F 263 -23.70 -35.03 -5.07
CA LEU F 263 -24.14 -35.01 -6.45
C LEU F 263 -23.55 -33.78 -7.15
N SER F 264 -23.28 -32.72 -6.40
CA SER F 264 -22.82 -31.48 -7.03
C SER F 264 -21.34 -31.23 -6.75
N SER F 265 -20.58 -32.28 -6.45
N SER F 265 -20.62 -32.27 -6.34
CA SER F 265 -19.18 -32.14 -6.01
CA SER F 265 -19.16 -32.22 -6.38
C SER F 265 -18.29 -31.22 -6.86
C SER F 265 -18.75 -31.64 -7.74
N GLY F 266 -18.62 -31.03 -8.13
N GLY F 266 -17.83 -30.69 -7.71
CA GLY F 266 -17.75 -30.26 -9.03
CA GLY F 266 -17.41 -30.00 -8.92
C GLY F 266 -18.12 -28.79 -9.15
C GLY F 266 -18.07 -28.65 -9.13
N VAL F 267 -19.17 -28.39 -8.43
CA VAL F 267 -19.89 -27.15 -8.64
C VAL F 267 -19.69 -26.19 -7.47
N THR F 268 -19.25 -24.97 -7.78
CA THR F 268 -19.03 -23.95 -6.77
C THR F 268 -18.94 -22.57 -7.43
N GLY F 269 -19.41 -21.58 -6.68
CA GLY F 269 -19.47 -20.24 -7.16
C GLY F 269 -20.63 -20.16 -8.13
N GLU F 270 -21.54 -21.15 -8.07
CA GLU F 270 -22.63 -21.19 -9.02
C GLU F 270 -23.96 -20.54 -8.52
N ASN F 271 -24.75 -20.05 -9.46
CA ASN F 271 -26.11 -19.54 -9.14
C ASN F 271 -27.16 -20.31 -9.97
N ILE F 272 -27.83 -21.28 -9.35
CA ILE F 272 -28.84 -22.08 -10.07
C ILE F 272 -30.23 -21.47 -9.94
N HIS F 273 -30.84 -21.09 -11.06
CA HIS F 273 -32.18 -20.48 -11.06
C HIS F 273 -33.28 -21.53 -11.02
N VAL F 274 -33.99 -21.62 -9.90
CA VAL F 274 -35.18 -22.49 -9.76
C VAL F 274 -36.42 -21.60 -9.89
N ASP F 275 -36.75 -21.23 -11.13
CA ASP F 275 -37.66 -20.15 -11.44
C ASP F 275 -38.45 -20.42 -12.72
N SER F 276 -38.62 -21.70 -13.08
CA SER F 276 -39.43 -22.04 -14.23
C SER F 276 -38.82 -21.56 -15.52
N GLY F 277 -37.52 -21.28 -15.47
CA GLY F 277 -36.81 -20.71 -16.61
C GLY F 277 -36.98 -19.23 -16.90
N PHE F 278 -37.56 -18.47 -15.99
CA PHE F 278 -37.84 -17.05 -16.24
C PHE F 278 -36.57 -16.21 -16.49
N HIS F 279 -35.47 -16.52 -15.81
CA HIS F 279 -34.17 -15.88 -16.04
C HIS F 279 -33.69 -16.00 -17.50
N ALA F 280 -34.15 -16.99 -18.25
CA ALA F 280 -33.56 -17.22 -19.56
C ALA F 280 -34.29 -16.50 -20.70
N ILE F 281 -35.36 -15.77 -20.39
CA ILE F 281 -36.19 -15.08 -21.41
C ILE F 281 -36.23 -13.56 -21.20
N LYS F 282 -36.50 -12.82 -22.27
CA LYS F 282 -36.80 -11.40 -22.19
C LYS F 282 -38.01 -11.10 -23.07
N VAL G 28 -32.91 -39.25 -5.72
CA VAL G 28 -32.60 -39.35 -7.19
C VAL G 28 -32.59 -40.79 -7.75
N ASN G 29 -33.34 -41.71 -7.14
CA ASN G 29 -33.65 -43.01 -7.74
C ASN G 29 -34.23 -43.00 -9.18
N LEU G 30 -33.65 -43.71 -10.14
CA LEU G 30 -34.16 -43.63 -11.53
C LEU G 30 -34.73 -44.91 -12.19
N GLU G 31 -35.09 -45.91 -11.41
CA GLU G 31 -35.68 -47.09 -11.99
C GLU G 31 -36.96 -46.73 -12.74
N ASN G 32 -37.20 -47.46 -13.82
CA ASN G 32 -38.38 -47.20 -14.64
C ASN G 32 -38.34 -45.87 -15.38
N LYS G 33 -37.19 -45.20 -15.36
CA LYS G 33 -36.84 -44.18 -16.35
C LYS G 33 -35.99 -44.71 -17.52
N THR G 34 -36.02 -44.02 -18.65
CA THR G 34 -35.23 -44.38 -19.83
C THR G 34 -34.60 -43.12 -20.43
N TYR G 35 -33.28 -43.11 -20.58
CA TYR G 35 -32.57 -41.97 -21.17
C TYR G 35 -31.82 -42.41 -22.43
N VAL G 36 -31.75 -41.50 -23.39
CA VAL G 36 -31.04 -41.74 -24.62
C VAL G 36 -29.74 -40.97 -24.44
N ILE G 37 -28.61 -41.68 -24.44
CA ILE G 37 -27.30 -41.02 -24.30
C ILE G 37 -26.62 -40.94 -25.68
N MET G 38 -26.36 -39.73 -26.15
CA MET G 38 -25.82 -39.54 -27.49
C MET G 38 -24.35 -39.09 -27.41
N GLY G 39 -23.43 -39.81 -28.06
CA GLY G 39 -22.01 -39.39 -28.08
C GLY G 39 -21.00 -40.15 -27.21
N ILE G 40 -21.21 -41.42 -26.93
CA ILE G 40 -20.08 -42.20 -26.43
C ILE G 40 -19.16 -42.65 -27.59
N ALA G 41 -17.89 -42.24 -27.57
CA ALA G 41 -16.93 -42.85 -28.48
C ALA G 41 -16.07 -43.88 -27.75
N ASN G 42 -15.81 -43.69 -26.46
CA ASN G 42 -15.07 -44.71 -25.73
C ASN G 42 -15.12 -44.50 -24.21
N LYS G 43 -14.24 -45.19 -23.49
CA LYS G 43 -14.33 -45.18 -22.02
C LYS G 43 -14.09 -43.81 -21.41
N ARG G 44 -13.55 -42.86 -22.15
CA ARG G 44 -13.19 -41.56 -21.56
C ARG G 44 -14.17 -40.47 -21.98
N SER G 45 -15.08 -40.80 -22.88
CA SER G 45 -16.13 -39.90 -23.24
C SER G 45 -16.87 -39.37 -22.00
N ILE G 46 -17.21 -38.10 -22.04
CA ILE G 46 -18.02 -37.50 -20.99
C ILE G 46 -19.35 -38.29 -20.92
N ALA G 47 -19.92 -38.65 -22.08
CA ALA G 47 -21.19 -39.37 -22.05
C ALA G 47 -21.08 -40.73 -21.35
N PHE G 48 -19.89 -41.32 -21.28
CA PHE G 48 -19.82 -42.58 -20.54
C PHE G 48 -19.82 -42.36 -19.02
N GLY G 49 -19.29 -41.23 -18.55
CA GLY G 49 -19.49 -40.79 -17.18
C GLY G 49 -20.98 -40.63 -16.87
N VAL G 50 -21.72 -39.94 -17.73
CA VAL G 50 -23.15 -39.84 -17.57
C VAL G 50 -23.76 -41.24 -17.44
N ALA G 51 -23.39 -42.12 -18.35
CA ALA G 51 -23.98 -43.44 -18.46
C ALA G 51 -23.74 -44.24 -17.18
N LYS G 52 -22.50 -44.32 -16.67
CA LYS G 52 -22.23 -45.04 -15.43
C LYS G 52 -23.09 -44.52 -14.31
N VAL G 53 -23.32 -43.21 -14.27
CA VAL G 53 -24.09 -42.64 -13.16
C VAL G 53 -25.56 -43.02 -13.27
N LEU G 54 -26.20 -42.75 -14.42
CA LEU G 54 -27.60 -43.10 -14.64
C LEU G 54 -27.81 -44.58 -14.43
N ASP G 55 -26.83 -45.39 -14.79
CA ASP G 55 -27.04 -46.81 -14.85
C ASP G 55 -26.93 -47.35 -13.43
N GLN G 56 -25.98 -46.81 -12.69
CA GLN G 56 -25.95 -46.86 -11.24
C GLN G 56 -27.30 -46.58 -10.55
N LEU G 57 -28.06 -45.65 -11.09
CA LEU G 57 -29.24 -45.16 -10.40
C LEU G 57 -30.48 -45.92 -10.83
N GLY G 58 -30.30 -46.98 -11.61
CA GLY G 58 -31.42 -47.85 -12.03
C GLY G 58 -32.05 -47.52 -13.38
N ALA G 59 -31.59 -46.47 -14.07
CA ALA G 59 -32.15 -46.11 -15.38
C ALA G 59 -31.96 -47.16 -16.50
N LYS G 60 -32.94 -47.22 -17.41
CA LYS G 60 -32.75 -47.87 -18.69
C LYS G 60 -32.11 -46.88 -19.68
N LEU G 61 -31.06 -47.37 -20.35
CA LEU G 61 -30.25 -46.56 -21.24
C LEU G 61 -30.27 -47.04 -22.71
N VAL G 62 -30.24 -46.07 -23.60
CA VAL G 62 -30.22 -46.24 -25.04
C VAL G 62 -29.05 -45.37 -25.51
N PHE G 63 -28.21 -45.95 -26.35
CA PHE G 63 -27.00 -45.29 -26.84
C PHE G 63 -27.03 -45.07 -28.35
N THR G 64 -26.62 -43.88 -28.78
CA THR G 64 -26.50 -43.61 -30.22
C THR G 64 -25.04 -43.29 -30.59
N TYR G 65 -24.61 -43.65 -31.80
CA TYR G 65 -23.20 -43.51 -32.15
C TYR G 65 -23.10 -43.09 -33.59
N ARG G 66 -21.93 -42.62 -34.01
CA ARG G 66 -21.70 -42.38 -35.42
C ARG G 66 -20.80 -43.41 -36.07
N LYS G 67 -19.52 -43.47 -35.68
CA LYS G 67 -18.54 -44.36 -36.28
C LYS G 67 -18.73 -45.80 -35.78
N GLU G 68 -18.41 -46.74 -36.66
CA GLU G 68 -18.57 -48.13 -36.27
CA GLU G 68 -18.45 -48.16 -36.37
C GLU G 68 -17.67 -48.49 -35.10
N ARG G 69 -16.52 -47.83 -34.98
CA ARG G 69 -15.63 -48.08 -33.86
C ARG G 69 -16.27 -47.68 -32.55
N SER G 70 -17.08 -46.62 -32.58
CA SER G 70 -17.76 -46.20 -31.36
C SER G 70 -18.72 -47.30 -30.90
N ARG G 71 -19.42 -47.94 -31.85
CA ARG G 71 -20.27 -49.09 -31.51
C ARG G 71 -19.50 -50.22 -30.83
N LYS G 72 -18.38 -50.60 -31.43
CA LYS G 72 -17.53 -51.63 -30.82
C LYS G 72 -17.05 -51.29 -29.41
N GLU G 73 -16.79 -50.01 -29.16
CA GLU G 73 -16.47 -49.56 -27.81
C GLU G 73 -17.69 -49.65 -26.88
N LEU G 74 -18.85 -49.27 -27.38
CA LEU G 74 -20.10 -49.37 -26.62
C LEU G 74 -20.41 -50.82 -26.27
N GLU G 75 -20.09 -51.75 -27.18
CA GLU G 75 -20.32 -53.16 -26.96
C GLU G 75 -19.49 -53.67 -25.77
N LYS G 76 -18.20 -53.36 -25.72
CA LYS G 76 -17.40 -53.80 -24.56
C LYS G 76 -17.65 -52.98 -23.28
N LEU G 77 -18.16 -51.76 -23.39
CA LEU G 77 -18.37 -50.89 -22.21
C LEU G 77 -19.68 -51.27 -21.53
N LEU G 78 -20.63 -51.73 -22.32
CA LEU G 78 -21.86 -52.29 -21.76
C LEU G 78 -21.69 -53.44 -20.78
N GLU G 79 -20.59 -54.19 -20.81
CA GLU G 79 -20.39 -55.29 -19.84
C GLU G 79 -20.06 -54.81 -18.44
N GLN G 80 -19.56 -53.59 -18.31
CA GLN G 80 -19.40 -52.89 -17.05
C GLN G 80 -20.69 -52.35 -16.43
N LEU G 81 -21.69 -52.11 -17.26
CA LEU G 81 -22.93 -51.49 -16.84
C LEU G 81 -23.93 -52.57 -16.44
N ASN G 82 -25.00 -52.13 -15.79
CA ASN G 82 -26.01 -53.02 -15.26
C ASN G 82 -27.12 -53.30 -16.27
N GLN G 83 -27.06 -52.71 -17.46
CA GLN G 83 -28.16 -52.83 -18.42
C GLN G 83 -28.37 -54.28 -18.89
N PRO G 84 -29.63 -54.75 -18.92
CA PRO G 84 -29.79 -56.12 -19.37
C PRO G 84 -29.69 -56.21 -20.89
N GLU G 85 -29.93 -55.11 -21.61
CA GLU G 85 -29.76 -55.16 -23.06
C GLU G 85 -29.02 -54.01 -23.70
N ALA G 86 -28.31 -54.37 -24.77
CA ALA G 86 -27.71 -53.39 -25.65
C ALA G 86 -28.81 -52.71 -26.44
N HIS G 87 -28.92 -51.40 -26.32
CA HIS G 87 -29.78 -50.65 -27.23
C HIS G 87 -28.94 -49.64 -28.00
N LEU G 88 -28.43 -50.02 -29.17
CA LEU G 88 -27.47 -49.18 -29.87
C LEU G 88 -28.00 -48.70 -31.21
N TYR G 89 -27.87 -47.42 -31.52
CA TYR G 89 -28.47 -46.88 -32.73
C TYR G 89 -27.49 -45.94 -33.41
N GLN G 90 -27.25 -46.14 -34.70
CA GLN G 90 -26.33 -45.32 -35.42
C GLN G 90 -27.06 -44.06 -35.88
N ILE G 91 -26.65 -42.91 -35.33
CA ILE G 91 -27.25 -41.65 -35.71
C ILE G 91 -26.11 -40.68 -35.97
N ASP G 92 -25.94 -40.34 -37.24
CA ASP G 92 -25.09 -39.22 -37.58
C ASP G 92 -25.95 -37.95 -37.62
N VAL G 93 -25.65 -36.99 -36.76
CA VAL G 93 -26.58 -35.88 -36.63
C VAL G 93 -26.49 -34.89 -37.80
N GLN G 94 -25.61 -35.16 -38.76
CA GLN G 94 -25.63 -34.36 -39.98
C GLN G 94 -26.82 -34.72 -40.88
N SER G 95 -27.41 -35.91 -40.68
CA SER G 95 -28.49 -36.38 -41.54
C SER G 95 -29.84 -36.29 -40.79
N ASP G 96 -30.76 -35.51 -41.34
CA ASP G 96 -32.13 -35.46 -40.86
C ASP G 96 -32.75 -36.85 -40.75
N GLU G 97 -32.64 -37.60 -41.84
CA GLU G 97 -33.24 -38.93 -41.88
CA GLU G 97 -33.13 -38.98 -41.97
C GLU G 97 -32.64 -39.83 -40.80
N GLU G 98 -31.35 -39.72 -40.50
CA GLU G 98 -30.81 -40.63 -39.49
C GLU G 98 -31.33 -40.32 -38.09
N VAL G 99 -31.54 -39.02 -37.81
CA VAL G 99 -32.09 -38.57 -36.55
C VAL G 99 -33.55 -39.00 -36.48
N ILE G 100 -34.26 -38.72 -37.57
CA ILE G 100 -35.71 -38.91 -37.63
C ILE G 100 -36.04 -40.40 -37.51
N ASN G 101 -35.33 -41.23 -38.26
CA ASN G 101 -35.52 -42.68 -38.26
C ASN G 101 -34.94 -43.35 -37.02
N GLY G 102 -33.85 -42.81 -36.49
CA GLY G 102 -33.28 -43.33 -35.26
C GLY G 102 -34.17 -43.13 -34.05
N PHE G 103 -34.70 -41.91 -33.88
CA PHE G 103 -35.57 -41.69 -32.75
C PHE G 103 -36.88 -42.41 -32.91
N GLU G 104 -37.40 -42.45 -34.13
CA GLU G 104 -38.66 -43.16 -34.35
C GLU G 104 -38.51 -44.67 -34.08
N GLN G 105 -37.37 -45.23 -34.48
CA GLN G 105 -36.99 -46.60 -34.15
C GLN G 105 -36.75 -46.83 -32.65
N ILE G 106 -36.07 -45.90 -31.98
CA ILE G 106 -35.89 -46.00 -30.53
C ILE G 106 -37.28 -46.11 -29.90
N GLY G 107 -38.19 -45.32 -30.46
CA GLY G 107 -39.48 -45.15 -29.86
C GLY G 107 -40.32 -46.40 -30.05
N LYS G 108 -39.90 -47.26 -30.95
CA LYS G 108 -40.60 -48.52 -31.18
C LYS G 108 -39.99 -49.69 -30.43
N ASP G 109 -38.69 -49.64 -30.20
CA ASP G 109 -38.01 -50.67 -29.41
C ASP G 109 -38.21 -50.52 -27.91
N VAL G 110 -38.28 -49.29 -27.41
CA VAL G 110 -38.38 -49.07 -25.97
C VAL G 110 -39.63 -48.25 -25.57
N GLY G 111 -40.36 -47.72 -26.54
CA GLY G 111 -41.47 -46.85 -26.19
C GLY G 111 -40.99 -45.49 -25.75
N ASN G 112 -41.76 -44.84 -24.88
CA ASN G 112 -41.52 -43.47 -24.45
C ASN G 112 -40.26 -43.27 -23.60
N ILE G 113 -39.55 -42.16 -23.79
CA ILE G 113 -38.35 -41.90 -23.03
C ILE G 113 -38.53 -40.75 -22.04
N ASP G 114 -37.66 -40.69 -21.04
CA ASP G 114 -37.70 -39.58 -20.07
C ASP G 114 -36.73 -38.40 -20.34
N GLY G 115 -35.72 -38.62 -21.18
CA GLY G 115 -34.71 -37.59 -21.41
C GLY G 115 -33.70 -37.97 -22.47
N VAL G 116 -33.01 -36.98 -23.00
CA VAL G 116 -31.84 -37.17 -23.87
C VAL G 116 -30.63 -36.49 -23.26
N TYR G 117 -29.51 -37.19 -23.22
CA TYR G 117 -28.26 -36.53 -22.91
C TYR G 117 -27.50 -36.37 -24.21
N HIS G 118 -27.17 -35.12 -24.55
CA HIS G 118 -26.54 -34.81 -25.81
C HIS G 118 -25.06 -34.49 -25.52
N SER G 119 -24.18 -35.32 -26.06
CA SER G 119 -22.73 -35.15 -25.86
C SER G 119 -21.96 -35.20 -27.19
N ILE G 120 -22.33 -34.31 -28.11
CA ILE G 120 -21.89 -34.38 -29.49
C ILE G 120 -21.35 -33.04 -29.95
N ALA G 121 -20.14 -33.03 -30.50
CA ALA G 121 -19.55 -31.82 -31.05
C ALA G 121 -18.48 -32.22 -32.08
N PHE G 122 -18.17 -31.35 -33.04
CA PHE G 122 -17.10 -31.60 -33.99
C PHE G 122 -16.63 -30.30 -34.58
N ALA G 123 -15.33 -30.21 -34.86
CA ALA G 123 -14.75 -29.17 -35.67
C ALA G 123 -13.52 -29.80 -36.24
N ASN G 124 -13.13 -29.35 -37.44
CA ASN G 124 -11.87 -29.77 -38.02
C ASN G 124 -10.75 -29.34 -37.13
N MET G 125 -9.64 -30.05 -37.19
CA MET G 125 -8.50 -29.73 -36.36
C MET G 125 -7.86 -28.37 -36.62
N GLU G 126 -7.74 -27.98 -37.87
CA GLU G 126 -7.09 -26.70 -38.13
C GLU G 126 -7.84 -25.54 -37.44
N ASP G 127 -9.13 -25.76 -37.16
CA ASP G 127 -9.97 -24.70 -36.68
C ASP G 127 -9.90 -24.67 -35.15
N LEU G 128 -8.94 -25.38 -34.55
CA LEU G 128 -8.86 -25.47 -33.08
C LEU G 128 -7.46 -25.04 -32.60
N ARG G 129 -6.91 -24.08 -33.35
CA ARG G 129 -5.61 -23.51 -33.06
C ARG G 129 -5.40 -22.34 -34.02
N GLY G 130 -4.34 -21.57 -33.79
CA GLY G 130 -4.02 -20.49 -34.74
C GLY G 130 -5.14 -19.47 -34.74
N ARG G 131 -5.35 -18.85 -35.90
CA ARG G 131 -6.10 -17.58 -35.97
C ARG G 131 -7.58 -17.80 -36.29
N PHE G 132 -8.45 -17.50 -35.32
CA PHE G 132 -9.89 -17.62 -35.55
C PHE G 132 -10.28 -16.81 -36.79
N SER G 133 -9.65 -15.66 -37.04
CA SER G 133 -10.14 -14.86 -38.20
C SER G 133 -9.89 -15.60 -39.54
N GLU G 134 -9.16 -16.71 -39.47
CA GLU G 134 -8.83 -17.42 -40.72
C GLU G 134 -9.78 -18.57 -41.00
N THR G 135 -10.72 -18.80 -40.09
CA THR G 135 -11.67 -19.89 -40.23
C THR G 135 -12.37 -19.82 -41.60
N SER G 136 -12.49 -20.98 -42.24
CA SER G 136 -13.22 -21.13 -43.48
C SER G 136 -14.72 -21.19 -43.19
N ARG G 137 -15.53 -20.73 -44.14
CA ARG G 137 -16.99 -20.88 -44.09
C ARG G 137 -17.39 -22.33 -43.86
N GLU G 138 -16.77 -23.23 -44.62
CA GLU G 138 -17.11 -24.64 -44.52
C GLU G 138 -16.81 -25.17 -43.13
N GLY G 139 -15.66 -24.80 -42.55
CA GLY G 139 -15.36 -25.27 -41.20
C GLY G 139 -16.26 -24.66 -40.13
N PHE G 140 -16.61 -23.39 -40.30
CA PHE G 140 -17.52 -22.69 -39.38
C PHE G 140 -18.90 -23.36 -39.39
N LEU G 141 -19.46 -23.61 -40.58
CA LEU G 141 -20.82 -24.14 -40.67
C LEU G 141 -20.90 -25.61 -40.25
N LEU G 142 -19.82 -26.37 -40.46
CA LEU G 142 -19.68 -27.73 -40.00
C LEU G 142 -19.80 -27.79 -38.49
N ALA G 143 -19.04 -26.96 -37.81
CA ALA G 143 -19.07 -26.89 -36.33
C ALA G 143 -20.47 -26.58 -35.79
N GLN G 144 -21.11 -25.57 -36.41
CA GLN G 144 -22.49 -25.19 -36.09
C GLN G 144 -23.47 -26.33 -36.34
N ASP G 145 -23.30 -27.05 -37.45
CA ASP G 145 -24.20 -28.11 -37.88
C ASP G 145 -24.17 -29.20 -36.83
N ILE G 146 -23.00 -29.72 -36.50
CA ILE G 146 -22.86 -30.90 -35.63
C ILE G 146 -23.03 -30.52 -34.18
N SER G 147 -22.56 -29.34 -33.83
CA SER G 147 -22.39 -28.96 -32.42
C SER G 147 -23.59 -28.17 -31.85
N SER G 148 -24.44 -27.62 -32.71
CA SER G 148 -25.51 -26.76 -32.21
C SER G 148 -26.85 -27.15 -32.85
N TYR G 149 -26.91 -27.12 -34.18
CA TYR G 149 -28.14 -27.52 -34.84
C TYR G 149 -28.57 -28.94 -34.44
N SER G 150 -27.65 -29.89 -34.38
CA SER G 150 -28.05 -31.23 -33.99
C SER G 150 -28.98 -31.24 -32.76
N LEU G 151 -28.81 -30.32 -31.83
CA LEU G 151 -29.68 -30.33 -30.66
C LEU G 151 -31.13 -29.96 -30.99
N THR G 152 -31.31 -28.97 -31.85
CA THR G 152 -32.62 -28.54 -32.29
C THR G 152 -33.42 -29.69 -32.89
N ILE G 153 -32.84 -30.33 -33.91
CA ILE G 153 -33.51 -31.46 -34.56
C ILE G 153 -33.69 -32.68 -33.63
N VAL G 154 -32.70 -32.99 -32.80
CA VAL G 154 -32.82 -34.02 -31.76
C VAL G 154 -33.97 -33.68 -30.83
N ALA G 155 -34.05 -32.45 -30.32
CA ALA G 155 -35.16 -32.11 -29.43
C ALA G 155 -36.52 -32.26 -30.13
N HIS G 156 -36.59 -31.87 -31.40
CA HIS G 156 -37.83 -31.97 -32.16
C HIS G 156 -38.29 -33.42 -32.33
N GLU G 157 -37.36 -34.33 -32.58
CA GLU G 157 -37.65 -35.76 -32.72
C GLU G 157 -37.90 -36.44 -31.37
N ALA G 158 -37.08 -36.14 -30.38
CA ALA G 158 -37.21 -36.74 -29.05
C ALA G 158 -38.53 -36.32 -28.41
N LYS G 159 -38.95 -35.09 -28.62
CA LYS G 159 -40.20 -34.62 -28.03
C LYS G 159 -41.35 -35.58 -28.37
N LYS G 160 -41.27 -36.24 -29.53
CA LYS G 160 -42.29 -37.22 -29.90
C LYS G 160 -42.41 -38.41 -28.93
N LEU G 161 -41.42 -38.64 -28.09
CA LEU G 161 -41.39 -39.79 -27.20
C LEU G 161 -41.53 -39.29 -25.77
N MET G 162 -41.93 -38.03 -25.64
CA MET G 162 -42.00 -37.47 -24.31
C MET G 162 -43.38 -36.85 -24.10
N PRO G 163 -44.46 -37.61 -24.39
CA PRO G 163 -45.77 -36.97 -24.31
C PRO G 163 -46.09 -36.37 -22.93
N GLU G 164 -45.61 -37.01 -21.86
CA GLU G 164 -45.77 -36.56 -20.48
C GLU G 164 -44.72 -35.52 -20.03
N GLY G 165 -43.79 -35.15 -20.91
CA GLY G 165 -42.70 -34.24 -20.55
C GLY G 165 -41.35 -34.96 -20.36
N GLY G 166 -40.27 -34.21 -20.17
CA GLY G 166 -38.99 -34.83 -19.89
C GLY G 166 -37.87 -33.84 -19.79
N SER G 167 -36.64 -34.35 -19.98
CA SER G 167 -35.45 -33.51 -19.75
C SER G 167 -34.38 -33.70 -20.83
N ILE G 168 -33.87 -32.60 -21.38
CA ILE G 168 -32.80 -32.68 -22.35
C ILE G 168 -31.61 -31.83 -21.86
N VAL G 169 -30.41 -32.42 -21.91
CA VAL G 169 -29.19 -31.81 -21.40
C VAL G 169 -28.16 -31.89 -22.50
N ALA G 170 -27.50 -30.77 -22.84
CA ALA G 170 -26.38 -30.76 -23.78
C ALA G 170 -25.12 -30.31 -23.02
N THR G 171 -23.96 -30.54 -23.64
CA THR G 171 -22.71 -30.34 -22.94
C THR G 171 -22.00 -29.17 -23.58
N THR G 172 -21.64 -28.15 -22.79
CA THR G 172 -20.96 -27.02 -23.37
C THR G 172 -19.66 -26.73 -22.65
N TYR G 173 -19.04 -25.62 -23.03
CA TYR G 173 -17.75 -25.27 -22.45
C TYR G 173 -17.73 -23.75 -22.33
N LEU G 174 -17.09 -23.30 -21.25
CA LEU G 174 -16.85 -21.90 -20.93
C LEU G 174 -16.43 -21.07 -22.15
N GLY G 175 -15.74 -21.71 -23.09
CA GLY G 175 -15.36 -21.04 -24.32
C GLY G 175 -16.53 -20.49 -25.11
N GLY G 176 -17.73 -20.98 -24.78
CA GLY G 176 -19.03 -20.46 -25.27
C GLY G 176 -19.38 -19.07 -24.76
N GLU G 177 -18.87 -18.71 -23.57
CA GLU G 177 -19.22 -17.43 -22.96
C GLU G 177 -18.09 -16.41 -23.02
N PHE G 178 -16.85 -16.88 -23.17
CA PHE G 178 -15.67 -16.02 -23.19
C PHE G 178 -14.76 -16.51 -24.30
N ALA G 179 -14.02 -15.62 -24.97
CA ALA G 179 -13.00 -16.03 -25.93
C ALA G 179 -11.87 -16.74 -25.23
N VAL G 180 -11.74 -18.05 -25.43
CA VAL G 180 -10.59 -18.79 -24.93
C VAL G 180 -9.62 -19.10 -26.07
N GLN G 181 -8.37 -18.67 -26.02
CA GLN G 181 -7.40 -18.93 -27.09
C GLN G 181 -7.43 -20.38 -27.63
N ASN G 182 -7.36 -20.57 -28.96
CA ASN G 182 -7.41 -21.90 -29.60
C ASN G 182 -8.80 -22.55 -29.77
N TYR G 183 -9.73 -22.27 -28.90
CA TYR G 183 -10.98 -22.97 -28.93
C TYR G 183 -11.82 -22.43 -30.09
N ASN G 184 -11.58 -21.18 -30.42
CA ASN G 184 -11.90 -20.66 -31.74
C ASN G 184 -13.30 -21.06 -32.28
N VAL G 185 -13.36 -21.77 -33.39
CA VAL G 185 -14.63 -21.99 -34.06
C VAL G 185 -15.57 -22.77 -33.15
N MET G 186 -15.03 -23.63 -32.28
CA MET G 186 -15.92 -24.33 -31.38
C MET G 186 -16.55 -23.37 -30.36
N GLY G 187 -15.83 -22.32 -29.97
CA GLY G 187 -16.41 -21.39 -29.02
C GLY G 187 -17.65 -20.72 -29.62
N VAL G 188 -17.55 -20.33 -30.90
CA VAL G 188 -18.71 -19.72 -31.58
C VAL G 188 -19.81 -20.77 -31.70
N ALA G 189 -19.46 -22.02 -31.95
CA ALA G 189 -20.47 -23.09 -31.93
C ALA G 189 -21.11 -23.27 -30.56
N LYS G 190 -20.33 -23.19 -29.48
CA LYS G 190 -20.95 -23.33 -28.15
C LYS G 190 -21.79 -22.13 -27.72
N ALA G 191 -21.44 -20.92 -28.17
CA ALA G 191 -22.32 -19.77 -27.88
C ALA G 191 -23.68 -20.02 -28.55
N SER G 192 -23.61 -20.54 -29.77
CA SER G 192 -24.78 -20.91 -30.53
C SER G 192 -25.59 -22.00 -29.83
N LEU G 193 -24.91 -23.04 -29.35
CA LEU G 193 -25.55 -24.13 -28.57
C LEU G 193 -26.24 -23.65 -27.27
N GLU G 194 -25.57 -22.82 -26.49
CA GLU G 194 -26.13 -22.36 -25.24
C GLU G 194 -27.38 -21.49 -25.46
N ALA G 195 -27.40 -20.66 -26.52
CA ALA G 195 -28.63 -19.97 -26.95
C ALA G 195 -29.71 -20.97 -27.40
N ASN G 196 -29.28 -21.99 -28.15
CA ASN G 196 -30.15 -23.05 -28.65
C ASN G 196 -30.86 -23.70 -27.46
N VAL G 197 -30.13 -23.99 -26.39
CA VAL G 197 -30.76 -24.45 -25.15
C VAL G 197 -31.82 -23.49 -24.56
N LYS G 198 -31.53 -22.19 -24.51
CA LYS G 198 -32.50 -21.18 -24.08
C LYS G 198 -33.76 -21.12 -24.94
N TYR G 199 -33.64 -21.17 -26.27
CA TYR G 199 -34.77 -21.13 -27.18
C TYR G 199 -35.58 -22.43 -27.19
N LEU G 200 -34.92 -23.57 -26.98
CA LEU G 200 -35.64 -24.83 -26.84
C LEU G 200 -36.40 -24.82 -25.54
N ALA G 201 -35.76 -24.38 -24.45
CA ALA G 201 -36.42 -24.25 -23.15
C ALA G 201 -37.74 -23.46 -23.22
N LEU G 202 -37.71 -22.29 -23.86
CA LEU G 202 -38.86 -21.46 -24.06
C LEU G 202 -39.88 -22.18 -24.93
N ASP G 203 -39.43 -22.77 -26.03
CA ASP G 203 -40.35 -23.40 -26.97
C ASP G 203 -41.03 -24.64 -26.36
N LEU G 204 -40.30 -25.46 -25.60
CA LEU G 204 -40.84 -26.76 -25.19
C LEU G 204 -41.29 -26.82 -23.74
N GLY G 205 -41.00 -25.79 -22.95
CA GLY G 205 -41.48 -25.67 -21.57
C GLY G 205 -42.98 -25.88 -21.39
N PRO G 206 -43.80 -25.27 -22.27
CA PRO G 206 -45.25 -25.59 -22.17
C PRO G 206 -45.58 -27.07 -22.39
N ASP G 207 -44.68 -27.84 -22.98
CA ASP G 207 -44.87 -29.30 -23.07
C ASP G 207 -44.27 -30.06 -21.89
N ASN G 208 -43.94 -29.33 -20.83
CA ASN G 208 -43.19 -29.91 -19.73
C ASN G 208 -41.85 -30.57 -20.13
N ILE G 209 -41.16 -30.02 -21.14
CA ILE G 209 -39.83 -30.52 -21.48
C ILE G 209 -38.83 -29.45 -21.11
N ARG G 210 -37.97 -29.81 -20.16
CA ARG G 210 -36.91 -28.96 -19.67
C ARG G 210 -35.66 -29.17 -20.53
N VAL G 211 -34.92 -28.08 -20.77
CA VAL G 211 -33.73 -28.13 -21.60
C VAL G 211 -32.69 -27.29 -20.90
N ASN G 212 -31.50 -27.85 -20.69
CA ASN G 212 -30.42 -27.26 -19.89
C ASN G 212 -29.09 -27.71 -20.44
N ALA G 213 -28.01 -27.11 -19.97
CA ALA G 213 -26.65 -27.42 -20.40
C ALA G 213 -25.79 -27.61 -19.16
N ILE G 214 -24.83 -28.52 -19.27
CA ILE G 214 -23.71 -28.59 -18.37
C ILE G 214 -22.44 -28.04 -19.03
N SER G 215 -21.79 -27.11 -18.36
CA SER G 215 -20.57 -26.52 -18.85
C SER G 215 -19.44 -27.23 -18.12
N ALA G 216 -18.82 -28.21 -18.77
CA ALA G 216 -17.87 -29.06 -18.07
C ALA G 216 -16.50 -28.41 -18.16
N GLY G 217 -15.73 -28.54 -17.10
CA GLY G 217 -14.34 -28.15 -17.22
C GLY G 217 -13.57 -29.15 -18.07
N PRO G 218 -12.33 -28.79 -18.40
CA PRO G 218 -11.53 -29.67 -19.29
C PRO G 218 -11.33 -31.11 -18.74
N ILE G 219 -11.50 -32.12 -19.59
CA ILE G 219 -11.41 -33.53 -19.26
C ILE G 219 -10.68 -34.23 -20.42
N ARG G 220 -9.63 -35.02 -20.15
CA ARG G 220 -8.95 -35.76 -21.21
CA ARG G 220 -8.95 -35.76 -21.20
C ARG G 220 -9.91 -36.74 -21.91
N THR G 221 -10.34 -36.39 -23.11
CA THR G 221 -11.06 -37.30 -23.98
C THR G 221 -10.38 -37.37 -25.36
N LEU G 222 -10.90 -38.23 -26.22
CA LEU G 222 -10.48 -38.31 -27.62
C LEU G 222 -10.56 -36.97 -28.30
N SER G 223 -11.70 -36.31 -28.18
CA SER G 223 -11.88 -35.02 -28.81
C SER G 223 -10.93 -33.96 -28.25
N ALA G 224 -10.67 -33.99 -26.94
CA ALA G 224 -9.76 -33.02 -26.32
C ALA G 224 -8.36 -33.10 -26.91
N LYS G 225 -7.98 -34.27 -27.42
CA LYS G 225 -6.69 -34.42 -28.06
C LYS G 225 -6.56 -33.47 -29.25
N GLY G 226 -7.67 -33.02 -29.81
CA GLY G 226 -7.54 -32.22 -31.02
C GLY G 226 -7.47 -30.73 -30.70
N VAL G 227 -7.67 -30.35 -29.44
CA VAL G 227 -7.73 -28.92 -29.15
C VAL G 227 -6.35 -28.36 -28.77
N GLY G 228 -5.90 -27.33 -29.48
CA GLY G 228 -4.64 -26.73 -29.09
C GLY G 228 -4.64 -26.23 -27.66
N GLY G 229 -3.48 -26.29 -26.99
CA GLY G 229 -3.37 -25.73 -25.64
C GLY G 229 -4.17 -26.47 -24.57
N PHE G 230 -4.83 -27.57 -24.91
CA PHE G 230 -5.55 -28.36 -23.88
C PHE G 230 -4.74 -28.61 -22.63
N ASN G 231 -3.54 -29.17 -22.75
CA ASN G 231 -2.76 -29.50 -21.55
C ASN G 231 -2.48 -28.30 -20.65
N THR G 232 -2.11 -27.17 -21.26
CA THR G 232 -1.80 -26.02 -20.41
C THR G 232 -3.02 -25.47 -19.66
N ILE G 233 -4.23 -25.67 -20.21
CA ILE G 233 -5.45 -25.18 -19.58
C ILE G 233 -5.82 -26.13 -18.44
N LEU G 234 -5.56 -27.42 -18.62
CA LEU G 234 -5.75 -28.39 -17.51
C LEU G 234 -4.96 -27.99 -16.25
N LYS G 235 -3.71 -27.60 -16.50
CA LYS G 235 -2.80 -27.21 -15.44
C LYS G 235 -3.30 -25.93 -14.78
N GLU G 236 -3.74 -24.99 -15.59
CA GLU G 236 -4.17 -23.70 -15.07
C GLU G 236 -5.43 -23.81 -14.18
N ILE G 237 -6.35 -24.72 -14.53
CA ILE G 237 -7.47 -25.06 -13.67
C ILE G 237 -7.05 -25.46 -12.24
N GLU G 238 -6.02 -26.30 -12.13
CA GLU G 238 -5.52 -26.83 -10.86
C GLU G 238 -4.96 -25.71 -10.01
N GLU G 239 -4.31 -24.76 -10.67
CA GLU G 239 -3.67 -23.68 -9.96
C GLU G 239 -4.62 -22.54 -9.62
N ARG G 240 -5.68 -22.34 -10.40
CA ARG G 240 -6.43 -21.10 -10.29
C ARG G 240 -7.91 -21.29 -9.89
N ALA G 241 -8.48 -22.47 -10.14
CA ALA G 241 -9.91 -22.68 -9.89
C ALA G 241 -10.12 -22.79 -8.40
N PRO G 242 -11.25 -22.28 -7.87
CA PRO G 242 -11.52 -22.46 -6.46
C PRO G 242 -11.19 -23.86 -5.88
N LEU G 243 -11.51 -24.94 -6.57
CA LEU G 243 -11.26 -26.23 -5.92
C LEU G 243 -9.82 -26.72 -6.14
N LYS G 244 -9.03 -26.01 -6.95
CA LYS G 244 -7.65 -26.40 -7.15
C LYS G 244 -7.49 -27.85 -7.58
N ARG G 245 -8.42 -28.34 -8.39
CA ARG G 245 -8.30 -29.66 -8.98
C ARG G 245 -9.18 -29.60 -10.21
N ASN G 246 -8.95 -30.56 -11.10
CA ASN G 246 -9.79 -30.81 -12.25
C ASN G 246 -11.04 -31.65 -11.96
N VAL G 247 -12.02 -31.62 -12.85
CA VAL G 247 -13.22 -32.46 -12.68
C VAL G 247 -13.12 -33.77 -13.45
N ASP G 248 -13.99 -34.74 -13.18
CA ASP G 248 -14.06 -35.86 -14.12
C ASP G 248 -15.44 -36.09 -14.68
N GLN G 249 -15.43 -36.98 -15.68
CA GLN G 249 -16.65 -37.41 -16.37
C GLN G 249 -17.76 -37.82 -15.39
N VAL G 250 -17.38 -38.48 -14.29
CA VAL G 250 -18.39 -38.96 -13.34
C VAL G 250 -19.06 -37.76 -12.65
N GLU G 251 -18.27 -36.74 -12.36
CA GLU G 251 -18.82 -35.52 -11.79
C GLU G 251 -19.73 -34.82 -12.76
N VAL G 252 -19.44 -34.82 -14.06
CA VAL G 252 -20.43 -34.37 -15.05
C VAL G 252 -21.69 -35.23 -15.04
N GLY G 253 -21.52 -36.54 -14.80
CA GLY G 253 -22.63 -37.49 -14.76
C GLY G 253 -23.59 -37.26 -13.59
N LYS G 254 -23.03 -37.09 -12.38
CA LYS G 254 -23.79 -36.65 -11.21
C LYS G 254 -24.64 -35.40 -11.51
N THR G 255 -24.07 -34.34 -12.09
CA THR G 255 -24.90 -33.22 -12.38
C THR G 255 -25.92 -33.53 -13.44
N ALA G 256 -25.57 -34.39 -14.40
CA ALA G 256 -26.51 -34.90 -15.40
C ALA G 256 -27.72 -35.56 -14.74
N ALA G 257 -27.43 -36.40 -13.74
CA ALA G 257 -28.44 -37.14 -13.01
C ALA G 257 -29.42 -36.17 -12.38
N TYR G 258 -28.89 -35.05 -11.87
CA TYR G 258 -29.70 -34.01 -11.24
C TYR G 258 -30.63 -33.44 -12.30
N LEU G 259 -30.04 -32.95 -13.39
CA LEU G 259 -30.78 -32.28 -14.45
C LEU G 259 -31.81 -33.19 -15.13
N LEU G 260 -31.55 -34.49 -15.16
CA LEU G 260 -32.41 -35.39 -15.93
C LEU G 260 -33.48 -35.96 -15.02
N SER G 261 -33.35 -35.73 -13.72
CA SER G 261 -34.34 -36.26 -12.79
C SER G 261 -35.32 -35.19 -12.30
N ASP G 262 -36.26 -35.61 -11.46
CA ASP G 262 -37.22 -34.69 -10.87
C ASP G 262 -36.56 -33.79 -9.83
N LEU G 263 -35.32 -34.04 -9.44
CA LEU G 263 -34.71 -33.09 -8.51
C LEU G 263 -34.59 -31.68 -9.11
N SER G 264 -34.61 -31.57 -10.43
CA SER G 264 -34.34 -30.27 -11.01
C SER G 264 -35.63 -29.73 -11.62
N SER G 265 -36.79 -30.15 -11.12
N SER G 265 -36.77 -30.25 -11.18
CA SER G 265 -38.07 -29.92 -11.82
CA SER G 265 -38.05 -29.67 -11.59
C SER G 265 -38.42 -28.46 -12.18
C SER G 265 -38.04 -28.19 -11.21
N GLY G 266 -37.82 -27.49 -11.50
N GLY G 266 -38.45 -27.33 -12.11
CA GLY G 266 -38.16 -26.07 -11.69
CA GLY G 266 -38.31 -25.89 -11.90
C GLY G 266 -37.08 -25.32 -12.43
C GLY G 266 -37.12 -25.27 -12.61
N VAL G 267 -36.12 -26.10 -12.93
CA VAL G 267 -34.92 -25.64 -13.58
C VAL G 267 -34.99 -25.90 -15.08
N THR G 268 -34.89 -24.85 -15.87
CA THR G 268 -34.82 -24.99 -17.31
C THR G 268 -34.22 -23.71 -17.90
N GLY G 269 -33.59 -23.80 -19.06
CA GLY G 269 -32.89 -22.65 -19.65
C GLY G 269 -31.55 -22.34 -18.98
N GLU G 270 -31.05 -23.26 -18.17
CA GLU G 270 -29.95 -22.99 -17.28
C GLU G 270 -28.68 -23.63 -17.82
N ASN G 271 -27.52 -23.17 -17.34
CA ASN G 271 -26.24 -23.71 -17.73
C ASN G 271 -25.45 -23.87 -16.44
N ILE G 272 -25.32 -25.11 -15.95
CA ILE G 272 -24.61 -25.38 -14.70
C ILE G 272 -23.15 -25.71 -14.98
N HIS G 273 -22.21 -24.93 -14.40
CA HIS G 273 -20.78 -25.16 -14.57
C HIS G 273 -20.24 -26.25 -13.68
N VAL G 274 -19.79 -27.36 -14.27
CA VAL G 274 -19.19 -28.42 -13.46
C VAL G 274 -17.68 -28.35 -13.69
N ASP G 275 -17.05 -27.42 -12.98
CA ASP G 275 -15.73 -26.96 -13.40
C ASP G 275 -14.85 -26.47 -12.24
N SER G 276 -15.08 -26.99 -11.04
CA SER G 276 -14.28 -26.62 -9.88
C SER G 276 -14.39 -25.12 -9.58
N GLY G 277 -15.35 -24.45 -10.20
CA GLY G 277 -15.55 -23.02 -9.91
C GLY G 277 -14.87 -22.03 -10.85
N PHE G 278 -14.13 -22.53 -11.83
CA PHE G 278 -13.30 -21.68 -12.70
C PHE G 278 -14.13 -20.55 -13.30
N HIS G 279 -15.37 -20.83 -13.65
CA HIS G 279 -16.19 -19.83 -14.35
C HIS G 279 -16.40 -18.60 -13.47
N ALA G 280 -16.29 -18.74 -12.13
CA ALA G 280 -16.67 -17.67 -11.22
C ALA G 280 -15.54 -16.71 -10.93
N ILE G 281 -14.34 -17.04 -11.41
CA ILE G 281 -13.16 -16.23 -11.14
C ILE G 281 -12.58 -15.60 -12.41
N LYS G 282 -11.70 -14.64 -12.17
CA LYS G 282 -10.94 -13.97 -13.22
C LYS G 282 -9.61 -13.51 -12.62
N ASN H 29 -14.55 13.98 -34.03
CA ASN H 29 -14.33 14.44 -35.43
C ASN H 29 -13.64 13.41 -36.31
N LEU H 30 -14.28 13.06 -37.44
CA LEU H 30 -13.89 11.90 -38.22
C LEU H 30 -13.35 12.32 -39.58
N GLU H 31 -13.01 13.60 -39.70
CA GLU H 31 -12.29 14.07 -40.88
C GLU H 31 -11.08 13.18 -41.07
N ASN H 32 -10.81 12.88 -42.34
CA ASN H 32 -9.68 12.04 -42.72
C ASN H 32 -9.74 10.62 -42.17
N LYS H 33 -10.89 10.18 -41.67
CA LYS H 33 -11.18 8.75 -41.53
C LYS H 33 -11.96 8.24 -42.74
N THR H 34 -11.90 6.92 -42.96
CA THR H 34 -12.63 6.24 -44.02
C THR H 34 -13.28 4.97 -43.46
N TYR H 35 -14.58 4.88 -43.60
CA TYR H 35 -15.30 3.72 -43.08
C TYR H 35 -16.12 3.07 -44.19
N VAL H 36 -16.22 1.74 -44.09
CA VAL H 36 -16.99 0.96 -45.05
C VAL H 36 -18.25 0.56 -44.29
N ILE H 37 -19.42 0.86 -44.85
CA ILE H 37 -20.68 0.56 -44.19
C ILE H 37 -21.40 -0.49 -45.02
N MET H 38 -21.66 -1.64 -44.41
CA MET H 38 -22.30 -2.76 -45.10
C MET H 38 -23.75 -2.92 -44.62
N GLY H 39 -24.70 -2.92 -45.56
CA GLY H 39 -26.07 -3.32 -45.23
C GLY H 39 -27.10 -2.20 -45.25
N ILE H 40 -26.93 -1.21 -46.11
CA ILE H 40 -28.00 -0.27 -46.37
C ILE H 40 -29.00 -0.83 -47.39
N ALA H 41 -30.27 -0.84 -47.01
CA ALA H 41 -31.35 -1.27 -47.91
C ALA H 41 -32.19 -0.10 -48.41
N ASN H 42 -32.66 0.73 -47.49
CA ASN H 42 -33.49 1.91 -47.79
C ASN H 42 -33.24 2.98 -46.73
N LYS H 43 -34.05 4.03 -46.73
CA LYS H 43 -33.89 5.14 -45.77
C LYS H 43 -34.03 4.75 -44.30
N ARG H 44 -34.51 3.54 -44.04
CA ARG H 44 -34.85 3.15 -42.69
C ARG H 44 -33.80 2.22 -42.12
N SER H 45 -32.81 1.85 -42.94
CA SER H 45 -31.85 0.84 -42.42
C SER H 45 -31.04 1.40 -41.25
N ILE H 46 -30.73 0.57 -40.28
CA ILE H 46 -29.82 1.06 -39.23
C ILE H 46 -28.53 1.68 -39.81
N ALA H 47 -28.00 1.06 -40.86
CA ALA H 47 -26.76 1.52 -41.44
C ALA H 47 -26.87 2.93 -42.04
N PHE H 48 -28.05 3.32 -42.48
CA PHE H 48 -28.18 4.63 -43.08
C PHE H 48 -28.08 5.66 -41.97
N GLY H 49 -28.53 5.29 -40.78
CA GLY H 49 -28.39 6.18 -39.64
C GLY H 49 -26.95 6.24 -39.16
N VAL H 50 -26.25 5.11 -39.24
CA VAL H 50 -24.83 5.12 -38.98
C VAL H 50 -24.18 6.06 -39.99
N ALA H 51 -24.60 5.98 -41.25
CA ALA H 51 -24.04 6.77 -42.33
C ALA H 51 -24.18 8.28 -42.10
N LYS H 52 -25.34 8.69 -41.56
CA LYS H 52 -25.69 10.10 -41.52
C LYS H 52 -24.78 10.72 -40.49
N VAL H 53 -24.68 10.02 -39.37
CA VAL H 53 -23.84 10.43 -38.26
C VAL H 53 -22.36 10.54 -38.67
N LEU H 54 -21.81 9.49 -39.28
CA LEU H 54 -20.39 9.49 -39.64
C LEU H 54 -20.14 10.51 -40.75
N ASP H 55 -21.08 10.66 -41.67
CA ASP H 55 -20.97 11.65 -42.72
C ASP H 55 -20.95 13.04 -42.10
N GLN H 56 -21.92 13.29 -41.23
CA GLN H 56 -21.97 14.54 -40.50
C GLN H 56 -20.66 14.82 -39.77
N LEU H 57 -20.06 13.78 -39.19
CA LEU H 57 -18.77 13.97 -38.52
C LEU H 57 -17.53 14.08 -39.45
N GLY H 58 -17.73 14.09 -40.77
CA GLY H 58 -16.65 14.38 -41.72
C GLY H 58 -15.87 13.18 -42.22
N ALA H 59 -16.40 11.97 -41.98
CA ALA H 59 -15.83 10.70 -42.44
C ALA H 59 -16.00 10.53 -43.93
N LYS H 60 -15.03 9.86 -44.57
CA LYS H 60 -15.21 9.35 -45.94
C LYS H 60 -15.83 7.95 -45.90
N LEU H 61 -16.95 7.78 -46.62
CA LEU H 61 -17.67 6.50 -46.54
C LEU H 61 -17.67 5.73 -47.85
N VAL H 62 -17.64 4.42 -47.69
CA VAL H 62 -17.75 3.47 -48.78
C VAL H 62 -18.95 2.61 -48.42
N PHE H 63 -19.78 2.28 -49.40
CA PHE H 63 -20.97 1.49 -49.12
C PHE H 63 -20.99 0.14 -49.80
N THR H 64 -21.49 -0.88 -49.10
CA THR H 64 -21.75 -2.14 -49.79
C THR H 64 -23.23 -2.55 -49.74
N TYR H 65 -23.70 -3.09 -50.87
CA TYR H 65 -25.05 -3.61 -51.03
C TYR H 65 -25.07 -5.07 -51.50
N ARG H 66 -26.20 -5.74 -51.32
CA ARG H 66 -26.35 -7.13 -51.73
C ARG H 66 -26.88 -7.29 -53.16
N LYS H 67 -28.02 -6.69 -53.48
CA LYS H 67 -28.67 -6.94 -54.77
C LYS H 67 -28.96 -5.63 -55.50
N GLU H 68 -29.82 -5.67 -56.52
CA GLU H 68 -30.13 -4.48 -57.31
C GLU H 68 -30.89 -3.39 -56.56
N ARG H 69 -32.09 -3.74 -56.10
CA ARG H 69 -33.03 -2.80 -55.49
C ARG H 69 -32.29 -2.03 -54.39
N SER H 70 -31.13 -2.54 -54.01
CA SER H 70 -30.30 -1.75 -53.12
C SER H 70 -29.49 -0.68 -53.88
N ARG H 71 -28.93 -1.05 -55.03
CA ARG H 71 -27.99 -0.15 -55.68
C ARG H 71 -28.71 1.10 -56.10
N LYS H 72 -29.80 0.90 -56.84
CA LYS H 72 -30.55 1.95 -57.53
C LYS H 72 -31.08 2.99 -56.54
N GLU H 73 -31.70 2.47 -55.48
CA GLU H 73 -31.80 3.09 -54.18
C GLU H 73 -30.57 3.93 -53.83
N LEU H 74 -29.76 3.45 -52.89
CA LEU H 74 -28.42 3.93 -52.59
C LEU H 74 -27.94 5.14 -53.40
N GLU H 75 -27.81 5.00 -54.73
CA GLU H 75 -27.59 6.13 -55.63
C GLU H 75 -28.32 7.38 -55.11
N LYS H 76 -29.64 7.30 -54.97
CA LYS H 76 -30.53 8.41 -54.59
C LYS H 76 -30.37 8.81 -53.14
N LEU H 77 -30.35 7.83 -52.24
CA LEU H 77 -30.18 8.09 -50.82
C LEU H 77 -29.00 9.01 -50.50
N LEU H 78 -27.87 8.72 -51.13
CA LEU H 78 -26.59 9.38 -50.86
C LEU H 78 -26.53 10.82 -51.34
N GLU H 79 -27.59 11.30 -51.99
CA GLU H 79 -27.67 12.73 -52.24
C GLU H 79 -27.93 13.43 -50.92
N GLN H 80 -28.45 12.70 -49.94
CA GLN H 80 -28.68 13.28 -48.62
C GLN H 80 -27.39 13.54 -47.82
N LEU H 81 -26.38 12.71 -48.05
CA LEU H 81 -25.05 12.89 -47.45
C LEU H 81 -24.18 13.89 -48.21
N ASN H 82 -23.11 14.35 -47.57
CA ASN H 82 -22.16 15.24 -48.23
C ASN H 82 -21.00 14.45 -48.79
N GLN H 83 -21.19 13.15 -48.98
CA GLN H 83 -20.18 12.36 -49.65
C GLN H 83 -20.13 12.82 -51.10
N PRO H 84 -19.05 13.53 -51.52
CA PRO H 84 -18.91 13.95 -52.92
C PRO H 84 -18.67 12.77 -53.88
N GLU H 85 -18.15 11.65 -53.38
CA GLU H 85 -18.03 10.48 -54.24
C GLU H 85 -18.86 9.30 -53.72
N ALA H 86 -19.57 8.69 -54.65
CA ALA H 86 -20.41 7.53 -54.40
C ALA H 86 -19.56 6.26 -54.54
N HIS H 87 -18.84 5.89 -53.50
CA HIS H 87 -18.08 4.65 -53.65
C HIS H 87 -18.99 3.52 -53.17
N LEU H 88 -19.54 2.78 -54.13
CA LEU H 88 -20.44 1.66 -53.82
C LEU H 88 -19.89 0.37 -54.42
N TYR H 89 -20.07 -0.75 -53.72
CA TYR H 89 -19.55 -2.04 -54.13
C TYR H 89 -20.59 -3.11 -53.88
N GLN H 90 -20.83 -3.96 -54.86
CA GLN H 90 -21.77 -5.05 -54.62
C GLN H 90 -21.03 -6.17 -53.90
N ILE H 91 -21.48 -6.55 -52.70
CA ILE H 91 -20.92 -7.71 -52.01
C ILE H 91 -22.08 -8.46 -51.37
N ASP H 92 -22.33 -9.67 -51.86
CA ASP H 92 -23.11 -10.66 -51.13
C ASP H 92 -22.20 -11.50 -50.24
N VAL H 93 -22.46 -11.46 -48.94
CA VAL H 93 -21.50 -12.05 -47.98
C VAL H 93 -21.57 -13.57 -47.90
N GLN H 94 -22.51 -14.14 -48.66
CA GLN H 94 -22.53 -15.56 -48.89
C GLN H 94 -21.42 -16.01 -49.84
N SER H 95 -20.81 -15.08 -50.57
CA SER H 95 -19.72 -15.40 -51.48
C SER H 95 -18.35 -14.96 -50.98
N ASP H 96 -17.43 -15.91 -50.76
CA ASP H 96 -16.05 -15.59 -50.36
C ASP H 96 -15.44 -14.67 -51.40
N GLU H 97 -15.67 -15.04 -52.66
CA GLU H 97 -15.05 -14.37 -53.79
C GLU H 97 -15.48 -12.91 -53.84
N GLU H 98 -16.73 -12.64 -53.53
CA GLU H 98 -17.23 -11.26 -53.57
C GLU H 98 -16.71 -10.42 -52.41
N VAL H 99 -16.62 -11.04 -51.24
CA VAL H 99 -16.11 -10.34 -50.07
C VAL H 99 -14.65 -10.04 -50.32
N ILE H 100 -13.91 -11.04 -50.80
CA ILE H 100 -12.48 -10.89 -51.09
C ILE H 100 -12.21 -9.84 -52.17
N ASN H 101 -12.90 -9.99 -53.30
CA ASN H 101 -12.77 -9.07 -54.45
C ASN H 101 -13.26 -7.65 -54.17
N GLY H 102 -14.42 -7.53 -53.53
CA GLY H 102 -14.95 -6.24 -53.08
C GLY H 102 -13.99 -5.52 -52.14
N PHE H 103 -13.48 -6.19 -51.11
CA PHE H 103 -12.55 -5.48 -50.24
C PHE H 103 -11.24 -5.11 -50.98
N GLU H 104 -10.78 -5.99 -51.86
CA GLU H 104 -9.63 -5.73 -52.71
C GLU H 104 -9.79 -4.46 -53.56
N GLN H 105 -10.91 -4.33 -54.26
CA GLN H 105 -11.28 -3.13 -55.02
C GLN H 105 -11.40 -1.89 -54.15
N ILE H 106 -11.99 -2.02 -52.97
CA ILE H 106 -12.12 -0.87 -52.08
C ILE H 106 -10.72 -0.31 -51.81
N GLY H 107 -9.84 -1.24 -51.45
CA GLY H 107 -8.43 -0.94 -51.24
C GLY H 107 -7.82 -0.20 -52.40
N LYS H 108 -8.01 -0.68 -53.62
CA LYS H 108 -7.48 0.04 -54.76
C LYS H 108 -8.15 1.39 -54.98
N ASP H 109 -9.47 1.48 -54.79
CA ASP H 109 -10.12 2.75 -55.15
C ASP H 109 -9.92 3.82 -54.09
N VAL H 110 -9.83 3.40 -52.83
CA VAL H 110 -9.82 4.35 -51.73
C VAL H 110 -8.72 4.14 -50.69
N GLY H 111 -7.86 3.14 -50.84
CA GLY H 111 -6.76 3.01 -49.90
C GLY H 111 -7.15 2.34 -48.59
N ASN H 112 -6.32 2.54 -47.56
CA ASN H 112 -6.56 1.99 -46.24
C ASN H 112 -7.80 2.61 -45.60
N ILE H 113 -8.55 1.76 -44.91
CA ILE H 113 -9.74 2.14 -44.17
C ILE H 113 -9.48 2.16 -42.65
N ASP H 114 -10.34 2.87 -41.93
CA ASP H 114 -10.26 2.97 -40.48
C ASP H 114 -11.22 2.06 -39.77
N GLY H 115 -12.26 1.60 -40.46
CA GLY H 115 -13.09 0.53 -39.87
C GLY H 115 -14.24 0.08 -40.74
N VAL H 116 -15.04 -0.81 -40.17
CA VAL H 116 -16.18 -1.37 -40.89
C VAL H 116 -17.36 -1.42 -39.96
N TYR H 117 -18.48 -0.89 -40.45
CA TYR H 117 -19.76 -1.10 -39.79
C TYR H 117 -20.51 -2.27 -40.46
N HIS H 118 -20.73 -3.36 -39.73
CA HIS H 118 -21.42 -4.50 -40.31
C HIS H 118 -22.88 -4.48 -39.88
N SER H 119 -23.76 -4.32 -40.86
CA SER H 119 -25.19 -4.18 -40.56
C SER H 119 -25.99 -5.18 -41.40
N ILE H 120 -25.62 -6.46 -41.30
CA ILE H 120 -26.15 -7.48 -42.21
C ILE H 120 -26.67 -8.69 -41.42
N ALA H 121 -27.85 -9.18 -41.77
CA ALA H 121 -28.40 -10.40 -41.17
C ALA H 121 -29.51 -10.92 -42.08
N PHE H 122 -29.79 -12.22 -42.03
CA PHE H 122 -30.88 -12.81 -42.79
C PHE H 122 -31.38 -14.10 -42.15
N ALA H 123 -32.68 -14.33 -42.24
CA ALA H 123 -33.26 -15.65 -42.01
C ALA H 123 -34.55 -15.79 -42.81
N ASN H 124 -34.96 -17.03 -43.09
CA ASN H 124 -36.27 -17.23 -43.72
C ASN H 124 -37.42 -16.88 -42.79
N MET H 125 -38.29 -16.02 -43.29
CA MET H 125 -39.45 -15.56 -42.54
C MET H 125 -40.20 -16.66 -41.80
N GLU H 126 -40.38 -17.85 -42.36
CA GLU H 126 -41.07 -18.92 -41.61
C GLU H 126 -40.40 -19.30 -40.28
N ASP H 127 -39.15 -18.90 -40.14
CA ASP H 127 -38.33 -19.28 -39.01
C ASP H 127 -38.35 -18.18 -37.96
N LEU H 128 -39.00 -17.07 -38.30
CA LEU H 128 -39.05 -15.92 -37.40
C LEU H 128 -40.41 -15.83 -36.71
N ARG H 129 -40.99 -17.00 -36.47
CA ARG H 129 -42.32 -17.09 -35.89
C ARG H 129 -42.57 -18.53 -35.54
N GLY H 130 -43.61 -18.78 -34.76
CA GLY H 130 -43.97 -20.14 -34.40
C GLY H 130 -42.87 -20.80 -33.59
N ARG H 131 -42.70 -22.11 -33.79
CA ARG H 131 -41.89 -22.94 -32.90
C ARG H 131 -40.45 -23.03 -33.38
N PHE H 132 -39.52 -22.58 -32.53
CA PHE H 132 -38.10 -22.73 -32.78
C PHE H 132 -37.67 -24.18 -33.03
N SER H 133 -38.31 -25.13 -32.35
CA SER H 133 -37.89 -26.53 -32.43
C SER H 133 -38.18 -27.13 -33.81
N GLU H 134 -38.95 -26.39 -34.61
CA GLU H 134 -39.29 -26.83 -35.95
C GLU H 134 -38.35 -26.23 -36.98
N THR H 135 -37.41 -25.38 -36.60
CA THR H 135 -36.42 -24.87 -37.57
C THR H 135 -35.67 -25.95 -38.38
N SER H 136 -35.71 -25.81 -39.72
CA SER H 136 -34.95 -26.64 -40.64
C SER H 136 -33.43 -26.38 -40.59
N ARG H 137 -32.66 -27.38 -40.98
CA ARG H 137 -31.22 -27.29 -40.93
C ARG H 137 -30.74 -26.22 -41.92
N GLU H 138 -31.38 -26.12 -43.08
CA GLU H 138 -30.96 -25.16 -44.09
C GLU H 138 -31.25 -23.74 -43.59
N GLY H 139 -32.39 -23.57 -42.94
CA GLY H 139 -32.78 -22.28 -42.39
C GLY H 139 -31.84 -21.86 -41.28
N PHE H 140 -31.52 -22.81 -40.40
CA PHE H 140 -30.56 -22.55 -39.36
C PHE H 140 -29.20 -22.09 -39.94
N LEU H 141 -28.69 -22.82 -40.92
CA LEU H 141 -27.32 -22.63 -41.38
C LEU H 141 -27.25 -21.37 -42.23
N LEU H 142 -28.33 -21.09 -42.96
CA LEU H 142 -28.47 -19.83 -43.69
C LEU H 142 -28.31 -18.60 -42.77
N ALA H 143 -28.93 -18.67 -41.60
CA ALA H 143 -28.93 -17.50 -40.75
C ALA H 143 -27.55 -17.35 -40.13
N GLN H 144 -26.95 -18.47 -39.70
CA GLN H 144 -25.56 -18.52 -39.21
C GLN H 144 -24.57 -17.93 -40.22
N ASP H 145 -24.73 -18.31 -41.49
CA ASP H 145 -23.82 -18.01 -42.57
C ASP H 145 -23.83 -16.50 -42.82
N ILE H 146 -25.02 -15.96 -43.10
CA ILE H 146 -25.17 -14.55 -43.41
C ILE H 146 -25.01 -13.66 -42.18
N SER H 147 -25.52 -14.08 -41.02
CA SER H 147 -25.62 -13.18 -39.86
C SER H 147 -24.41 -13.26 -38.91
N SER H 148 -23.57 -14.26 -39.06
CA SER H 148 -22.51 -14.47 -38.10
C SER H 148 -21.18 -14.71 -38.83
N TYR H 149 -21.17 -15.67 -39.75
CA TYR H 149 -19.93 -16.00 -40.43
C TYR H 149 -19.44 -14.83 -41.24
N SER H 150 -20.36 -14.09 -41.86
CA SER H 150 -19.92 -12.96 -42.65
C SER H 150 -19.00 -12.02 -41.87
N LEU H 151 -19.04 -12.01 -40.54
CA LEU H 151 -18.22 -11.02 -39.85
C LEU H 151 -16.79 -11.47 -39.81
N THR H 152 -16.63 -12.78 -39.60
CA THR H 152 -15.34 -13.44 -39.68
C THR H 152 -14.63 -13.22 -41.02
N ILE H 153 -15.31 -13.54 -42.12
CA ILE H 153 -14.69 -13.31 -43.42
C ILE H 153 -14.42 -11.82 -43.72
N VAL H 154 -15.39 -10.96 -43.43
CA VAL H 154 -15.22 -9.52 -43.64
C VAL H 154 -14.07 -8.96 -42.81
N ALA H 155 -13.96 -9.44 -41.57
CA ALA H 155 -12.89 -9.04 -40.67
C ALA H 155 -11.53 -9.53 -41.19
N HIS H 156 -11.49 -10.73 -41.73
CA HIS H 156 -10.25 -11.19 -42.39
C HIS H 156 -9.86 -10.33 -43.59
N GLU H 157 -10.82 -9.90 -44.40
CA GLU H 157 -10.45 -9.14 -45.61
C GLU H 157 -10.18 -7.66 -45.33
N ALA H 158 -11.02 -7.04 -44.51
CA ALA H 158 -10.79 -5.68 -44.03
C ALA H 158 -9.45 -5.48 -43.28
N LYS H 159 -9.00 -6.46 -42.52
CA LYS H 159 -7.71 -6.39 -41.85
C LYS H 159 -6.60 -6.03 -42.84
N LYS H 160 -6.69 -6.52 -44.06
CA LYS H 160 -5.70 -6.20 -45.08
C LYS H 160 -5.60 -4.70 -45.38
N LEU H 161 -6.67 -3.95 -45.14
CA LEU H 161 -6.74 -2.49 -45.36
C LEU H 161 -6.56 -1.70 -44.06
N MET H 162 -6.25 -2.40 -42.97
CA MET H 162 -6.01 -1.67 -41.73
C MET H 162 -4.67 -2.01 -41.11
N PRO H 163 -3.58 -1.72 -41.83
CA PRO H 163 -2.30 -2.15 -41.30
C PRO H 163 -1.94 -1.39 -40.03
N GLU H 164 -2.50 -0.20 -39.78
CA GLU H 164 -2.18 0.48 -38.54
C GLU H 164 -3.22 0.22 -37.44
N GLY H 165 -4.13 -0.74 -37.63
CA GLY H 165 -5.23 -0.92 -36.70
C GLY H 165 -6.50 -0.22 -37.15
N GLY H 166 -7.56 -0.34 -36.37
CA GLY H 166 -8.83 0.22 -36.78
C GLY H 166 -9.93 -0.43 -35.97
N SER H 167 -11.16 -0.34 -36.47
CA SER H 167 -12.31 -0.61 -35.60
C SER H 167 -13.45 -1.30 -36.37
N ILE H 168 -13.94 -2.42 -35.88
CA ILE H 168 -15.04 -3.14 -36.54
C ILE H 168 -16.23 -3.31 -35.59
N VAL H 169 -17.42 -2.95 -36.08
CA VAL H 169 -18.63 -3.00 -35.26
C VAL H 169 -19.69 -3.83 -35.99
N ALA H 170 -20.33 -4.76 -35.29
CA ALA H 170 -21.51 -5.50 -35.76
C ALA H 170 -22.77 -5.15 -34.97
N THR H 171 -23.93 -5.33 -35.60
CA THR H 171 -25.20 -5.03 -34.94
C THR H 171 -25.92 -6.28 -34.47
N THR H 172 -26.27 -6.31 -33.19
CA THR H 172 -26.91 -7.49 -32.61
C THR H 172 -28.20 -7.12 -31.86
N TYR H 173 -28.81 -8.12 -31.25
CA TYR H 173 -30.06 -7.88 -30.56
C TYR H 173 -30.13 -8.72 -29.27
N LEU H 174 -30.80 -8.19 -28.26
CA LEU H 174 -30.94 -8.85 -26.95
C LEU H 174 -31.33 -10.32 -27.09
N GLY H 175 -32.01 -10.66 -28.18
CA GLY H 175 -32.40 -12.03 -28.46
C GLY H 175 -31.22 -13.00 -28.56
N GLY H 176 -29.99 -12.52 -28.67
CA GLY H 176 -28.82 -13.40 -28.63
C GLY H 176 -28.34 -13.74 -27.22
N GLU H 177 -28.88 -13.01 -26.23
CA GLU H 177 -28.54 -13.15 -24.82
C GLU H 177 -29.63 -13.87 -24.06
N PHE H 178 -30.86 -13.61 -24.47
CA PHE H 178 -32.04 -14.19 -23.85
C PHE H 178 -32.94 -14.71 -24.97
N ALA H 179 -33.67 -15.78 -24.66
CA ALA H 179 -34.73 -16.30 -25.52
C ALA H 179 -35.95 -15.35 -25.58
N VAL H 180 -36.24 -14.85 -26.77
CA VAL H 180 -37.29 -13.87 -27.04
C VAL H 180 -38.27 -14.57 -28.02
N GLN H 181 -39.50 -14.80 -27.59
CA GLN H 181 -40.62 -15.22 -28.41
C GLN H 181 -40.46 -14.76 -29.86
N ASN H 182 -40.52 -15.73 -30.79
CA ASN H 182 -40.47 -15.48 -32.24
C ASN H 182 -39.11 -15.26 -32.89
N TYR H 183 -38.16 -14.62 -32.21
CA TYR H 183 -36.91 -14.21 -32.83
C TYR H 183 -36.06 -15.41 -33.24
N ASN H 184 -36.21 -16.48 -32.44
CA ASN H 184 -35.88 -17.85 -32.82
C ASN H 184 -34.52 -18.10 -33.46
N VAL H 185 -34.52 -18.52 -34.74
CA VAL H 185 -33.27 -18.81 -35.42
C VAL H 185 -32.31 -17.62 -35.42
N MET H 186 -32.83 -16.39 -35.52
CA MET H 186 -31.97 -15.21 -35.50
C MET H 186 -31.35 -14.95 -34.10
N GLY H 187 -32.01 -15.39 -33.03
CA GLY H 187 -31.41 -15.35 -31.71
C GLY H 187 -30.19 -16.26 -31.56
N VAL H 188 -30.26 -17.49 -32.07
CA VAL H 188 -29.09 -18.36 -32.05
C VAL H 188 -28.01 -17.82 -33.02
N ALA H 189 -28.38 -17.20 -34.14
CA ALA H 189 -27.37 -16.57 -35.01
C ALA H 189 -26.72 -15.34 -34.34
N LYS H 190 -27.50 -14.57 -33.58
CA LYS H 190 -26.95 -13.43 -32.86
C LYS H 190 -26.09 -13.86 -31.68
N ALA H 191 -26.46 -14.96 -31.02
CA ALA H 191 -25.64 -15.49 -29.94
C ALA H 191 -24.30 -15.89 -30.55
N SER H 192 -24.40 -16.47 -31.75
CA SER H 192 -23.21 -16.86 -32.48
C SER H 192 -22.40 -15.62 -32.88
N LEU H 193 -23.06 -14.59 -33.39
CA LEU H 193 -22.40 -13.30 -33.75
C LEU H 193 -21.70 -12.70 -32.56
N GLU H 194 -22.29 -12.84 -31.36
CA GLU H 194 -21.76 -12.12 -30.21
C GLU H 194 -20.47 -12.76 -29.74
N ALA H 195 -20.44 -14.09 -29.75
CA ALA H 195 -19.19 -14.84 -29.54
C ALA H 195 -18.17 -14.54 -30.64
N ASN H 196 -18.62 -14.46 -31.88
CA ASN H 196 -17.75 -14.20 -33.02
C ASN H 196 -17.00 -12.90 -32.74
N VAL H 197 -17.72 -11.88 -32.26
CA VAL H 197 -17.14 -10.62 -31.82
C VAL H 197 -16.01 -10.86 -30.79
N LYS H 198 -16.30 -11.54 -29.69
CA LYS H 198 -15.29 -11.84 -28.67
C LYS H 198 -14.02 -12.48 -29.29
N TYR H 199 -14.23 -13.45 -30.17
CA TYR H 199 -13.13 -14.24 -30.70
C TYR H 199 -12.32 -13.43 -31.68
N LEU H 200 -12.97 -12.56 -32.46
CA LEU H 200 -12.21 -11.68 -33.34
C LEU H 200 -11.42 -10.65 -32.52
N ALA H 201 -11.99 -10.29 -31.36
CA ALA H 201 -11.40 -9.23 -30.53
C ALA H 201 -10.03 -9.71 -30.06
N LEU H 202 -10.06 -10.93 -29.53
CA LEU H 202 -8.91 -11.64 -29.06
C LEU H 202 -7.92 -11.84 -30.21
N ASP H 203 -8.35 -12.42 -31.33
CA ASP H 203 -7.45 -12.66 -32.46
C ASP H 203 -6.85 -11.34 -32.98
N LEU H 204 -7.66 -10.31 -33.13
CA LEU H 204 -7.19 -9.14 -33.90
C LEU H 204 -6.62 -8.01 -33.03
N GLY H 205 -6.80 -8.15 -31.71
CA GLY H 205 -6.32 -7.20 -30.71
C GLY H 205 -4.83 -6.90 -30.82
N PRO H 206 -4.02 -7.95 -31.11
CA PRO H 206 -2.60 -7.59 -31.24
C PRO H 206 -2.30 -6.77 -32.48
N ASP H 207 -3.24 -6.71 -33.43
CA ASP H 207 -3.01 -5.90 -34.63
C ASP H 207 -3.66 -4.54 -34.45
N ASN H 208 -4.16 -4.28 -33.23
CA ASN H 208 -4.76 -2.98 -32.91
C ASN H 208 -6.04 -2.74 -33.68
N ILE H 209 -6.75 -3.83 -33.95
CA ILE H 209 -8.06 -3.74 -34.56
C ILE H 209 -9.02 -4.18 -33.49
N ARG H 210 -9.93 -3.27 -33.13
CA ARG H 210 -10.88 -3.53 -32.06
C ARG H 210 -12.17 -4.07 -32.68
N VAL H 211 -12.83 -5.01 -32.01
CA VAL H 211 -14.10 -5.53 -32.52
C VAL H 211 -15.19 -5.45 -31.43
N ASN H 212 -16.35 -4.92 -31.76
CA ASN H 212 -17.38 -4.72 -30.77
C ASN H 212 -18.75 -4.92 -31.41
N ALA H 213 -19.78 -4.91 -30.57
CA ALA H 213 -21.14 -4.97 -31.07
C ALA H 213 -21.97 -3.84 -30.46
N ILE H 214 -22.96 -3.36 -31.23
CA ILE H 214 -24.06 -2.58 -30.70
C ILE H 214 -25.31 -3.45 -30.67
N SER H 215 -25.91 -3.57 -29.50
CA SER H 215 -27.16 -4.32 -29.35
C SER H 215 -28.32 -3.32 -29.40
N ALA H 216 -28.95 -3.17 -30.55
CA ALA H 216 -29.90 -2.07 -30.72
C ALA H 216 -31.26 -2.52 -30.23
N GLY H 217 -32.01 -1.62 -29.63
CA GLY H 217 -33.41 -1.90 -29.32
C GLY H 217 -34.22 -2.08 -30.59
N PRO H 218 -35.52 -2.43 -30.47
CA PRO H 218 -36.27 -2.64 -31.73
C PRO H 218 -36.55 -1.33 -32.50
N ILE H 219 -36.34 -1.35 -33.83
CA ILE H 219 -36.43 -0.20 -34.71
C ILE H 219 -37.18 -0.59 -35.98
N ARG H 220 -38.18 0.18 -36.40
CA ARG H 220 -38.91 -0.12 -37.63
C ARG H 220 -38.03 -0.03 -38.89
N THR H 221 -37.65 -1.22 -39.38
CA THR H 221 -36.90 -1.37 -40.64
C THR H 221 -37.59 -2.36 -41.58
N LEU H 222 -37.18 -2.36 -42.86
CA LEU H 222 -37.52 -3.40 -43.84
C LEU H 222 -37.41 -4.82 -43.26
N SER H 223 -36.26 -5.16 -42.70
CA SER H 223 -36.08 -6.50 -42.14
C SER H 223 -37.01 -6.75 -40.98
N ALA H 224 -37.23 -5.75 -40.12
CA ALA H 224 -38.11 -5.91 -38.97
C ALA H 224 -39.56 -6.26 -39.32
N LYS H 225 -40.04 -5.93 -40.52
CA LYS H 225 -41.41 -6.31 -40.89
C LYS H 225 -41.58 -7.81 -40.86
N GLY H 226 -40.48 -8.51 -41.18
CA GLY H 226 -40.49 -9.95 -41.30
C GLY H 226 -40.44 -10.78 -40.02
N VAL H 227 -40.19 -10.15 -38.88
CA VAL H 227 -40.13 -10.84 -37.58
C VAL H 227 -41.48 -10.91 -36.88
N GLY H 228 -41.91 -12.08 -36.43
CA GLY H 228 -43.21 -12.17 -35.77
C GLY H 228 -43.28 -11.30 -34.52
N GLY H 229 -44.32 -10.48 -34.41
CA GLY H 229 -44.63 -9.82 -33.14
C GLY H 229 -43.74 -8.63 -32.84
N PHE H 230 -43.07 -8.13 -33.88
CA PHE H 230 -42.24 -6.93 -33.78
C PHE H 230 -43.00 -5.73 -33.22
N ASN H 231 -44.22 -5.47 -33.69
CA ASN H 231 -45.06 -4.38 -33.16
C ASN H 231 -45.29 -4.48 -31.65
N THR H 232 -45.67 -5.64 -31.16
CA THR H 232 -45.88 -5.82 -29.74
C THR H 232 -44.66 -5.45 -28.92
N ILE H 233 -43.47 -5.85 -29.35
CA ILE H 233 -42.25 -5.63 -28.60
C ILE H 233 -41.89 -4.13 -28.67
N LEU H 234 -42.11 -3.53 -29.83
CA LEU H 234 -41.93 -2.09 -29.97
C LEU H 234 -42.68 -1.28 -28.90
N LYS H 235 -43.96 -1.59 -28.70
CA LYS H 235 -44.75 -0.96 -27.65
C LYS H 235 -44.37 -1.37 -26.23
N GLU H 236 -43.91 -2.60 -26.04
CA GLU H 236 -43.48 -3.02 -24.71
C GLU H 236 -42.20 -2.32 -24.22
N ILE H 237 -41.30 -1.97 -25.14
CA ILE H 237 -40.15 -1.15 -24.78
C ILE H 237 -40.56 0.19 -24.16
N GLU H 238 -41.46 0.89 -24.86
CA GLU H 238 -42.06 2.14 -24.39
C GLU H 238 -42.61 2.06 -22.99
N GLU H 239 -43.34 1.01 -22.63
CA GLU H 239 -43.86 1.00 -21.27
C GLU H 239 -42.85 0.55 -20.23
N ARG H 240 -41.88 -0.29 -20.61
CA ARG H 240 -41.09 -1.03 -19.62
CA ARG H 240 -41.09 -1.01 -19.61
C ARG H 240 -39.65 -0.52 -19.47
N ALA H 241 -39.02 -0.14 -20.57
CA ALA H 241 -37.61 0.31 -20.57
C ALA H 241 -37.43 1.55 -19.70
N PRO H 242 -36.28 1.70 -19.02
CA PRO H 242 -35.98 2.91 -18.26
C PRO H 242 -36.25 4.22 -19.00
N LEU H 243 -35.81 4.40 -20.24
CA LEU H 243 -36.06 5.72 -20.83
C LEU H 243 -37.51 5.82 -21.25
N LYS H 244 -38.28 4.73 -21.11
CA LYS H 244 -39.71 4.76 -21.44
C LYS H 244 -39.93 5.27 -22.87
N ARG H 245 -39.02 4.98 -23.80
CA ARG H 245 -39.21 5.41 -25.20
C ARG H 245 -38.43 4.44 -26.07
N ASN H 246 -38.70 4.44 -27.38
CA ASN H 246 -37.92 3.66 -28.32
C ASN H 246 -36.66 4.37 -28.78
N VAL H 247 -35.64 3.62 -29.21
CA VAL H 247 -34.48 4.23 -29.81
C VAL H 247 -34.69 4.42 -31.33
N ASP H 248 -33.86 5.23 -31.98
CA ASP H 248 -33.84 5.31 -33.46
C ASP H 248 -32.47 4.97 -34.09
N GLN H 249 -32.44 5.06 -35.42
CA GLN H 249 -31.26 4.64 -36.17
C GLN H 249 -30.08 5.55 -35.81
N VAL H 250 -30.38 6.82 -35.63
CA VAL H 250 -29.35 7.82 -35.43
C VAL H 250 -28.68 7.60 -34.05
N GLU H 251 -29.46 7.16 -33.07
CA GLU H 251 -28.89 6.84 -31.75
C GLU H 251 -27.91 5.67 -31.90
N VAL H 252 -28.25 4.68 -32.73
CA VAL H 252 -27.28 3.65 -33.06
C VAL H 252 -26.00 4.23 -33.71
N GLY H 253 -26.19 5.18 -34.62
CA GLY H 253 -25.13 5.81 -35.37
C GLY H 253 -24.20 6.60 -34.47
N LYS H 254 -24.76 7.28 -33.48
CA LYS H 254 -23.92 8.02 -32.52
C LYS H 254 -23.01 7.09 -31.72
N THR H 255 -23.55 5.99 -31.23
CA THR H 255 -22.72 5.00 -30.55
C THR H 255 -21.77 4.30 -31.55
N ALA H 256 -22.22 4.02 -32.77
CA ALA H 256 -21.27 3.59 -33.82
C ALA H 256 -20.07 4.56 -33.95
N ALA H 257 -20.31 5.87 -33.93
CA ALA H 257 -19.20 6.84 -34.03
C ALA H 257 -18.23 6.73 -32.86
N TYR H 258 -18.78 6.56 -31.67
CA TYR H 258 -17.91 6.36 -30.53
C TYR H 258 -17.05 5.10 -30.75
N LEU H 259 -17.70 3.98 -31.07
CA LEU H 259 -16.99 2.72 -31.28
C LEU H 259 -16.01 2.77 -32.47
N LEU H 260 -16.28 3.57 -33.48
CA LEU H 260 -15.42 3.52 -34.68
C LEU H 260 -14.23 4.46 -34.51
N SER H 261 -14.34 5.35 -33.53
CA SER H 261 -13.33 6.39 -33.32
C SER H 261 -12.39 6.03 -32.16
N ASP H 262 -11.40 6.89 -31.96
CA ASP H 262 -10.46 6.83 -30.84
C ASP H 262 -11.06 7.14 -29.45
N LEU H 263 -12.30 7.66 -29.36
CA LEU H 263 -12.97 7.78 -28.07
C LEU H 263 -13.03 6.42 -27.37
N SER H 264 -13.15 5.36 -28.16
CA SER H 264 -13.32 4.03 -27.57
C SER H 264 -12.03 3.22 -27.58
N SER H 265 -10.90 3.89 -27.78
N SER H 265 -10.89 3.91 -27.70
CA SER H 265 -9.65 3.15 -27.64
CA SER H 265 -9.61 3.22 -27.92
C SER H 265 -9.70 2.51 -26.25
C SER H 265 -9.30 1.99 -27.03
N GLY H 266 -9.24 1.27 -26.12
N GLY H 266 -9.89 1.95 -25.84
CA GLY H 266 -9.29 0.59 -24.84
CA GLY H 266 -9.50 0.98 -24.80
C GLY H 266 -10.47 -0.36 -24.76
C GLY H 266 -10.54 -0.11 -24.67
N VAL H 267 -11.46 -0.11 -25.63
CA VAL H 267 -12.70 -0.88 -25.63
C VAL H 267 -12.72 -1.88 -26.79
N THR H 268 -12.80 -3.17 -26.48
CA THR H 268 -12.92 -4.17 -27.54
C THR H 268 -13.54 -5.44 -26.95
N GLY H 269 -14.20 -6.27 -27.76
CA GLY H 269 -14.86 -7.50 -27.27
C GLY H 269 -16.12 -7.14 -26.49
N GLU H 270 -16.56 -5.89 -26.64
CA GLU H 270 -17.65 -5.39 -25.83
C GLU H 270 -18.97 -5.41 -26.61
N ASN H 271 -20.08 -5.46 -25.90
CA ASN H 271 -21.43 -5.34 -26.47
C ASN H 271 -22.14 -4.17 -25.77
N ILE H 272 -22.27 -3.03 -26.45
CA ILE H 272 -23.01 -1.87 -25.93
C ILE H 272 -24.49 -1.87 -26.36
N HIS H 273 -25.38 -1.86 -25.38
CA HIS H 273 -26.83 -1.88 -25.63
C HIS H 273 -27.33 -0.48 -25.77
N VAL H 274 -27.86 -0.17 -26.94
CA VAL H 274 -28.52 1.11 -27.20
C VAL H 274 -30.00 0.77 -27.32
N ASP H 275 -30.66 0.66 -26.18
CA ASP H 275 -32.02 0.08 -26.12
C ASP H 275 -32.89 0.68 -25.01
N SER H 276 -32.63 1.94 -24.66
CA SER H 276 -33.36 2.58 -23.59
C SER H 276 -33.24 1.91 -22.22
N GLY H 277 -32.27 1.02 -22.05
CA GLY H 277 -31.95 0.36 -20.76
C GLY H 277 -32.71 -0.94 -20.56
N PHE H 278 -33.42 -1.38 -21.59
CA PHE H 278 -34.24 -2.57 -21.49
C PHE H 278 -33.44 -3.79 -21.07
N HIS H 279 -32.19 -3.87 -21.52
CA HIS H 279 -31.36 -5.02 -21.20
C HIS H 279 -31.16 -5.13 -19.70
N ALA H 280 -31.38 -4.05 -18.96
CA ALA H 280 -30.86 -3.99 -17.60
C ALA H 280 -31.96 -4.37 -16.61
N ILE H 281 -33.15 -4.63 -17.14
CA ILE H 281 -34.28 -4.86 -16.29
C ILE H 281 -34.92 -6.22 -16.59
N LYS H 282 -35.71 -6.69 -15.65
CA LYS H 282 -36.52 -7.87 -15.82
C LYS H 282 -37.86 -7.69 -15.11
N GLU I . 3.60 0.89 -4.73
CA GLU I . 4.91 1.49 -5.13
C GLU I . 5.94 1.45 -3.96
O GLU I . 5.53 0.96 -2.89
CB GLU I . 4.69 2.93 -5.62
CG GLU I . 5.86 3.87 -5.36
CD GLU I . 5.25 5.25 -5.17
OE1 GLU I . 4.87 5.83 -6.20
OE2 GLU I . 4.99 5.60 -4.01
OXT GLU I . 7.11 1.84 -4.17
N GLU J . 2.64 -5.65 -0.84
CA GLU J . 2.13 -6.87 -1.50
C GLU J . 1.59 -6.59 -2.91
O GLU J . 1.38 -5.40 -3.22
CB GLU J . 0.97 -7.43 -0.68
CG GLU J . 1.10 -8.94 -0.57
CD GLU J . -0.07 -9.43 0.28
OE1 GLU J . -0.21 -8.93 1.42
OE2 GLU J . -0.86 -10.24 -0.26
OXT GLU J . 1.37 -7.59 -3.64
O17 P1F K . 7.08 3.21 11.13
C6 P1F K . 7.27 2.33 10.12
C1 P1F K . 8.51 2.21 9.51
C2 P1F K . 8.70 1.26 8.50
C16 P1F K . 10.06 1.16 7.82
C17 P1F K . 10.00 2.05 6.59
C18 P1F K . 11.19 1.75 5.71
C19 P1F K . 11.12 2.43 4.35
C20 P1F K . 11.15 3.96 4.48
C21 P1F K . 10.76 4.53 3.13
C3 P1F K . 7.63 0.48 8.09
C4 P1F K . 6.39 0.57 8.74
C5 P1F K . 6.20 1.54 9.73
O7 P1F K . 5.01 1.64 10.38
C8 P1F K . 4.11 2.58 9.94
C9 P1F K . 4.41 3.45 8.88
C10 P1F K . 3.50 4.40 8.43
C11 P1F K . 2.26 4.46 9.07
C12 P1F K . 1.96 3.62 10.15
C13 P1F K . 2.90 2.69 10.60
NAB P1F K . 2.59 1.90 11.63
PA NAP L . 1.02 -2.88 12.07
O1A NAP L . 1.05 -4.33 12.33
O2A NAP L . 0.29 -2.52 10.87
O5B NAP L . 0.56 -2.23 13.45
C5B NAP L . 0.26 -0.86 13.59
C4B NAP L . -0.77 -0.78 14.72
O4B NAP L . -1.12 0.58 14.97
C3B NAP L . -2.04 -1.53 14.34
O3B NAP L . -2.22 -2.60 15.23
C2B NAP L . -3.11 -0.48 14.53
O2B NAP L . -4.32 -1.04 15.03
C1B NAP L . -2.42 0.50 15.47
N9A NAP L . -3.05 1.82 15.39
C8A NAP L . -3.01 2.71 14.34
N7A NAP L . -3.78 3.76 14.69
C5A NAP L . -4.33 3.56 15.91
C6A NAP L . -5.18 4.30 16.73
N6A NAP L . -5.71 5.47 16.36
N1A NAP L . -5.53 3.79 17.95
C2A NAP L . -5.07 2.56 18.37
N3A NAP L . -4.23 1.84 17.57
C4A NAP L . -3.89 2.31 16.34
O3 NAP L . 2.50 -2.34 11.70
PN NAP L . 3.88 -2.39 12.49
O1N NAP L . 4.88 -2.29 11.44
O2N NAP L . 3.82 -3.59 13.41
O5D NAP L . 3.81 -1.08 13.41
C5D NAP L . 3.97 -1.16 14.80
C4D NAP L . 4.97 -0.09 15.25
O4D NAP L . 6.24 -0.39 14.73
C3D NAP L . 4.66 1.28 14.69
O3D NAP L . 5.01 2.21 15.69
C2D NAP L . 5.62 1.43 13.53
O2D NAP L . 5.81 2.78 13.21
C1D NAP L . 6.83 0.75 14.17
N1N NAP L . 7.87 0.38 13.20
C2N NAP L . 7.60 -0.43 12.14
C3N NAP L . 8.64 -0.78 11.27
C7N NAP L . 8.45 -1.81 10.19
O7N NAP L . 9.49 -1.90 9.27
N7N NAP L . 7.39 -2.60 10.07
C4N NAP L . 9.91 -0.23 11.44
C5N NAP L . 10.17 0.61 12.51
C6N NAP L . 9.14 0.85 13.41
P2B NAP L . -5.62 -1.28 14.10
O1X NAP L . -5.27 -2.22 12.94
O2X NAP L . -6.66 -1.82 15.01
O3X NAP L . -6.04 0.02 13.43
N GLU M . 7.81 31.76 37.14
CA GLU M . 8.53 30.66 37.80
C GLU M . 9.92 30.51 37.19
O GLU M . 10.06 30.95 36.03
CB GLU M . 7.73 29.36 37.62
CG GLU M . 8.22 28.29 38.59
CD GLU M . 7.76 26.96 38.00
OE1 GLU M . 8.47 26.48 37.10
OE2 GLU M . 6.66 26.49 38.41
OXT GLU M . 10.81 29.98 37.91
N GLU N . 22.91 32.34 -1.45
CA GLU N . 21.99 32.71 -2.53
C GLU N . 20.69 33.22 -1.91
O GLU N . 19.95 33.90 -2.67
CB GLU N . 21.75 31.50 -3.44
CG GLU N . 20.88 30.45 -2.72
CD GLU N . 21.69 29.27 -2.16
OE1 GLU N . 22.72 29.54 -1.50
OE2 GLU N . 21.21 28.13 -2.37
OXT GLU N . 20.46 32.91 -0.70
O17 P1F O . 12.06 28.08 22.41
C6 P1F O . 12.50 28.80 23.46
C1 P1F O . 13.61 28.41 24.23
C2 P1F O . 14.01 29.23 25.29
C16 P1F O . 15.16 28.87 26.19
C17 P1F O . 14.54 28.00 27.27
C18 P1F O . 15.55 27.66 28.35
C19 P1F O . 14.78 27.20 29.59
C20 P1F O . 14.91 25.70 29.75
C21 P1F O . 13.85 25.21 30.71
C3 P1F O . 13.27 30.37 25.60
C4 P1F O . 12.19 30.74 24.82
C5 P1F O . 11.76 29.95 23.76
O7 P1F O . 10.75 30.34 22.91
C8 P1F O . 9.51 29.87 23.21
C9 P1F O . 9.27 29.00 24.28
C10 P1F O . 7.99 28.59 24.58
C11 P1F O . 6.95 29.09 23.79
C12 P1F O . 7.19 29.96 22.72
C13 P1F O . 8.48 30.35 22.43
NAB P1F O . 8.73 31.20 21.42
PA NAP P . 9.34 36.17 20.86
O1A NAP P . 10.00 37.47 20.58
O2A NAP P . 8.18 36.13 21.77
O5B NAP P . 8.84 35.72 19.39
C5B NAP P . 8.02 34.61 19.16
C4B NAP P . 7.23 34.97 17.94
O4B NAP P . 6.35 33.91 17.66
C3B NAP P . 6.34 36.20 18.14
O3B NAP P . 6.69 37.14 17.16
C2B NAP P . 4.94 35.70 17.80
O2B NAP P . 4.15 36.68 17.15
C1B NAP P . 5.28 34.48 16.94
N9A NAP P . 4.15 33.55 16.87
C8A NAP P . 3.64 32.73 17.83
N7A NAP P . 2.53 32.12 17.35
C5A NAP P . 2.33 32.54 16.09
C6A NAP P . 1.33 32.28 15.17
N6A NAP P . 0.34 31.40 15.38
N1A NAP P . 1.47 32.88 13.95
C2A NAP P . 2.46 33.80 13.69
N3A NAP P . 3.41 34.10 14.62
C4A NAP P . 3.32 33.47 15.81
O3 NAP P . 10.32 35.03 21.42
PN NAP P . 11.69 34.44 20.84
O1N NAP P . 12.45 33.84 21.97
O2N NAP P . 12.27 35.54 20.04
O5D NAP P . 11.19 33.27 19.87
C5D NAP P . 11.60 33.18 18.51
C4D NAP P . 12.05 31.76 18.19
O4D NAP P . 13.26 31.48 18.89
C3D NAP P . 11.08 30.67 18.61
O3D NAP P . 11.02 29.67 17.64
C2D NAP P . 11.72 30.11 19.88
O2D NAP P . 11.25 28.81 20.19
C1D NAP P . 13.18 30.22 19.50
N1N NAP P . 14.15 30.10 20.60
C2N NAP P . 14.13 30.99 21.64
C3N NAP P . 15.06 30.88 22.67
C7N NAP P . 15.16 31.99 23.69
O7N NAP P . 15.98 31.73 24.79
N7N NAP P . 14.52 33.16 23.58
C4N NAP P . 16.05 29.91 22.60
C5N NAP P . 16.09 29.03 21.53
C6N NAP P . 15.12 29.14 20.54
P2B NAP P . 2.99 37.46 17.97
O1X NAP P . 3.69 38.21 19.06
O2X NAP P . 2.41 38.44 16.99
O3X NAP P . 1.92 36.54 18.53
N GLU Q . 41.73 1.34 -6.13
CA GLU Q . 40.51 0.76 -5.55
C GLU Q . 39.35 1.77 -5.51
O GLU Q . 39.61 2.99 -5.41
CB GLU Q . 40.77 0.18 -4.15
CG GLU Q . 41.77 -0.95 -4.31
CD GLU Q . 41.31 -2.32 -3.78
OE1 GLU Q . 41.60 -2.58 -2.60
OE2 GLU Q . 40.84 -3.12 -4.64
OXT GLU Q . 38.21 1.28 -5.61
O17 P1F R . 39.74 12.49 5.21
C6 P1F R . 39.43 12.30 3.92
C1 P1F R . 38.13 11.99 3.52
C2 P1F R . 37.88 11.81 2.15
C16 P1F R . 36.50 11.36 1.66
C17 P1F R . 36.48 9.82 1.75
C18 P1F R . 35.25 9.23 1.05
C19 P1F R . 35.47 7.73 0.81
C20 P1F R . 35.26 6.95 2.10
C21 P1F R . 35.26 5.44 1.83
C3 P1F R . 38.93 11.92 1.23
C4 P1F R . 40.21 12.27 1.64
C5 P1F R . 40.49 12.43 3.01
O7 P1F R . 41.73 12.85 3.46
C8 P1F R . 42.63 11.92 3.91
C9 P1F R . 42.35 10.56 3.95
C10 P1F R . 43.33 9.64 4.34
C11 P1F R . 44.59 10.10 4.71
C12 P1F R . 44.87 11.48 4.67
C13 P1F R . 43.91 12.39 4.24
NAB P1F R . 44.20 13.68 4.21
PA NAP S . 45.82 16.88 0.85
O1A NAP S . 45.65 17.94 -0.18
O2A NAP S . 46.64 15.70 0.53
O5B NAP S . 46.29 17.59 2.21
C5B NAP S . 46.66 16.80 3.29
C4B NAP S . 47.80 17.51 4.00
O4B NAP S . 48.17 16.78 5.15
C3B NAP S . 49.05 17.66 3.15
O3B NAP S . 49.35 19.00 2.91
C2B NAP S . 50.13 17.06 4.02
O2B NAP S . 51.38 17.71 3.97
C1B NAP S . 49.50 17.18 5.40
N9A NAP S . 50.18 16.28 6.33
C8A NAP S . 50.13 14.92 6.45
N7A NAP S . 50.95 14.55 7.45
C5A NAP S . 51.55 15.66 7.93
C6A NAP S . 52.49 15.86 8.93
N6A NAP S . 52.95 14.81 9.62
N1A NAP S . 52.88 17.14 9.22
C2A NAP S . 52.40 18.20 8.50
N3A NAP S . 51.48 18.01 7.50
C4A NAP S . 51.08 16.76 7.24
O3 NAP S . 44.37 16.25 1.20
PN NAP S . 42.98 16.94 1.60
O1N NAP S . 41.90 16.04 1.16
O2N NAP S . 42.93 18.38 1.16
O5D NAP S . 43.18 16.87 3.17
C5D NAP S . 42.94 17.97 4.03
C4D NAP S . 42.08 17.59 5.24
O4D NAP S . 40.78 17.38 4.75
C3D NAP S . 42.41 16.29 5.97
O3D NAP S . 42.28 16.52 7.37
C2D NAP S . 41.38 15.30 5.44
O2D NAP S . 41.13 14.23 6.34
C1D NAP S . 40.21 16.22 5.31
N1N NAP S . 39.09 15.82 4.46
C2N NAP S . 39.30 15.53 3.15
C3N NAP S . 38.20 15.17 2.38
C7N NAP S . 38.33 14.95 0.91
O7N NAP S . 37.22 14.32 0.37
N7N NAP S . 39.34 15.38 0.17
C4N NAP S . 36.93 15.10 2.93
C5N NAP S . 36.71 15.39 4.26
C6N NAP S . 37.83 15.75 5.00
P2B NAP S . 52.57 17.18 2.97
O1X NAP S . 51.96 16.85 1.62
O2X NAP S . 53.47 18.38 2.82
O3X NAP S . 53.19 15.95 3.60
O17 P1F T . 36.49 5.66 31.95
C6 P1F T . 36.18 5.92 33.24
C1 P1F T . 35.14 6.81 33.54
C2 P1F T . 34.80 7.06 34.87
C16 P1F T . 33.68 8.04 35.22
C17 P1F T . 34.31 9.42 35.26
C18 P1F T . 33.35 10.49 35.79
C19 P1F T . 34.17 11.69 36.20
C20 P1F T . 34.50 12.57 35.02
C21 P1F T . 34.85 13.98 35.53
C3 P1F T . 35.50 6.44 35.89
C4 P1F T . 36.51 5.53 35.59
C5 P1F T . 36.90 5.33 34.27
O7 P1F T . 37.87 4.42 34.02
C8 P1F T . 39.15 4.83 33.79
C9 P1F T . 39.45 6.20 33.79
C10 P1F T . 40.76 6.61 33.57
C11 P1F T . 41.76 5.64 33.34
C12 P1F T . 41.47 4.27 33.39
C13 P1F T . 40.14 3.86 33.59
NAB P1F T . 39.86 2.55 33.59
PA NAP U . 39.36 -0.81 37.08
O1A NAP U . 38.77 -1.75 38.05
O2A NAP U . 40.48 0.01 37.56
O5B NAP U . 39.67 -1.63 35.75
C5B NAP U . 40.55 -1.14 34.77
C4B NAP U . 41.21 -2.37 34.21
O4B NAP U . 42.00 -2.04 33.08
C3B NAP U . 42.15 -3.01 35.23
O3B NAP U . 41.84 -4.38 35.34
C2B NAP U . 43.51 -2.84 34.59
O2B NAP U . 44.39 -3.93 34.87
C1B NAP U . 43.12 -2.89 33.14
N9A NAP U . 44.21 -2.42 32.30
C8A NAP U . 44.78 -1.17 32.20
N7A NAP U . 45.76 -1.23 31.27
C5A NAP U . 45.84 -2.52 30.84
C6A NAP U . 46.70 -3.15 29.96
N6A NAP U . 47.65 -2.46 29.31
N1A NAP U . 46.53 -4.51 29.73
C2A NAP U . 45.55 -5.22 30.40
N3A NAP U . 44.72 -4.59 31.32
C4A NAP U . 44.91 -3.28 31.53
O3 NAP U . 38.29 0.34 36.69
PN NAP U . 36.84 0.27 36.01
O1N NAP U . 36.18 1.55 36.35
O2N NAP U . 36.16 -1.04 36.27
O5D NAP U . 37.34 0.27 34.47
C5D NAP U . 36.88 -0.70 33.53
C4D NAP U . 36.30 0.00 32.28
O4D NAP U . 35.09 0.70 32.51
C3D NAP U . 37.26 1.05 31.73
O3D NAP U . 37.35 0.87 30.34
C2D NAP U . 36.62 2.38 32.01
O2D NAP U . 37.07 3.36 31.10
C1D NAP U . 35.16 2.00 31.94
N1N NAP U . 34.25 2.93 32.60
C2N NAP U . 34.34 3.16 33.95
C3N NAP U . 33.45 4.01 34.60
C7N NAP U . 33.46 4.16 36.10
O7N NAP U . 32.77 5.25 36.64
N7N NAP U . 34.11 3.31 36.89
C4N NAP U . 32.45 4.62 33.84
C5N NAP U . 32.35 4.38 32.46
C6N NAP U . 33.26 3.53 31.86
P2B NAP U . 45.54 -3.88 36.01
O1X NAP U . 45.12 -3.07 37.21
O2X NAP U . 45.75 -5.36 36.31
O3X NAP U . 46.70 -3.14 35.38
O17 P1F V . -11.38 -0.58 -7.27
C6 P1F V . -10.06 -0.60 -7.62
C1 P1F V . -9.58 -1.57 -8.48
C2 P1F V . -8.23 -1.61 -8.82
C16 P1F V . -7.72 -2.72 -9.72
C17 P1F V . -7.45 -3.95 -8.85
C18 P1F V . -6.61 -4.97 -9.60
C19 P1F V . -6.03 -6.00 -8.63
C20 P1F V . -7.14 -6.79 -7.94
C21 P1F V . -6.59 -8.09 -7.32
C3 P1F V . -7.33 -0.71 -8.25
C4 P1F V . -7.82 0.30 -7.43
C5 P1F V . -9.18 0.34 -7.09
O7 P1F V . -9.67 1.37 -6.31
C8 P1F V . -9.79 1.15 -4.95
C9 P1F V . -9.54 -0.12 -4.39
C10 P1F V . -9.63 -0.34 -3.03
C11 P1F V . -10.00 0.73 -2.20
C12 P1F V . -10.35 1.97 -2.76
C13 P1F V . -10.18 2.20 -4.12
NAB P1F V . -10.45 3.41 -4.62
PA NAP W . -7.77 7.43 -6.07
O1A NAP W . -7.04 8.39 -6.90
O2A NAP W . -7.09 6.99 -4.85
O5B NAP W . -9.22 8.02 -5.75
C5B NAP W . -10.06 7.47 -4.78
C4B NAP W . -10.89 8.66 -4.39
O4B NAP W . -11.93 8.23 -3.53
C3B NAP W . -10.06 9.72 -3.67
O3B NAP W . -10.14 10.99 -4.32
C2B NAP W . -10.77 9.77 -2.34
O2B NAP W . -10.75 11.07 -1.79
C1B NAP W . -12.17 9.34 -2.73
N9A NAP W . -12.87 8.97 -1.50
C8A NAP W . -12.63 7.86 -0.74
N7A NAP W . -13.45 7.95 0.33
C5A NAP W . -14.22 9.08 0.22
C6A NAP W . -15.22 9.65 1.01
N6A NAP W . -15.61 9.06 2.14
N1A NAP W . -15.86 10.79 0.59
C2A NAP W . -15.46 11.45 -0.56
N3A NAP W . -14.45 10.91 -1.33
C4A NAP W . -13.86 9.74 -0.95
O3 NAP W . -7.89 6.08 -6.93
PN NAP W . -8.68 5.59 -8.21
O1N NAP W . -8.09 4.30 -8.56
O2N NAP W . -8.70 6.71 -9.18
O5D NAP W . -10.18 5.36 -7.66
C5D NAP W . -11.25 6.03 -8.32
C4D NAP W . -12.35 5.04 -8.71
O4D NAP W . -11.93 4.17 -9.74
C3D NAP W . -12.68 4.12 -7.55
O3D NAP W . -14.08 3.89 -7.50
C2D NAP W . -12.00 2.81 -7.87
O2D NAP W . -12.56 1.69 -7.20
C1D NAP W . -12.21 2.82 -9.36
N1N NAP W . -11.33 1.84 -10.05
C2N NAP W . -9.97 1.93 -9.93
C3N NAP W . -9.17 1.04 -10.67
C7N NAP W . -7.67 1.23 -10.66
O7N NAP W . -6.94 0.23 -11.27
N7N NAP W . -7.04 2.32 -10.24
C4N NAP W . -9.70 0.09 -11.55
C5N NAP W . -11.08 0.01 -11.64
C6N NAP W . -11.87 0.89 -10.90
P2B NAP W . -9.71 11.46 -0.60
O1X NAP W . -8.31 11.13 -1.09
O2X NAP W . -9.88 12.92 -0.42
O3X NAP W . -9.96 10.63 0.64
N GLU X . -49.93 -3.55 -1.28
CA GLU X . -49.30 -3.20 -2.56
C GLU X . -48.83 -4.46 -3.31
O GLU X . -48.25 -5.34 -2.63
CB GLU X . -48.08 -2.32 -2.31
CG GLU X . -47.80 -1.34 -3.43
CD GLU X . -47.00 -0.20 -2.81
OE1 GLU X . -46.62 -0.39 -1.63
OE2 GLU X . -46.80 0.85 -3.48
OXT GLU X . -48.96 -4.46 -4.56
O17 P1F Y . -35.83 -11.90 -1.60
C6 P1F Y . -37.16 -12.03 -1.87
C1 P1F Y . -37.67 -12.03 -3.18
C2 P1F Y . -39.03 -12.18 -3.43
C16 P1F Y . -39.60 -12.22 -4.86
C17 P1F Y . -40.12 -10.83 -5.16
C18 P1F Y . -40.65 -10.68 -6.58
C19 P1F Y . -41.25 -9.28 -6.65
C20 P1F Y . -40.44 -8.39 -7.59
C21 P1F Y . -40.89 -6.95 -7.44
C3 P1F Y . -39.90 -12.24 -2.34
C4 P1F Y . -39.39 -12.26 -1.03
C5 P1F Y . -38.03 -12.11 -0.77
O7 P1F Y . -37.50 -12.13 0.50
C8 P1F Y . -37.34 -10.95 1.17
C9 P1F Y . -37.59 -9.70 0.60
C10 P1F Y . -37.46 -8.53 1.37
C11 P1F Y . -37.08 -8.63 2.71
C12 P1F Y . -36.82 -9.88 3.27
C13 P1F Y . -36.94 -11.04 2.49
NAB P1F Y . -36.70 -12.25 3.02
PA NAP Z . -39.42 -15.79 5.31
O1A NAP Z . -40.05 -17.10 5.64
O2A NAP Z . -40.07 -14.61 5.87
O5B NAP Z . -37.90 -15.98 5.78
C5B NAP Z . -37.07 -14.90 6.11
C4B NAP Z . -36.23 -15.38 7.27
O4B NAP Z . -35.21 -14.43 7.47
C3B NAP Z . -37.02 -15.46 8.59
O3B NAP Z . -36.80 -16.70 9.22
C2B NAP Z . -36.31 -14.45 9.48
O2B NAP Z . -36.31 -14.86 10.82
C1B NAP Z . -34.92 -14.44 8.86
N9A NAP Z . -34.17 -13.25 9.28
C8A NAP Z . -34.38 -11.93 8.94
N7A NAP Z . -33.51 -11.18 9.63
C5A NAP Z . -32.77 -11.99 10.42
C6A NAP Z . -31.73 -11.79 11.35
N6A NAP Z . -31.24 -10.58 11.62
N1A NAP Z . -31.16 -12.86 11.95
C2A NAP Z . -31.61 -14.14 11.76
N3A NAP Z . -32.64 -14.33 10.88
C4A NAP Z . -33.20 -13.29 10.24
O3 NAP Z . -39.29 -15.46 3.73
PN NAP Z . -38.63 -16.31 2.53
O1N NAP Z . -39.24 -15.83 1.29
O2N NAP Z . -38.54 -17.73 2.95
O5D NAP Z . -37.09 -15.83 2.66
C5D NAP Z . -36.04 -16.77 2.79
C4D NAP Z . -34.95 -16.40 1.78
O4D NAP Z . -35.47 -16.61 0.48
C3D NAP Z . -34.48 -14.95 1.78
O3D NAP Z . -33.11 -14.87 1.52
C2D NAP Z . -35.22 -14.33 0.61
O2D NAP Z . -34.61 -13.14 0.17
C1D NAP Z . -35.14 -15.52 -0.34
N1N NAP Z . -36.01 -15.46 -1.52
C2N NAP Z . -37.35 -15.41 -1.42
C3N NAP Z . -38.15 -15.35 -2.55
C7N NAP Z . -39.65 -15.45 -2.45
O7N NAP Z . -40.39 -15.20 -3.61
N7N NAP Z . -40.31 -15.61 -1.31
C4N NAP Z . -37.54 -15.31 -3.80
C5N NAP Z . -36.17 -15.31 -3.93
C6N NAP Z . -35.42 -15.42 -2.77
P2B NAP Z . -37.33 -14.26 11.95
O1X NAP Z . -38.73 -14.49 11.44
O2X NAP Z . -36.97 -14.96 13.23
O3X NAP Z . -37.16 -12.76 12.09
N GLU AA . -0.18 -30.32 -30.22
CA GLU AA . -0.28 -28.95 -29.68
C GLU AA . -0.74 -28.94 -28.19
O GLU AA . -1.69 -29.69 -27.90
CB GLU AA . -1.28 -28.21 -30.56
CG GLU AA . -1.00 -26.71 -30.53
CD GLU AA . -0.24 -26.30 -31.78
OE1 GLU AA . -0.90 -26.13 -32.83
OE2 GLU AA . 0.99 -26.15 -31.63
OXT GLU AA . -0.11 -28.19 -27.40
O17 P1F BA . -15.74 -28.87 -26.40
C6 P1F BA . -14.59 -29.25 -25.80
C1 P1F BA . -13.94 -28.46 -24.82
C2 P1F BA . -12.79 -28.98 -24.20
C16 P1F BA . -11.99 -28.18 -23.19
C17 P1F BA . -11.01 -27.37 -24.02
C18 P1F BA . -10.05 -26.55 -23.18
C19 P1F BA . -8.96 -26.03 -24.11
C20 P1F BA . -9.32 -24.67 -24.69
C21 P1F BA . -8.19 -24.22 -25.58
C3 P1F BA . -12.26 -30.20 -24.63
C4 P1F BA . -12.90 -30.97 -25.61
C5 P1F BA . -14.08 -30.49 -26.20
O7 P1F BA . -14.78 -31.27 -27.09
C8 P1F BA . -14.67 -31.02 -28.42
C9 P1F BA . -13.87 -29.98 -28.93
C10 P1F BA . -13.70 -29.84 -30.30
C11 P1F BA . -14.35 -30.72 -31.17
C12 P1F BA . -15.17 -31.73 -30.67
C13 P1F BA . -15.34 -31.88 -29.29
NAB P1F BA . -16.12 -32.83 -28.81
PA NAP CA . -15.60 -37.55 -27.32
O1A NAP CA . -15.36 -38.62 -26.32
O2A NAP CA . -14.67 -37.49 -28.45
O5B NAP CA . -17.12 -37.56 -27.89
C5B NAP CA . -17.51 -36.68 -28.91
C4B NAP CA . -18.64 -37.43 -29.59
O4B NAP CA . -19.22 -36.68 -30.63
C3B NAP CA . -18.19 -38.77 -30.20
O3B NAP CA . -18.90 -39.81 -29.58
C2B NAP CA . -18.61 -38.59 -31.64
O2B NAP CA . -19.04 -39.76 -32.30
C1B NAP CA . -19.76 -37.61 -31.53
N9A NAP CA . -20.02 -37.02 -32.84
C8A NAP CA . -19.21 -36.16 -33.53
N7A NAP CA . -19.81 -35.83 -34.69
C5A NAP CA . -20.97 -36.53 -34.79
C6A NAP CA . -21.95 -36.59 -35.79
N6A NAP CA . -21.87 -35.88 -36.92
N1A NAP CA . -23.07 -37.34 -35.54
C2A NAP CA . -23.15 -38.10 -34.40
N3A NAP CA . -22.18 -38.05 -33.43
C4A NAP CA . -21.11 -37.26 -33.64
O3 NAP CA . -15.40 -36.15 -26.56
PN NAP CA . -16.09 -35.47 -25.28
O1N NAP CA . -15.01 -34.66 -24.71
O2N NAP CA . -16.72 -36.53 -24.42
O5D NAP CA . -17.18 -34.60 -26.05
C5D NAP CA . -18.51 -34.72 -25.64
C4D NAP CA . -19.13 -33.34 -25.40
O4D NAP CA . -18.47 -32.72 -24.33
C3D NAP CA . -18.98 -32.40 -26.58
O3D NAP CA . -20.17 -31.65 -26.74
C2D NAP CA . -17.85 -31.48 -26.17
O2D NAP CA . -17.90 -30.25 -26.86
C1D NAP CA . -18.19 -31.39 -24.69
N1N NAP CA . -17.15 -30.85 -23.81
C2N NAP CA . -16.00 -31.56 -23.62
C3N NAP CA . -15.06 -31.05 -22.74
C7N NAP CA . -13.81 -31.80 -22.45
O7N NAP CA . -12.89 -31.12 -21.70
N7N NAP CA . -13.53 -33.00 -22.93
C4N NAP CA . -15.28 -29.89 -22.02
C5N NAP CA . -16.49 -29.23 -22.18
C6N NAP CA . -17.42 -29.72 -23.09
P2B NAP CA . -18.06 -40.65 -33.25
O1X NAP CA . -16.73 -40.80 -32.55
O2X NAP CA . -18.84 -41.94 -33.24
O3X NAP CA . -17.85 -39.95 -34.58
O17 P1F DA . -31.96 -8.59 -35.85
C6 P1F DA . -33.15 -7.90 -35.84
C1 P1F DA . -33.84 -7.61 -34.65
C2 P1F DA . -35.01 -6.86 -34.63
C16 P1F DA . -35.79 -6.61 -33.33
C17 P1F DA . -36.96 -7.59 -33.32
C18 P1F DA . -37.75 -7.65 -32.02
C19 P1F DA . -38.88 -8.66 -32.19
C20 P1F DA . -38.49 -10.00 -31.58
C21 P1F DA . -39.74 -10.83 -31.33
C3 P1F DA . -35.53 -6.40 -35.84
C4 P1F DA . -34.82 -6.63 -37.03
C5 P1F DA . -33.70 -7.45 -37.03
O7 P1F DA . -33.00 -7.63 -38.18
C8 P1F DA . -33.24 -8.78 -38.88
C9 P1F DA . -34.13 -9.74 -38.42
C10 P1F DA . -34.36 -10.90 -39.15
C11 P1F DA . -33.74 -11.05 -40.39
C12 P1F DA . -32.89 -10.07 -40.89
C13 P1F DA . -32.62 -8.94 -40.12
NAB P1F DA . -31.78 -8.01 -40.60
PA NAP EA . -32.39 -3.76 -43.11
O1A NAP EA . -32.44 -2.32 -43.42
O2A NAP EA . -33.27 -4.61 -43.91
O5B NAP EA . -30.88 -4.23 -43.36
C5B NAP EA . -30.60 -5.58 -43.60
C4B NAP EA . -29.43 -5.55 -44.55
O4B NAP EA . -28.79 -6.82 -44.61
C3B NAP EA . -29.97 -5.25 -45.93
O3B NAP EA . -29.25 -4.18 -46.51
C2B NAP EA . -29.73 -6.54 -46.69
O2B NAP EA . -29.48 -6.28 -48.05
C1B NAP EA . -28.48 -7.03 -45.97
N9A NAP EA . -28.25 -8.43 -46.28
C8A NAP EA . -28.97 -9.56 -45.96
N7A NAP EA . -28.32 -10.63 -46.50
C5A NAP EA . -27.18 -10.17 -47.11
C6A NAP EA . -26.17 -10.78 -47.83
N6A NAP EA . -26.13 -12.10 -48.02
N1A NAP EA . -25.14 -10.01 -48.33
C2A NAP EA . -25.13 -8.63 -48.17
N3A NAP EA . -26.14 -8.01 -47.46
C4A NAP EA . -27.14 -8.79 -46.97
O3 NAP EA . -32.70 -4.10 -41.58
PN NAP EA . -32.00 -3.57 -40.24
O1N NAP EA . -32.98 -3.65 -39.12
O2N NAP EA . -31.35 -2.27 -40.56
O5D NAP EA . -30.85 -4.69 -40.01
C5D NAP EA . -29.50 -4.30 -39.93
C4D NAP EA . -28.85 -5.00 -38.73
O4D NAP EA . -29.41 -4.56 -37.52
C3D NAP EA . -29.08 -6.51 -38.74
O3D NAP EA . -27.88 -7.18 -38.39
C2D NAP EA . -30.13 -6.75 -37.69
O2D NAP EA . -30.05 -8.07 -37.20
C1D NAP EA . -29.69 -5.69 -36.71
N1N NAP EA . -30.69 -5.34 -35.68
C2N NAP EA . -31.89 -4.82 -36.05
C3N NAP EA . -32.80 -4.41 -35.09
C7N NAP EA . -34.04 -3.69 -35.50
O7N NAP EA . -35.01 -3.48 -34.51
N7N NAP EA . -34.24 -3.23 -36.74
C4N NAP EA . -32.47 -4.52 -33.72
C5N NAP EA . -31.25 -5.07 -33.35
C6N NAP EA . -30.37 -5.47 -34.35
P2B NAP EA . -30.58 -6.46 -49.22
O1X NAP EA . -31.75 -5.55 -48.90
O2X NAP EA . -29.89 -6.02 -50.50
O3X NAP EA . -31.13 -7.88 -49.14
#